data_1VKK
# 
_entry.id   1VKK 
# 
_audit_conform.dict_name       mmcif_pdbx.dic 
_audit_conform.dict_version    5.379 
_audit_conform.dict_location   http://mmcif.pdb.org/dictionaries/ascii/mmcif_pdbx.dic 
# 
loop_
_database_2.database_id 
_database_2.database_code 
_database_2.pdbx_database_accession 
_database_2.pdbx_DOI 
PDB   1VKK         pdb_00001vkk 10.2210/pdb1vkk/pdb 
RCSB  RCSB001954   ?            ?                   
WWPDB D_1000001954 ?            ?                   
# 
_pdbx_database_related.db_name        TargetDB 
_pdbx_database_related.db_id          354641 
_pdbx_database_related.details        . 
_pdbx_database_related.content_type   unspecified 
# 
_pdbx_database_status.entry_id                        1VKK 
_pdbx_database_status.status_code                     REL 
_pdbx_database_status.deposit_site                    RCSB 
_pdbx_database_status.process_site                    RCSB 
_pdbx_database_status.recvd_initial_deposition_date   2004-05-27 
_pdbx_database_status.SG_entry                        Y 
_pdbx_database_status.status_code_sf                  REL 
_pdbx_database_status.pdb_format_compatible           Y 
_pdbx_database_status.status_code_mr                  ? 
_pdbx_database_status.status_code_cs                  ? 
_pdbx_database_status.status_code_nmr_data            ? 
_pdbx_database_status.methods_development_category    ? 
# 
_audit_author.name           'Joint Center for Structural Genomics (JCSG)' 
_audit_author.pdbx_ordinal   1 
# 
_citation.id                        primary 
_citation.title                     
'Crystal structure of Glia maturation factor-gamma (GMFG) from Mus musculus at 1.50 A resolution' 
_citation.journal_abbrev            'To be published' 
_citation.journal_volume            ? 
_citation.page_first                ? 
_citation.page_last                 ? 
_citation.year                      ? 
_citation.journal_id_ASTM           ? 
_citation.country                   ? 
_citation.journal_id_ISSN           ? 
_citation.journal_id_CSD            0353 
_citation.book_publisher            ? 
_citation.pdbx_database_id_PubMed   ? 
_citation.pdbx_database_id_DOI      ? 
# 
_citation_author.citation_id        primary 
_citation_author.name               'Joint Center for Structural Genomics (JCSG)' 
_citation_author.ordinal            1 
_citation_author.identifier_ORCID   ? 
# 
_cell.length_a           29.049 
_cell.length_b           34.605 
_cell.length_c           38.365 
_cell.angle_alpha        69.95 
_cell.angle_beta         87.51 
_cell.angle_gamma        70.46 
_cell.entry_id           1VKK 
_cell.pdbx_unique_axis   ? 
_cell.Z_PDB              1 
# 
_symmetry.space_group_name_H-M             'P 1' 
_symmetry.entry_id                         1VKK 
_symmetry.pdbx_full_space_group_name_H-M   ? 
_symmetry.Int_Tables_number                1 
_symmetry.cell_setting                     ? 
_symmetry.space_group_name_Hall            ? 
# 
loop_
_entity.id 
_entity.type 
_entity.src_method 
_entity.pdbx_description 
_entity.formula_weight 
_entity.pdbx_number_of_molecules 
_entity.pdbx_ec 
_entity.pdbx_mutation 
_entity.pdbx_fragment 
_entity.details 
1 polymer     man 'Glia maturation factor gamma' 18232.957 1   ? ? ? ? 
2 non-polymer syn 'PHOSPHATE ION'                94.971    1   ? ? ? ? 
3 water       nat water                          18.015    183 ? ? ? ? 
# 
_entity_name_com.entity_id   1 
_entity_name_com.name        GMF-gamma 
# 
_entity_poly.entity_id                      1 
_entity_poly.type                           'polypeptide(L)' 
_entity_poly.nstd_linkage                   no 
_entity_poly.nstd_monomer                   no 
_entity_poly.pdbx_seq_one_letter_code       
;MGSDKIHHHHHHMSDSLVVCEVDPELKETLRKFRFRKETNNAAIIMKVDKDRQMVVLEDELQNISPEELKLELPERQPRF
VVYSYKYVHDDGRVSYPLCFIFSSPVGCKPEQQMMYAGSKNRLVQTAELTKVFEIRTTDDLTETWLKEKLAFFR
;
_entity_poly.pdbx_seq_one_letter_code_can   
;MGSDKIHHHHHHMSDSLVVCEVDPELKETLRKFRFRKETNNAAIIMKVDKDRQMVVLEDELQNISPEELKLELPERQPRF
VVYSYKYVHDDGRVSYPLCFIFSSPVGCKPEQQMMYAGSKNRLVQTAELTKVFEIRTTDDLTETWLKEKLAFFR
;
_entity_poly.pdbx_strand_id                 A 
_entity_poly.pdbx_target_identifier         354641 
# 
loop_
_entity_poly_seq.entity_id 
_entity_poly_seq.num 
_entity_poly_seq.mon_id 
_entity_poly_seq.hetero 
1 1   MET n 
1 2   GLY n 
1 3   SER n 
1 4   ASP n 
1 5   LYS n 
1 6   ILE n 
1 7   HIS n 
1 8   HIS n 
1 9   HIS n 
1 10  HIS n 
1 11  HIS n 
1 12  HIS n 
1 13  MET n 
1 14  SER n 
1 15  ASP n 
1 16  SER n 
1 17  LEU n 
1 18  VAL n 
1 19  VAL n 
1 20  CYS n 
1 21  GLU n 
1 22  VAL n 
1 23  ASP n 
1 24  PRO n 
1 25  GLU n 
1 26  LEU n 
1 27  LYS n 
1 28  GLU n 
1 29  THR n 
1 30  LEU n 
1 31  ARG n 
1 32  LYS n 
1 33  PHE n 
1 34  ARG n 
1 35  PHE n 
1 36  ARG n 
1 37  LYS n 
1 38  GLU n 
1 39  THR n 
1 40  ASN n 
1 41  ASN n 
1 42  ALA n 
1 43  ALA n 
1 44  ILE n 
1 45  ILE n 
1 46  MET n 
1 47  LYS n 
1 48  VAL n 
1 49  ASP n 
1 50  LYS n 
1 51  ASP n 
1 52  ARG n 
1 53  GLN n 
1 54  MET n 
1 55  VAL n 
1 56  VAL n 
1 57  LEU n 
1 58  GLU n 
1 59  ASP n 
1 60  GLU n 
1 61  LEU n 
1 62  GLN n 
1 63  ASN n 
1 64  ILE n 
1 65  SER n 
1 66  PRO n 
1 67  GLU n 
1 68  GLU n 
1 69  LEU n 
1 70  LYS n 
1 71  LEU n 
1 72  GLU n 
1 73  LEU n 
1 74  PRO n 
1 75  GLU n 
1 76  ARG n 
1 77  GLN n 
1 78  PRO n 
1 79  ARG n 
1 80  PHE n 
1 81  VAL n 
1 82  VAL n 
1 83  TYR n 
1 84  SER n 
1 85  TYR n 
1 86  LYS n 
1 87  TYR n 
1 88  VAL n 
1 89  HIS n 
1 90  ASP n 
1 91  ASP n 
1 92  GLY n 
1 93  ARG n 
1 94  VAL n 
1 95  SER n 
1 96  TYR n 
1 97  PRO n 
1 98  LEU n 
1 99  CYS n 
1 100 PHE n 
1 101 ILE n 
1 102 PHE n 
1 103 SER n 
1 104 SER n 
1 105 PRO n 
1 106 VAL n 
1 107 GLY n 
1 108 CYS n 
1 109 LYS n 
1 110 PRO n 
1 111 GLU n 
1 112 GLN n 
1 113 GLN n 
1 114 MET n 
1 115 MET n 
1 116 TYR n 
1 117 ALA n 
1 118 GLY n 
1 119 SER n 
1 120 LYS n 
1 121 ASN n 
1 122 ARG n 
1 123 LEU n 
1 124 VAL n 
1 125 GLN n 
1 126 THR n 
1 127 ALA n 
1 128 GLU n 
1 129 LEU n 
1 130 THR n 
1 131 LYS n 
1 132 VAL n 
1 133 PHE n 
1 134 GLU n 
1 135 ILE n 
1 136 ARG n 
1 137 THR n 
1 138 THR n 
1 139 ASP n 
1 140 ASP n 
1 141 LEU n 
1 142 THR n 
1 143 GLU n 
1 144 THR n 
1 145 TRP n 
1 146 LEU n 
1 147 LYS n 
1 148 GLU n 
1 149 LYS n 
1 150 LEU n 
1 151 ALA n 
1 152 PHE n 
1 153 PHE n 
1 154 ARG n 
# 
_entity_src_gen.entity_id                          1 
_entity_src_gen.pdbx_src_id                        1 
_entity_src_gen.pdbx_alt_source_flag               sample 
_entity_src_gen.pdbx_seq_type                      ? 
_entity_src_gen.pdbx_beg_seq_num                   ? 
_entity_src_gen.pdbx_end_seq_num                   ? 
_entity_src_gen.gene_src_common_name               'house mouse' 
_entity_src_gen.gene_src_genus                     Mus 
_entity_src_gen.pdbx_gene_src_gene                 GMFG 
_entity_src_gen.gene_src_species                   ? 
_entity_src_gen.gene_src_strain                    ? 
_entity_src_gen.gene_src_tissue                    ? 
_entity_src_gen.gene_src_tissue_fraction           ? 
_entity_src_gen.gene_src_details                   ? 
_entity_src_gen.pdbx_gene_src_fragment             ? 
_entity_src_gen.pdbx_gene_src_scientific_name      'Mus musculus' 
_entity_src_gen.pdbx_gene_src_ncbi_taxonomy_id     10090 
_entity_src_gen.pdbx_gene_src_variant              ? 
_entity_src_gen.pdbx_gene_src_cell_line            ? 
_entity_src_gen.pdbx_gene_src_atcc                 ? 
_entity_src_gen.pdbx_gene_src_organ                ? 
_entity_src_gen.pdbx_gene_src_organelle            ? 
_entity_src_gen.pdbx_gene_src_cell                 ? 
_entity_src_gen.pdbx_gene_src_cellular_location    ? 
_entity_src_gen.host_org_common_name               ? 
_entity_src_gen.pdbx_host_org_scientific_name      'Escherichia coli' 
_entity_src_gen.pdbx_host_org_ncbi_taxonomy_id     562 
_entity_src_gen.host_org_genus                     Escherichia 
_entity_src_gen.pdbx_host_org_gene                 ? 
_entity_src_gen.pdbx_host_org_organ                ? 
_entity_src_gen.host_org_species                   ? 
_entity_src_gen.pdbx_host_org_tissue               ? 
_entity_src_gen.pdbx_host_org_tissue_fraction      ? 
_entity_src_gen.pdbx_host_org_strain               ? 
_entity_src_gen.pdbx_host_org_variant              ? 
_entity_src_gen.pdbx_host_org_cell_line            ? 
_entity_src_gen.pdbx_host_org_atcc                 ? 
_entity_src_gen.pdbx_host_org_culture_collection   ? 
_entity_src_gen.pdbx_host_org_cell                 ? 
_entity_src_gen.pdbx_host_org_organelle            ? 
_entity_src_gen.pdbx_host_org_cellular_location    ? 
_entity_src_gen.pdbx_host_org_vector_type          Plasmid 
_entity_src_gen.pdbx_host_org_vector               ? 
_entity_src_gen.host_org_details                   ? 
_entity_src_gen.expression_system_id               ? 
_entity_src_gen.plasmid_name                       ? 
_entity_src_gen.plasmid_details                    ? 
_entity_src_gen.pdbx_description                   ? 
# 
_struct_ref.id                         1 
_struct_ref.db_name                    UNP 
_struct_ref.db_code                    GMFG_MOUSE 
_struct_ref.pdbx_db_accession          Q9ERL7 
_struct_ref.entity_id                  1 
_struct_ref.pdbx_seq_one_letter_code   
;MSDSLVVCEVDPELKETLRKFRFRKETNNAAIIMKVDKDRQMVVLEDELQNISPEELKLELPERQPRFVVYSYKYVHDDG
RVSYPLCFIFSSPVGCKPEQQMMYAGSKNRLVQTAELTKVFEIRTTDDLTETWLKEKLAFFR
;
_struct_ref.pdbx_align_begin           1 
_struct_ref.pdbx_db_isoform            ? 
# 
_struct_ref_seq.align_id                      1 
_struct_ref_seq.ref_id                        1 
_struct_ref_seq.pdbx_PDB_id_code              1VKK 
_struct_ref_seq.pdbx_strand_id                A 
_struct_ref_seq.seq_align_beg                 13 
_struct_ref_seq.pdbx_seq_align_beg_ins_code   ? 
_struct_ref_seq.seq_align_end                 154 
_struct_ref_seq.pdbx_seq_align_end_ins_code   ? 
_struct_ref_seq.pdbx_db_accession             Q9ERL7 
_struct_ref_seq.db_align_beg                  1 
_struct_ref_seq.pdbx_db_align_beg_ins_code    ? 
_struct_ref_seq.db_align_end                  142 
_struct_ref_seq.pdbx_db_align_end_ins_code    ? 
_struct_ref_seq.pdbx_auth_seq_align_beg       1 
_struct_ref_seq.pdbx_auth_seq_align_end       142 
# 
loop_
_struct_ref_seq_dif.align_id 
_struct_ref_seq_dif.pdbx_pdb_id_code 
_struct_ref_seq_dif.mon_id 
_struct_ref_seq_dif.pdbx_pdb_strand_id 
_struct_ref_seq_dif.seq_num 
_struct_ref_seq_dif.pdbx_pdb_ins_code 
_struct_ref_seq_dif.pdbx_seq_db_name 
_struct_ref_seq_dif.pdbx_seq_db_accession_code 
_struct_ref_seq_dif.db_mon_id 
_struct_ref_seq_dif.pdbx_seq_db_seq_num 
_struct_ref_seq_dif.details 
_struct_ref_seq_dif.pdbx_auth_seq_num 
_struct_ref_seq_dif.pdbx_ordinal 
1 1VKK MET A 1  ? UNP Q9ERL7 ? ? 'expression tag' -11 1  
1 1VKK GLY A 2  ? UNP Q9ERL7 ? ? 'expression tag' -10 2  
1 1VKK SER A 3  ? UNP Q9ERL7 ? ? 'expression tag' -9  3  
1 1VKK ASP A 4  ? UNP Q9ERL7 ? ? 'expression tag' -8  4  
1 1VKK LYS A 5  ? UNP Q9ERL7 ? ? 'expression tag' -7  5  
1 1VKK ILE A 6  ? UNP Q9ERL7 ? ? 'expression tag' -6  6  
1 1VKK HIS A 7  ? UNP Q9ERL7 ? ? 'expression tag' -5  7  
1 1VKK HIS A 8  ? UNP Q9ERL7 ? ? 'expression tag' -4  8  
1 1VKK HIS A 9  ? UNP Q9ERL7 ? ? 'expression tag' -3  9  
1 1VKK HIS A 10 ? UNP Q9ERL7 ? ? 'expression tag' -2  10 
1 1VKK HIS A 11 ? UNP Q9ERL7 ? ? 'expression tag' -1  11 
1 1VKK HIS A 12 ? UNP Q9ERL7 ? ? 'expression tag' 0   12 
# 
loop_
_chem_comp.id 
_chem_comp.type 
_chem_comp.mon_nstd_flag 
_chem_comp.name 
_chem_comp.pdbx_synonyms 
_chem_comp.formula 
_chem_comp.formula_weight 
ALA 'L-peptide linking' y ALANINE         ? 'C3 H7 N O2'     89.093  
ARG 'L-peptide linking' y ARGININE        ? 'C6 H15 N4 O2 1' 175.209 
ASN 'L-peptide linking' y ASPARAGINE      ? 'C4 H8 N2 O3'    132.118 
ASP 'L-peptide linking' y 'ASPARTIC ACID' ? 'C4 H7 N O4'     133.103 
CYS 'L-peptide linking' y CYSTEINE        ? 'C3 H7 N O2 S'   121.158 
GLN 'L-peptide linking' y GLUTAMINE       ? 'C5 H10 N2 O3'   146.144 
GLU 'L-peptide linking' y 'GLUTAMIC ACID' ? 'C5 H9 N O4'     147.129 
GLY 'peptide linking'   y GLYCINE         ? 'C2 H5 N O2'     75.067  
HIS 'L-peptide linking' y HISTIDINE       ? 'C6 H10 N3 O2 1' 156.162 
HOH non-polymer         . WATER           ? 'H2 O'           18.015  
ILE 'L-peptide linking' y ISOLEUCINE      ? 'C6 H13 N O2'    131.173 
LEU 'L-peptide linking' y LEUCINE         ? 'C6 H13 N O2'    131.173 
LYS 'L-peptide linking' y LYSINE          ? 'C6 H15 N2 O2 1' 147.195 
MET 'L-peptide linking' y METHIONINE      ? 'C5 H11 N O2 S'  149.211 
PHE 'L-peptide linking' y PHENYLALANINE   ? 'C9 H11 N O2'    165.189 
PO4 non-polymer         . 'PHOSPHATE ION' ? 'O4 P -3'        94.971  
PRO 'L-peptide linking' y PROLINE         ? 'C5 H9 N O2'     115.130 
SER 'L-peptide linking' y SERINE          ? 'C3 H7 N O3'     105.093 
THR 'L-peptide linking' y THREONINE       ? 'C4 H9 N O3'     119.119 
TRP 'L-peptide linking' y TRYPTOPHAN      ? 'C11 H12 N2 O2'  204.225 
TYR 'L-peptide linking' y TYROSINE        ? 'C9 H11 N O3'    181.189 
VAL 'L-peptide linking' y VALINE          ? 'C5 H11 N O2'    117.146 
# 
_exptl.crystals_number   1 
_exptl.method            'X-RAY DIFFRACTION' 
_exptl.entry_id          1VKK 
# 
_exptl_crystal.id                    1 
_exptl_crystal.density_percent_sol   31.56 
_exptl_crystal.density_Matthews      1.81 
_exptl_crystal.density_meas          ? 
_exptl_crystal.description           ? 
_exptl_crystal.F_000                 ? 
_exptl_crystal.preparation           ? 
# 
_exptl_crystal_grow.crystal_id      1 
_exptl_crystal_grow.method          'VAPOR DIFFUSION,SITTING DROP,NANODROP' 
_exptl_crystal_grow.pH              8.5 
_exptl_crystal_grow.temp            277 
_exptl_crystal_grow.pdbx_details    
;30% PEG-4000, 0.1M Tris hydrochloride pH 8.5,0.2M lithium sulfate monohydrate, VAPOR DIFFUSION,SITTING DROP,NANODROP, temperature 277K
;
_exptl_crystal_grow.temp_details    ? 
_exptl_crystal_grow.pdbx_pH_range   . 
# 
_diffrn.id                     1 
_diffrn.ambient_temp           100 
_diffrn.ambient_temp_details   ? 
_diffrn.crystal_id             1 
# 
_diffrn_detector.diffrn_id              1 
_diffrn_detector.detector               CCD 
_diffrn_detector.type                   ADSC 
_diffrn_detector.details                ? 
_diffrn_detector.pdbx_collection_date   2003-10-08 
# 
_diffrn_radiation.diffrn_id                        1 
_diffrn_radiation.pdbx_monochromatic_or_laue_m_l   M 
_diffrn_radiation.monochromator                    'Single crystal, cylindrically bent, Si(220)' 
_diffrn_radiation.pdbx_diffrn_protocol             'SINGLE WAVELENGTH' 
_diffrn_radiation.wavelength_id                    1 
_diffrn_radiation.pdbx_scattering_type             x-ray 
# 
_diffrn_radiation_wavelength.id           1 
_diffrn_radiation_wavelength.wavelength   1.0000 
_diffrn_radiation_wavelength.wt           1.0 
# 
_diffrn_source.diffrn_id                   1 
_diffrn_source.source                      SYNCHROTRON 
_diffrn_source.pdbx_synchrotron_site       ALS 
_diffrn_source.pdbx_synchrotron_beamline   5.0.3 
_diffrn_source.type                        'ALS BEAMLINE 5.0.3' 
_diffrn_source.pdbx_wavelength             1.0000 
_diffrn_source.pdbx_wavelength_list        ? 
# 
_reflns.observed_criterion_sigma_F   ? 
_reflns.observed_criterion_sigma_I   ? 
_reflns.d_resolution_high            1.350 
_reflns.d_resolution_low             35.92 
_reflns.number_obs                   22189 
_reflns.percent_possible_obs         76.6 
_reflns.pdbx_Rmerge_I_obs            ? 
_reflns.pdbx_netI_over_sigmaI        16.4 
_reflns.B_iso_Wilson_estimate        22.11 
_reflns.pdbx_redundancy              2.6 
_reflns.pdbx_Rsym_value              0.044 
_reflns.entry_id                     1VKK 
_reflns.number_all                   ? 
_reflns.R_free_details               ? 
_reflns.limit_h_max                  ? 
_reflns.limit_h_min                  ? 
_reflns.limit_k_max                  ? 
_reflns.limit_k_min                  ? 
_reflns.limit_l_max                  ? 
_reflns.limit_l_min                  ? 
_reflns.observed_criterion_F_max     ? 
_reflns.observed_criterion_F_min     ? 
_reflns.pdbx_chi_squared             ? 
_reflns.pdbx_scaling_rejects         ? 
_reflns.pdbx_ordinal                 1 
_reflns.pdbx_diffrn_id               1 
# 
_reflns_shell.d_res_high             1.35 
_reflns_shell.d_res_low              1.39 
_reflns_shell.percent_possible_all   23.8 
_reflns_shell.pdbx_Rsym_value        0.38 
_reflns_shell.pdbx_redundancy        1.9 
_reflns_shell.number_unique_all      518 
_reflns_shell.meanI_over_sigI_obs    2.2 
_reflns_shell.Rmerge_I_obs           ? 
_reflns_shell.percent_possible_obs   ? 
_reflns_shell.number_measured_all    ? 
_reflns_shell.number_measured_obs    ? 
_reflns_shell.number_unique_obs      ? 
_reflns_shell.pdbx_chi_squared       ? 
_reflns_shell.pdbx_ordinal           1 
_reflns_shell.pdbx_diffrn_id         1 
# 
_refine.ls_d_res_high                            1.35 
_refine.ls_d_res_low                             35.92 
_refine.pdbx_ls_sigma_F                          ? 
_refine.pdbx_ls_sigma_I                          ? 
_refine.ls_number_reflns_obs                     21048 
_refine.ls_number_reflns_R_free                  1141 
_refine.ls_percent_reflns_R_free                 5.1 
_refine.ls_percent_reflns_obs                    76.55 
_refine.ls_R_factor_obs                          0.15996 
_refine.ls_R_factor_R_work                       0.1581 
_refine.ls_R_factor_R_free                       0.19411 
_refine.pdbx_R_Free_selection_details            RANDOM 
_refine.pdbx_stereochemistry_target_values       'MAXIMUM LIKELIHOOD' 
_refine.pdbx_method_to_determine_struct          'MOLECULAR REPLACEMENT' 
_refine.pdbx_starting_model                      1f7s 
_refine.pdbx_ls_cross_valid_method               THROUGHOUT 
_refine.B_iso_mean                               14.682 
_refine.aniso_B[1][1]                            0.60 
_refine.aniso_B[2][2]                            -0.24 
_refine.aniso_B[3][3]                            -0.54 
_refine.aniso_B[1][2]                            0.34 
_refine.aniso_B[1][3]                            -0.31 
_refine.aniso_B[2][3]                            -0.02 
_refine.details                                  
;1. HYDROGENS HAVE BEEN ADDED IN THE RIDING POSITIONS  2. ARG 142 SIDE CHAIN CONFORMATION IS SUSPICIOUS. ITS DENSITY IS POOR.  3. THE NOMINAL RESOLUTION IS 1.50 A WITH 2779 OBSERVED REFLECTIONS BETWEEN 1.50-1.35A (35% COMPLETE FOR THIS SHELL) INCLUDED IN THE REFINEMENT.  4. TEMPERATURE FACTORS WERE REFINED AS ISOTROPIC
;
_refine.pdbx_overall_ESU_R                       0.069 
_refine.pdbx_overall_ESU_R_Free                  0.074 
_refine.overall_SU_ML                            0.040 
_refine.overall_SU_B                             1.954 
_refine.correlation_coeff_Fo_to_Fc               0.972 
_refine.correlation_coeff_Fo_to_Fc_free          0.959 
_refine.solvent_model_details                    'BABINET MODEL WITH MASK' 
_refine.pdbx_solvent_vdw_probe_radii             1.20 
_refine.pdbx_solvent_ion_probe_radii             0.80 
_refine.pdbx_solvent_shrinkage_radii             0.80 
_refine.entry_id                                 1VKK 
_refine.ls_R_factor_all                          ? 
_refine.ls_number_reflns_all                     ? 
_refine.ls_redundancy_reflns_obs                 ? 
_refine.pdbx_data_cutoff_high_absF               ? 
_refine.pdbx_data_cutoff_low_absF                ? 
_refine.ls_number_parameters                     ? 
_refine.ls_number_restraints                     ? 
_refine.ls_R_factor_R_free_error                 ? 
_refine.ls_R_factor_R_free_error_details         ? 
_refine.pdbx_isotropic_thermal_model             ? 
_refine.pdbx_stereochem_target_val_spec_case     ? 
_refine.solvent_model_param_bsol                 ? 
_refine.solvent_model_param_ksol                 ? 
_refine.occupancy_max                            ? 
_refine.occupancy_min                            ? 
_refine.pdbx_data_cutoff_high_rms_absF           ? 
_refine.B_iso_min                                ? 
_refine.B_iso_max                                ? 
_refine.overall_SU_R_Cruickshank_DPI             ? 
_refine.overall_SU_R_free                        ? 
_refine.ls_wR_factor_R_free                      ? 
_refine.ls_wR_factor_R_work                      ? 
_refine.overall_FOM_free_R_set                   ? 
_refine.overall_FOM_work_R_set                   ? 
_refine.pdbx_refine_id                           'X-RAY DIFFRACTION' 
_refine.pdbx_TLS_residual_ADP_flag               'LIKELY RESIDUAL' 
_refine.pdbx_diffrn_id                           1 
_refine.pdbx_overall_phase_error                 ? 
_refine.pdbx_overall_SU_R_free_Cruickshank_DPI   ? 
_refine.pdbx_overall_SU_R_Blow_DPI               ? 
_refine.pdbx_overall_SU_R_free_Blow_DPI          ? 
# 
_refine_hist.pdbx_refine_id                   'X-RAY DIFFRACTION' 
_refine_hist.cycle_id                         LAST 
_refine_hist.pdbx_number_atoms_protein        1133 
_refine_hist.pdbx_number_atoms_nucleic_acid   0 
_refine_hist.pdbx_number_atoms_ligand         5 
_refine_hist.number_atoms_solvent             183 
_refine_hist.number_atoms_total               1321 
_refine_hist.d_res_high                       1.35 
_refine_hist.d_res_low                        35.92 
# 
loop_
_refine_ls_restr.type 
_refine_ls_restr.number 
_refine_ls_restr.dev_ideal 
_refine_ls_restr.dev_ideal_target 
_refine_ls_restr.weight 
_refine_ls_restr.pdbx_refine_id 
_refine_ls_restr.pdbx_restraint_function 
r_bond_refined_d         1183 0.016  0.022  ? 'X-RAY DIFFRACTION' ? 
r_bond_other_d           1087 0.001  0.020  ? 'X-RAY DIFFRACTION' ? 
r_angle_refined_deg      1599 1.564  1.972  ? 'X-RAY DIFFRACTION' ? 
r_angle_other_deg        2546 0.836  3.000  ? 'X-RAY DIFFRACTION' ? 
r_dihedral_angle_1_deg   139  5.978  5.000  ? 'X-RAY DIFFRACTION' ? 
r_dihedral_angle_2_deg   58   33.283 23.966 ? 'X-RAY DIFFRACTION' ? 
r_dihedral_angle_3_deg   230  12.456 15.000 ? 'X-RAY DIFFRACTION' ? 
r_dihedral_angle_4_deg   10   14.945 15.000 ? 'X-RAY DIFFRACTION' ? 
r_chiral_restr           177  0.095  0.200  ? 'X-RAY DIFFRACTION' ? 
r_gen_planes_refined     1275 0.007  0.020  ? 'X-RAY DIFFRACTION' ? 
r_gen_planes_other       238  0.001  0.020  ? 'X-RAY DIFFRACTION' ? 
r_nbd_refined            254  0.230  0.200  ? 'X-RAY DIFFRACTION' ? 
r_nbd_other              1156 0.192  0.200  ? 'X-RAY DIFFRACTION' ? 
r_nbtor_other            787  0.091  0.200  ? 'X-RAY DIFFRACTION' ? 
r_xyhbond_nbd_refined    145  0.170  0.200  ? 'X-RAY DIFFRACTION' ? 
r_symmetry_vdw_refined   8    0.132  0.200  ? 'X-RAY DIFFRACTION' ? 
r_symmetry_vdw_other     26   0.305  0.200  ? 'X-RAY DIFFRACTION' ? 
r_symmetry_hbond_refined 26   0.114  0.200  ? 'X-RAY DIFFRACTION' ? 
r_mcbond_it              722  1.995  3.000  ? 'X-RAY DIFFRACTION' ? 
r_mcbond_other           274  0.499  3.000  ? 'X-RAY DIFFRACTION' ? 
r_mcangle_it             1154 2.812  5.000  ? 'X-RAY DIFFRACTION' ? 
r_scbond_it              514  4.180  8.000  ? 'X-RAY DIFFRACTION' ? 
r_scangle_it             444  6.302  11.000 ? 'X-RAY DIFFRACTION' ? 
# 
_refine_ls_shell.pdbx_total_number_of_bins_used   20 
_refine_ls_shell.d_res_high                       1.350 
_refine_ls_shell.d_res_low                        1.385 
_refine_ls_shell.percent_reflns_obs               ? 
_refine_ls_shell.number_reflns_R_work             493 
_refine_ls_shell.R_factor_R_work                  0.27 
_refine_ls_shell.percent_reflns_R_free            4.83 
_refine_ls_shell.number_reflns_R_free             25 
_refine_ls_shell.R_factor_R_free                  0.371 
_refine_ls_shell.R_factor_R_free_error            ? 
_refine_ls_shell.redundancy_reflns_obs            ? 
_refine_ls_shell.number_reflns_all                ? 
_refine_ls_shell.number_reflns_obs                ? 
_refine_ls_shell.pdbx_refine_id                   'X-RAY DIFFRACTION' 
_refine_ls_shell.R_factor_all                     ? 
# 
_struct.entry_id                  1VKK 
_struct.title                     'Crystal structure of Glia maturation factor-gamma (GMFG) from Mus musculus at 1.50 A resolution' 
_struct.pdbx_model_details        ? 
_struct.pdbx_CASP_flag            ? 
_struct.pdbx_model_type_details   ? 
# 
_struct_keywords.text            
;15079298, GMFG, GLIA MATURATION FACTOR-GAMMA, STRUCTURAL GENOMICS, JCSG, PROTEIN STRUCTURE INITIATIVE, PSI, Joint Center for Structural Genomics, HORMONE-GROWTH FACTOR COMPLEX
;
_struct_keywords.pdbx_keywords   'HORMONE/GROWTH FACTOR' 
_struct_keywords.entry_id        1VKK 
# 
loop_
_struct_asym.id 
_struct_asym.pdbx_blank_PDB_chainid_flag 
_struct_asym.pdbx_modified 
_struct_asym.entity_id 
_struct_asym.details 
A N N 1 ? 
B N N 2 ? 
C N N 3 ? 
# 
_struct_biol.id   1 
# 
loop_
_struct_conf.conf_type_id 
_struct_conf.id 
_struct_conf.pdbx_PDB_helix_id 
_struct_conf.beg_label_comp_id 
_struct_conf.beg_label_asym_id 
_struct_conf.beg_label_seq_id 
_struct_conf.pdbx_beg_PDB_ins_code 
_struct_conf.end_label_comp_id 
_struct_conf.end_label_asym_id 
_struct_conf.end_label_seq_id 
_struct_conf.pdbx_end_PDB_ins_code 
_struct_conf.beg_auth_comp_id 
_struct_conf.beg_auth_asym_id 
_struct_conf.beg_auth_seq_id 
_struct_conf.end_auth_comp_id 
_struct_conf.end_auth_asym_id 
_struct_conf.end_auth_seq_id 
_struct_conf.pdbx_PDB_helix_class 
_struct_conf.details 
_struct_conf.pdbx_PDB_helix_length 
HELX_P HELX_P1 1 ASP A 23  ? PHE A 35  ? ASP A 11  PHE A 23  1 ? 13 
HELX_P HELX_P2 2 SER A 65  ? LEU A 73  ? SER A 53  LEU A 61  1 ? 9  
HELX_P HELX_P3 3 LYS A 109 ? ALA A 127 ? LYS A 97  ALA A 115 1 ? 19 
HELX_P HELX_P4 4 THR A 137 ? LEU A 141 ? THR A 125 LEU A 129 5 ? 5  
HELX_P HELX_P5 5 THR A 142 ? PHE A 152 ? THR A 130 PHE A 140 1 ? 11 
# 
_struct_conf_type.id          HELX_P 
_struct_conf_type.criteria    ? 
_struct_conf_type.reference   ? 
# 
loop_
_struct_sheet.id 
_struct_sheet.type 
_struct_sheet.number_strands 
_struct_sheet.details 
A ? 6 ? 
B ? 2 ? 
# 
loop_
_struct_sheet_order.sheet_id 
_struct_sheet_order.range_id_1 
_struct_sheet_order.range_id_2 
_struct_sheet_order.offset 
_struct_sheet_order.sense 
A 1 2 ? parallel      
A 2 3 ? anti-parallel 
A 3 4 ? anti-parallel 
A 4 5 ? anti-parallel 
A 5 6 ? parallel      
B 1 2 ? anti-parallel 
# 
loop_
_struct_sheet_range.sheet_id 
_struct_sheet_range.id 
_struct_sheet_range.beg_label_comp_id 
_struct_sheet_range.beg_label_asym_id 
_struct_sheet_range.beg_label_seq_id 
_struct_sheet_range.pdbx_beg_PDB_ins_code 
_struct_sheet_range.end_label_comp_id 
_struct_sheet_range.end_label_asym_id 
_struct_sheet_range.end_label_seq_id 
_struct_sheet_range.pdbx_end_PDB_ins_code 
_struct_sheet_range.beg_auth_comp_id 
_struct_sheet_range.beg_auth_asym_id 
_struct_sheet_range.beg_auth_seq_id 
_struct_sheet_range.end_auth_comp_id 
_struct_sheet_range.end_auth_asym_id 
_struct_sheet_range.end_auth_seq_id 
A 1 GLU A 21  ? VAL A 22  ? GLU A 9   VAL A 10  
A 2 MET A 54  ? GLN A 62  ? MET A 42  GLN A 50  
A 3 ALA A 42  ? ASP A 49  ? ALA A 30  ASP A 37  
A 4 ARG A 79  ? SER A 84  ? ARG A 67  SER A 72  
A 5 LEU A 98  ? SER A 103 ? LEU A 86  SER A 91  
A 6 VAL A 132 ? ILE A 135 ? VAL A 120 ILE A 123 
B 1 TYR A 87  ? VAL A 88  ? TYR A 75  VAL A 76  
B 2 VAL A 94  ? SER A 95  ? VAL A 82  SER A 83  
# 
loop_
_pdbx_struct_sheet_hbond.sheet_id 
_pdbx_struct_sheet_hbond.range_id_1 
_pdbx_struct_sheet_hbond.range_id_2 
_pdbx_struct_sheet_hbond.range_1_label_atom_id 
_pdbx_struct_sheet_hbond.range_1_label_comp_id 
_pdbx_struct_sheet_hbond.range_1_label_asym_id 
_pdbx_struct_sheet_hbond.range_1_label_seq_id 
_pdbx_struct_sheet_hbond.range_1_PDB_ins_code 
_pdbx_struct_sheet_hbond.range_1_auth_atom_id 
_pdbx_struct_sheet_hbond.range_1_auth_comp_id 
_pdbx_struct_sheet_hbond.range_1_auth_asym_id 
_pdbx_struct_sheet_hbond.range_1_auth_seq_id 
_pdbx_struct_sheet_hbond.range_2_label_atom_id 
_pdbx_struct_sheet_hbond.range_2_label_comp_id 
_pdbx_struct_sheet_hbond.range_2_label_asym_id 
_pdbx_struct_sheet_hbond.range_2_label_seq_id 
_pdbx_struct_sheet_hbond.range_2_PDB_ins_code 
_pdbx_struct_sheet_hbond.range_2_auth_atom_id 
_pdbx_struct_sheet_hbond.range_2_auth_comp_id 
_pdbx_struct_sheet_hbond.range_2_auth_asym_id 
_pdbx_struct_sheet_hbond.range_2_auth_seq_id 
A 1 2 N GLU A 21  ? N GLU A 9  O VAL A 55  ? O VAL A 43  
A 2 3 O MET A 54  ? O MET A 42 N ASP A 49  ? N ASP A 37  
A 3 4 N ALA A 42  ? N ALA A 30 O SER A 84  ? O SER A 72  
A 4 5 N TYR A 83  ? N TYR A 71 O CYS A 99  ? O CYS A 87  
A 5 6 N PHE A 100 ? N PHE A 88 O PHE A 133 ? O PHE A 121 
B 1 2 N TYR A 87  ? N TYR A 75 O SER A 95  ? O SER A 83  
# 
_struct_site.id                   AC1 
_struct_site.pdbx_evidence_code   Software 
_struct_site.pdbx_auth_asym_id    A 
_struct_site.pdbx_auth_comp_id    PO4 
_struct_site.pdbx_auth_seq_id     143 
_struct_site.pdbx_auth_ins_code   ? 
_struct_site.pdbx_num_residues    7 
_struct_site.details              'BINDING SITE FOR RESIDUE PO4 A 143' 
# 
loop_
_struct_site_gen.id 
_struct_site_gen.site_id 
_struct_site_gen.pdbx_num_res 
_struct_site_gen.label_comp_id 
_struct_site_gen.label_asym_id 
_struct_site_gen.label_seq_id 
_struct_site_gen.pdbx_auth_ins_code 
_struct_site_gen.auth_comp_id 
_struct_site_gen.auth_asym_id 
_struct_site_gen.auth_seq_id 
_struct_site_gen.label_atom_id 
_struct_site_gen.label_alt_id 
_struct_site_gen.symmetry 
_struct_site_gen.details 
1 AC1 7 ARG A 34  ? ARG A 22  . ? 1_555 ? 
2 AC1 7 GLU A 128 ? GLU A 116 . ? 1_555 ? 
3 AC1 7 LEU A 129 ? LEU A 117 . ? 1_555 ? 
4 AC1 7 THR A 130 ? THR A 118 . ? 1_555 ? 
5 AC1 7 HOH C .   ? HOH A 165 . ? 1_555 ? 
6 AC1 7 HOH C .   ? HOH A 194 . ? 1_555 ? 
7 AC1 7 HOH C .   ? HOH A 296 . ? 1_555 ? 
# 
_atom_sites.entry_id                    1VKK 
_atom_sites.fract_transf_matrix[1][1]   -0.00151966 
_atom_sites.fract_transf_matrix[1][2]   -0.03603132 
_atom_sites.fract_transf_matrix[1][3]   -0.00651620 
_atom_sites.fract_transf_matrix[2][1]   -0.00235323 
_atom_sites.fract_transf_matrix[2][2]   0.00561627 
_atom_sites.fract_transf_matrix[2][3]   0.03214566 
_atom_sites.fract_transf_matrix[3][1]   -0.02515580 
_atom_sites.fract_transf_matrix[3][2]   0.00093250 
_atom_sites.fract_transf_matrix[3][3]   -0.01188338 
_atom_sites.fract_transf_vector[1]      -0.020412 
_atom_sites.fract_transf_vector[2]      0.062998 
_atom_sites.fract_transf_vector[3]      -0.051094 
# 
loop_
_atom_type.symbol 
C 
N 
O 
P 
S 
# 
loop_
_atom_site.group_PDB 
_atom_site.id 
_atom_site.type_symbol 
_atom_site.label_atom_id 
_atom_site.label_alt_id 
_atom_site.label_comp_id 
_atom_site.label_asym_id 
_atom_site.label_entity_id 
_atom_site.label_seq_id 
_atom_site.pdbx_PDB_ins_code 
_atom_site.Cartn_x 
_atom_site.Cartn_y 
_atom_site.Cartn_z 
_atom_site.occupancy 
_atom_site.B_iso_or_equiv 
_atom_site.pdbx_formal_charge 
_atom_site.auth_seq_id 
_atom_site.auth_comp_id 
_atom_site.auth_asym_id 
_atom_site.auth_atom_id 
_atom_site.pdbx_PDB_model_num 
ATOM   1    N N   . VAL A 1 18  ? -7.593  -15.466 -12.624 1.00 33.32 ? 6   VAL A N   1 
ATOM   2    C CA  . VAL A 1 18  ? -6.299  -15.021 -13.221 1.00 32.72 ? 6   VAL A CA  1 
ATOM   3    C C   . VAL A 1 18  ? -5.551  -14.168 -12.213 1.00 31.12 ? 6   VAL A C   1 
ATOM   4    O O   . VAL A 1 18  ? -6.102  -13.214 -11.663 1.00 34.97 ? 6   VAL A O   1 
ATOM   5    C CB  . VAL A 1 18  ? -6.513  -14.200 -14.507 1.00 33.95 ? 6   VAL A CB  1 
ATOM   6    N N   . VAL A 1 19  ? -4.303  -14.528 -11.957 1.00 26.17 ? 7   VAL A N   1 
ATOM   7    C CA  . VAL A 1 19  ? -3.476  -13.833 -10.986 1.00 24.79 ? 7   VAL A CA  1 
ATOM   8    C C   . VAL A 1 19  ? -2.550  -12.975 -11.813 1.00 22.09 ? 7   VAL A C   1 
ATOM   9    O O   . VAL A 1 19  ? -1.972  -13.441 -12.785 1.00 23.19 ? 7   VAL A O   1 
ATOM   10   C CB  . VAL A 1 19  ? -2.677  -14.834 -10.116 1.00 24.60 ? 7   VAL A CB  1 
ATOM   11   C CG1 . VAL A 1 19  ? -1.818  -14.116 -9.109  1.00 29.35 ? 7   VAL A CG1 1 
ATOM   12   C CG2 . VAL A 1 19  ? -3.636  -15.782 -9.392  1.00 25.89 ? 7   VAL A CG2 1 
ATOM   13   N N   . CYS A 1 20  ? -2.426  -11.706 -11.446 1.00 18.68 ? 8   CYS A N   1 
ATOM   14   C CA  . CYS A 1 20  ? -1.514  -10.839 -12.167 1.00 18.20 ? 8   CYS A CA  1 
ATOM   15   C C   . CYS A 1 20  ? -0.114  -11.040 -11.656 1.00 17.96 ? 8   CYS A C   1 
ATOM   16   O O   . CYS A 1 20  ? 0.102   -11.164 -10.452 1.00 24.31 ? 8   CYS A O   1 
ATOM   17   C CB  . CYS A 1 20  ? -1.865  -9.397  -11.947 1.00 18.36 ? 8   CYS A CB  1 
ATOM   18   S SG  . CYS A 1 20  ? -3.404  -8.902  -12.670 1.00 26.32 ? 8   CYS A SG  1 
ATOM   19   N N   . GLU A 1 21  ? 0.833   -11.008 -12.573 1.00 16.31 ? 9   GLU A N   1 
ATOM   20   C CA  . GLU A 1 21  ? 2.220   -10.926 -12.222 1.00 18.63 ? 9   GLU A CA  1 
ATOM   21   C C   . GLU A 1 21  ? 2.523   -9.523  -11.739 1.00 17.10 ? 9   GLU A C   1 
ATOM   22   O O   . GLU A 1 21  ? 1.832   -8.599  -12.108 1.00 14.32 ? 9   GLU A O   1 
ATOM   23   C CB  . GLU A 1 21  ? 3.067   -11.140 -13.452 1.00 19.16 ? 9   GLU A CB  1 
ATOM   24   C CG  . GLU A 1 21  ? 3.210   -12.580 -13.885 1.00 23.41 ? 9   GLU A CG  1 
ATOM   25   C CD  . GLU A 1 21  ? 4.655   -12.925 -14.038 1.00 32.54 ? 9   GLU A CD  1 
ATOM   26   O OE1 . GLU A 1 21  ? 5.418   -12.084 -14.567 1.00 43.02 ? 9   GLU A OE1 1 
ATOM   27   O OE2 . GLU A 1 21  ? 5.026   -14.008 -13.612 1.00 23.30 ? 9   GLU A OE2 1 
ATOM   28   N N   . VAL A 1 22  ? 3.595   -9.376  -10.981 1.00 15.10 ? 10  VAL A N   1 
ATOM   29   C CA  . VAL A 1 22  ? 4.126   -8.077  -10.619 1.00 13.37 ? 10  VAL A CA  1 
ATOM   30   C C   . VAL A 1 22  ? 5.056   -7.655  -11.732 1.00 13.88 ? 10  VAL A C   1 
ATOM   31   O O   . VAL A 1 22  ? 5.999   -8.398  -12.055 1.00 13.01 ? 10  VAL A O   1 
ATOM   32   C CB  . VAL A 1 22  ? 4.864   -8.142  -9.291  1.00 14.76 ? 10  VAL A CB  1 
ATOM   33   C CG1 . VAL A 1 22  ? 5.365   -6.783  -8.852  1.00 17.31 ? 10  VAL A CG1 1 
ATOM   34   C CG2 . VAL A 1 22  ? 3.923   -8.752  -8.232  1.00 17.58 ? 10  VAL A CG2 1 
ATOM   35   N N   . ASP A 1 23  ? 4.806   -6.495  -12.319 1.00 10.97 ? 11  ASP A N   1 
ATOM   36   C CA  . ASP A 1 23  ? 5.650   -5.964  -13.374 1.00 10.14 ? 11  ASP A CA  1 
ATOM   37   C C   . ASP A 1 23  ? 7.108   -6.004  -12.860 1.00 11.02 ? 11  ASP A C   1 
ATOM   38   O O   . ASP A 1 23  ? 7.361   -5.546  -11.754 1.00 11.80 ? 11  ASP A O   1 
ATOM   39   C CB  . ASP A 1 23  ? 5.217   -4.561  -13.676 1.00 12.10 ? 11  ASP A CB  1 
ATOM   40   C CG  A ASP A 1 23  ? 6.020   -3.921  -14.752 0.50 14.55 ? 11  ASP A CG  1 
ATOM   41   C CG  B ASP A 1 23  ? 6.136   -3.832  -14.607 0.50 15.32 ? 11  ASP A CG  1 
ATOM   42   O OD1 A ASP A 1 23  ? 7.130   -3.439  -14.470 0.50 32.68 ? 11  ASP A OD1 1 
ATOM   43   O OD1 B ASP A 1 23  ? 7.071   -4.418  -15.210 0.50 9.44  ? 11  ASP A OD1 1 
ATOM   44   O OD2 A ASP A 1 23  ? 5.607   -3.836  -15.910 0.50 17.59 ? 11  ASP A OD2 1 
ATOM   45   O OD2 B ASP A 1 23  ? 6.019   -2.601  -14.720 0.50 14.84 ? 11  ASP A OD2 1 
ATOM   46   N N   . PRO A 1 24  ? 8.071   -6.519  -13.607 1.00 12.73 ? 12  PRO A N   1 
ATOM   47   C CA  . PRO A 1 24  ? 9.452   -6.400  -13.207 1.00 12.06 ? 12  PRO A CA  1 
ATOM   48   C C   . PRO A 1 24  ? 9.895   -5.013  -12.834 1.00 12.33 ? 12  PRO A C   1 
ATOM   49   O O   . PRO A 1 24  ? 10.747  -4.889  -11.933 1.00 11.69 ? 12  PRO A O   1 
ATOM   50   C CB  . PRO A 1 24  ? 10.213  -6.834  -14.446 1.00 14.62 ? 12  PRO A CB  1 
ATOM   51   C CG  . PRO A 1 24  ? 9.297   -7.778  -15.098 1.00 14.47 ? 12  PRO A CG  1 
ATOM   52   C CD  . PRO A 1 24  ? 7.935   -7.320  -14.840 1.00 12.94 ? 12  PRO A CD  1 
ATOM   53   N N   . GLU A 1 25  ? 9.434   -3.982  -13.542 1.00 11.24 ? 13  GLU A N   1 
ATOM   54   C CA  . GLU A 1 25  ? 9.824   -2.619  -13.177 1.00 12.37 ? 13  GLU A CA  1 
ATOM   55   C C   . GLU A 1 25  ? 9.297   -2.293  -11.806 1.00 11.62 ? 13  GLU A C   1 
ATOM   56   O O   . GLU A 1 25  ? 9.978   -1.630  -11.034 1.00 11.47 ? 13  GLU A O   1 
ATOM   57   C CB  . GLU A 1 25  ? 9.367   -1.577  -14.184 1.00 13.86 ? 13  GLU A CB  1 
ATOM   58   C CG  . GLU A 1 25  ? 9.999   -1.771  -15.526 1.00 14.53 ? 13  GLU A CG  1 
ATOM   59   C CD  . GLU A 1 25  ? 9.556   -0.711  -16.474 1.00 19.76 ? 13  GLU A CD  1 
ATOM   60   O OE1 . GLU A 1 25  ? 10.033  0.413   -16.339 1.00 15.28 ? 13  GLU A OE1 1 
ATOM   61   O OE2 . GLU A 1 25  ? 8.714   -1.012  -17.331 1.00 23.74 ? 13  GLU A OE2 1 
ATOM   62   N N   . LEU A 1 26  ? 8.075   -2.738  -11.503 1.00 11.59 ? 14  LEU A N   1 
ATOM   63   C CA  . LEU A 1 26  ? 7.519   -2.533  -10.179 1.00 10.49 ? 14  LEU A CA  1 
ATOM   64   C C   . LEU A 1 26  ? 8.286   -3.264  -9.109  1.00 11.36 ? 14  LEU A C   1 
ATOM   65   O O   . LEU A 1 26  ? 8.502   -2.723  -8.017  1.00 11.25 ? 14  LEU A O   1 
ATOM   66   C CB  . LEU A 1 26  ? 6.049   -2.926  -10.150 1.00 11.56 ? 14  LEU A CB  1 
ATOM   67   C CG  . LEU A 1 26  ? 5.331   -2.747  -8.816  1.00 10.51 ? 14  LEU A CG  1 
ATOM   68   C CD1 . LEU A 1 26  ? 5.469   -1.335  -8.263  1.00 11.80 ? 14  LEU A CD1 1 
ATOM   69   C CD2 . LEU A 1 26  ? 3.899   -3.091  -8.980  1.00 11.52 ? 14  LEU A CD2 1 
ATOM   70   N N   . LYS A 1 27  ? 8.708   -4.481  -9.382  1.00 12.27 ? 15  LYS A N   1 
ATOM   71   C CA  . LYS A 1 27  ? 9.482   -5.212  -8.409  1.00 14.25 ? 15  LYS A CA  1 
ATOM   72   C C   . LYS A 1 27  ? 10.738  -4.409  -8.067  1.00 12.37 ? 15  LYS A C   1 
ATOM   73   O O   . LYS A 1 27  ? 11.128  -4.306  -6.908  1.00 11.44 ? 15  LYS A O   1 
ATOM   74   C CB  . LYS A 1 27  ? 9.866   -6.557  -8.983  1.00 14.66 ? 15  LYS A CB  1 
ATOM   75   C CG  . LYS A 1 27  ? 8.744   -7.512  -9.187  1.00 21.18 ? 15  LYS A CG  1 
ATOM   76   C CD  . LYS A 1 27  ? 9.280   -8.868  -9.620  1.00 24.83 ? 15  LYS A CD  1 
ATOM   77   C CE  . LYS A 1 27  ? 8.269   -9.671  -10.452 1.00 23.62 ? 15  LYS A CE  1 
ATOM   78   N NZ  . LYS A 1 27  ? 8.812   -11.058 -10.675 1.00 38.23 ? 15  LYS A NZ  1 
ATOM   79   N N   . GLU A 1 28  ? 11.355  -3.778  -9.054  1.00 10.71 ? 16  GLU A N   1 
ATOM   80   C CA  . GLU A 1 28  ? 12.536  -2.968  -8.801  1.00 12.71 ? 16  GLU A CA  1 
ATOM   81   C C   . GLU A 1 28  ? 12.207  -1.747  -8.000  1.00 10.43 ? 16  GLU A C   1 
ATOM   82   O O   . GLU A 1 28  ? 12.950  -1.373  -7.113  1.00 11.68 ? 16  GLU A O   1 
ATOM   83   C CB  . GLU A 1 28  ? 13.185  -2.533  -10.116 1.00 17.05 ? 16  GLU A CB  1 
ATOM   84   C CG  . GLU A 1 28  ? 14.459  -3.228  -10.480 1.00 23.42 ? 16  GLU A CG  1 
ATOM   85   C CD  . GLU A 1 28  ? 15.462  -3.304  -9.334  1.00 17.29 ? 16  GLU A CD  1 
ATOM   86   O OE1 . GLU A 1 28  ? 16.319  -2.403  -9.124  1.00 20.18 ? 16  GLU A OE1 1 
ATOM   87   O OE2 . GLU A 1 28  ? 15.363  -4.329  -8.679  1.00 15.30 ? 16  GLU A OE2 1 
ATOM   88   N N   . THR A 1 29  ? 11.114  -1.079  -8.360  1.00 9.83  ? 17  THR A N   1 
ATOM   89   C CA  . THR A 1 29  ? 10.685  0.102   -7.632  1.00 11.02 ? 17  THR A CA  1 
ATOM   90   C C   . THR A 1 29  ? 10.493  -0.240  -6.186  1.00 8.93  ? 17  THR A C   1 
ATOM   91   O O   . THR A 1 29  ? 10.911  0.495   -5.312  1.00 11.59 ? 17  THR A O   1 
ATOM   92   C CB  . THR A 1 29  ? 9.372   0.623   -8.223  1.00 12.63 ? 17  THR A CB  1 
ATOM   93   O OG1 . THR A 1 29  ? 9.651   1.047   -9.569  1.00 13.80 ? 17  THR A OG1 1 
ATOM   94   C CG2 . THR A 1 29  ? 8.849   1.819   -7.499  1.00 15.59 ? 17  THR A CG2 1 
ATOM   95   N N   . LEU A 1 30  ? 9.839   -1.362  -5.933  1.00 9.52  ? 18  LEU A N   1 
ATOM   96   C CA  . LEU A 1 30  ? 9.524   -1.785  -4.589  1.00 9.15  ? 18  LEU A CA  1 
ATOM   97   C C   . LEU A 1 30  ? 10.794  -2.151  -3.830  1.00 10.55 ? 18  LEU A C   1 
ATOM   98   O O   . LEU A 1 30  ? 10.910  -1.894  -2.631  1.00 12.13 ? 18  LEU A O   1 
ATOM   99   C CB  . LEU A 1 30  ? 8.581   -2.987  -4.612  1.00 10.84 ? 18  LEU A CB  1 
ATOM   100  C CG  . LEU A 1 30  ? 7.159   -2.659  -4.976  1.00 12.83 ? 18  LEU A CG  1 
ATOM   101  C CD1 . LEU A 1 30  ? 6.426   -3.980  -5.284  1.00 15.15 ? 18  LEU A CD1 1 
ATOM   102  C CD2 . LEU A 1 30  ? 6.481   -1.821  -3.881  1.00 13.47 ? 18  LEU A CD2 1 
ATOM   103  N N   . ARG A 1 31  ? 11.720  -2.813  -4.484  1.00 11.03 ? 19  ARG A N   1 
ATOM   104  C CA  . ARG A 1 31  ? 12.976  -3.181  -3.855  1.00 10.99 ? 19  ARG A CA  1 
ATOM   105  C C   . ARG A 1 31  ? 13.743  -1.942  -3.432  1.00 9.50  ? 19  ARG A C   1 
ATOM   106  O O   . ARG A 1 31  ? 14.252  -1.877  -2.306  1.00 11.89 ? 19  ARG A O   1 
ATOM   107  C CB  . ARG A 1 31  ? 13.839  -4.012  -4.802  1.00 11.93 ? 19  ARG A CB  1 
ATOM   108  C CG  . ARG A 1 31  ? 15.117  -4.557  -4.168  1.00 11.59 ? 19  ARG A CG  1 
ATOM   109  C CD  . ARG A 1 31  ? 16.097  -5.139  -5.164  1.00 11.31 ? 19  ARG A CD  1 
ATOM   110  N NE  . ARG A 1 31  ? 16.612  -4.156  -6.114  1.00 10.57 ? 19  ARG A NE  1 
ATOM   111  C CZ  . ARG A 1 31  ? 17.503  -3.235  -5.827  1.00 14.41 ? 19  ARG A CZ  1 
ATOM   112  N NH1 . ARG A 1 31  ? 18.100  -3.234  -4.657  1.00 13.66 ? 19  ARG A NH1 1 
ATOM   113  N NH2 . ARG A 1 31  ? 17.885  -2.368  -6.760  1.00 15.22 ? 19  ARG A NH2 1 
ATOM   114  N N   . LYS A 1 32  ? 13.891  -0.977  -4.336  1.00 9.63  ? 20  LYS A N   1 
ATOM   115  C CA  . LYS A 1 32  ? 14.594  0.252   -3.990  1.00 10.11 ? 20  LYS A CA  1 
ATOM   116  C C   . LYS A 1 32  ? 13.887  0.969   -2.859  1.00 11.99 ? 20  LYS A C   1 
ATOM   117  O O   . LYS A 1 32  ? 14.532  1.490   -1.930  1.00 13.15 ? 20  LYS A O   1 
ATOM   118  C CB  . LYS A 1 32  ? 14.739  1.167   -5.200  1.00 10.50 ? 20  LYS A CB  1 
ATOM   119  C CG  . LYS A 1 32  ? 15.597  0.612   -6.268  1.00 10.30 ? 20  LYS A CG  1 
ATOM   120  C CD  . LYS A 1 32  ? 15.603  1.494   -7.500  1.00 15.15 ? 20  LYS A CD  1 
ATOM   121  C CE  . LYS A 1 32  ? 16.582  0.981   -8.518  1.00 18.47 ? 20  LYS A CE  1 
ATOM   122  N NZ  . LYS A 1 32  ? 16.117  1.252   -9.862  1.00 19.17 ? 20  LYS A NZ  1 
ATOM   123  N N   . PHE A 1 33  ? 12.572  1.002   -2.930  1.00 12.62 ? 21  PHE A N   1 
ATOM   124  C CA  . PHE A 1 33  ? 11.789  1.663   -1.910  1.00 13.19 ? 21  PHE A CA  1 
ATOM   125  C C   . PHE A 1 33  ? 11.949  1.055   -0.547  1.00 12.47 ? 21  PHE A C   1 
ATOM   126  O O   . PHE A 1 33  ? 12.116  1.782   0.441   1.00 14.58 ? 21  PHE A O   1 
ATOM   127  C CB  . PHE A 1 33  ? 10.341  1.588   -2.332  1.00 13.37 ? 21  PHE A CB  1 
ATOM   128  C CG  . PHE A 1 33  ? 9.421   2.448   -1.516  1.00 13.34 ? 21  PHE A CG  1 
ATOM   129  C CD1 . PHE A 1 33  ? 9.339   3.811   -1.749  1.00 14.11 ? 21  PHE A CD1 1 
ATOM   130  C CD2 . PHE A 1 33  ? 8.646   1.879   -0.541  1.00 11.75 ? 21  PHE A CD2 1 
ATOM   131  C CE1 . PHE A 1 33  ? 8.450   4.588   -1.055  1.00 14.23 ? 21  PHE A CE1 1 
ATOM   132  C CE2 . PHE A 1 33  ? 7.758   2.676   0.198   1.00 15.27 ? 21  PHE A CE2 1 
ATOM   133  C CZ  . PHE A 1 33  ? 7.696   4.046   -0.064  1.00 14.59 ? 21  PHE A CZ  1 
ATOM   134  N N   . ARG A 1 34  ? 11.923  -0.262  -0.463  1.00 13.89 ? 22  ARG A N   1 
ATOM   135  C CA  . ARG A 1 34  ? 12.087  -0.913  0.802   1.00 14.43 ? 22  ARG A CA  1 
ATOM   136  C C   . ARG A 1 34  ? 13.357  -0.452  1.500   1.00 16.46 ? 22  ARG A C   1 
ATOM   137  O O   . ARG A 1 34  ? 13.380  -0.271  2.716   1.00 16.57 ? 22  ARG A O   1 
ATOM   138  C CB  . ARG A 1 34  ? 12.116  -2.410  0.587   1.00 16.69 ? 22  ARG A CB  1 
ATOM   139  C CG  . ARG A 1 34  ? 12.659  -3.186  1.761   1.00 21.78 ? 22  ARG A CG  1 
ATOM   140  C CD  . ARG A 1 34  ? 12.603  -4.648  1.550   1.00 23.48 ? 22  ARG A CD  1 
ATOM   141  N NE  . ARG A 1 34  ? 11.236  -5.111  1.720   1.00 30.52 ? 22  ARG A NE  1 
ATOM   142  C CZ  . ARG A 1 34  ? 10.684  -5.379  2.902   1.00 28.42 ? 22  ARG A CZ  1 
ATOM   143  N NH1 . ARG A 1 34  ? 11.367  -5.226  4.033   1.00 30.08 ? 22  ARG A NH1 1 
ATOM   144  N NH2 . ARG A 1 34  ? 9.434   -5.800  2.955   1.00 30.12 ? 22  ARG A NH2 1 
ATOM   145  N N   . PHE A 1 35  ? 14.429  -0.270  0.754   1.00 12.57 ? 23  PHE A N   1 
ATOM   146  C CA  . PHE A 1 35  ? 15.735  0.067   1.350   1.00 14.99 ? 23  PHE A CA  1 
ATOM   147  C C   . PHE A 1 35  ? 16.089  1.542   1.302   1.00 16.35 ? 23  PHE A C   1 
ATOM   148  O O   . PHE A 1 35  ? 17.211  1.938   1.595   1.00 15.66 ? 23  PHE A O   1 
ATOM   149  C CB  . PHE A 1 35  ? 16.834  -0.790  0.704   1.00 14.33 ? 23  PHE A CB  1 
ATOM   150  C CG  . PHE A 1 35  ? 16.578  -2.231  0.891   1.00 12.54 ? 23  PHE A CG  1 
ATOM   151  C CD1 . PHE A 1 35  ? 16.642  -2.763  2.172   1.00 13.68 ? 23  PHE A CD1 1 
ATOM   152  C CD2 . PHE A 1 35  ? 16.227  -3.049  -0.153  1.00 13.94 ? 23  PHE A CD2 1 
ATOM   153  C CE1 . PHE A 1 35  ? 16.391  -4.059  2.401   1.00 15.01 ? 23  PHE A CE1 1 
ATOM   154  C CE2 . PHE A 1 35  ? 15.936  -4.361  0.088   1.00 14.39 ? 23  PHE A CE2 1 
ATOM   155  C CZ  . PHE A 1 35  ? 16.035  -4.873  1.376   1.00 15.93 ? 23  PHE A CZ  1 
ATOM   156  N N   . ARG A 1 36  ? 15.112  2.374   0.978   1.00 14.51 ? 24  ARG A N   1 
ATOM   157  C CA  . ARG A 1 36  ? 15.302  3.810   0.956   1.00 16.38 ? 24  ARG A CA  1 
ATOM   158  C C   . ARG A 1 36  ? 15.900  4.257   2.281   1.00 13.35 ? 24  ARG A C   1 
ATOM   159  O O   . ARG A 1 36  ? 15.571  3.707   3.344   1.00 14.99 ? 24  ARG A O   1 
ATOM   160  C CB  . ARG A 1 36  ? 13.951  4.520   0.753   1.00 19.37 ? 24  ARG A CB  1 
ATOM   161  C CG  . ARG A 1 36  ? 12.941  4.260   1.868   1.00 19.26 ? 24  ARG A CG  1 
ATOM   162  C CD  . ARG A 1 36  ? 11.495  4.578   1.547   1.00 20.75 ? 24  ARG A CD  1 
ATOM   163  N NE  . ARG A 1 36  ? 11.387  5.927   1.103   1.00 26.56 ? 24  ARG A NE  1 
ATOM   164  C CZ  . ARG A 1 36  ? 11.025  6.968   1.848   1.00 16.44 ? 24  ARG A CZ  1 
ATOM   165  N NH1 . ARG A 1 36  ? 10.567  6.820   3.090   1.00 23.44 ? 24  ARG A NH1 1 
ATOM   166  N NH2 . ARG A 1 36  ? 11.006  8.129   1.250   1.00 21.63 ? 24  ARG A NH2 1 
ATOM   167  N N   . LYS A 1 37  ? 16.752  5.262   2.224   1.00 16.15 ? 25  LYS A N   1 
ATOM   168  C CA  . LYS A 1 37  ? 17.355  5.769   3.456   1.00 18.36 ? 25  LYS A CA  1 
ATOM   169  C C   . LYS A 1 37  ? 16.685  7.068   3.895   1.00 19.31 ? 25  LYS A C   1 
ATOM   170  O O   . LYS A 1 37  ? 16.963  7.584   4.979   1.00 19.43 ? 25  LYS A O   1 
ATOM   171  C CB  . LYS A 1 37  ? 18.884  5.908   3.301   1.00 18.71 ? 25  LYS A CB  1 
ATOM   172  C CG  . LYS A 1 37  ? 19.584  4.603   2.880   1.00 22.50 ? 25  LYS A CG  1 
ATOM   173  C CD  . LYS A 1 37  ? 21.056  4.754   2.537   1.00 21.53 ? 25  LYS A CD  1 
ATOM   174  C CE  . LYS A 1 37  ? 21.937  4.790   3.758   1.00 19.03 ? 25  LYS A CE  1 
ATOM   175  N NZ  . LYS A 1 37  ? 23.359  5.055   3.446   1.00 14.39 ? 25  LYS A NZ  1 
ATOM   176  N N   . GLU A 1 38  ? 15.757  7.571   3.088   1.00 16.96 ? 26  GLU A N   1 
ATOM   177  C CA  . GLU A 1 38  ? 14.970  8.733   3.475   1.00 18.23 ? 26  GLU A CA  1 
ATOM   178  C C   . GLU A 1 38  ? 14.092  8.410   4.680   1.00 17.54 ? 26  GLU A C   1 
ATOM   179  O O   . GLU A 1 38  ? 13.681  7.272   4.840   1.00 20.42 ? 26  GLU A O   1 
ATOM   180  C CB  . GLU A 1 38  ? 14.084  9.198   2.334   1.00 19.54 ? 26  GLU A CB  1 
ATOM   181  C CG  . GLU A 1 38  ? 14.817  9.967   1.248   1.00 24.17 ? 26  GLU A CG  1 
ATOM   182  C CD  . GLU A 1 38  ? 15.500  9.082   0.215   1.00 35.06 ? 26  GLU A CD  1 
ATOM   183  O OE1 . GLU A 1 38  ? 15.247  7.847   0.168   1.00 29.03 ? 26  GLU A OE1 1 
ATOM   184  O OE2 . GLU A 1 38  ? 16.294  9.641   -0.570  1.00 37.85 ? 26  GLU A OE2 1 
ATOM   185  N N   . THR A 1 39  ? 13.816  9.413   5.501   1.00 15.26 ? 27  THR A N   1 
ATOM   186  C CA  . THR A 1 39  ? 13.095  9.224   6.775   1.00 18.70 ? 27  THR A CA  1 
ATOM   187  C C   . THR A 1 39  ? 11.760  9.967   6.805   1.00 20.55 ? 27  THR A C   1 
ATOM   188  O O   . THR A 1 39  ? 11.178  10.198  7.881   1.00 23.05 ? 27  THR A O   1 
ATOM   189  C CB  . THR A 1 39  ? 13.945  9.695   7.937   1.00 20.22 ? 27  THR A CB  1 
ATOM   190  O OG1 . THR A 1 39  ? 14.372  11.038  7.687   1.00 23.90 ? 27  THR A OG1 1 
ATOM   191  C CG2 . THR A 1 39  ? 15.245  8.890   8.071   1.00 24.55 ? 27  THR A CG2 1 
ATOM   192  N N   . ASN A 1 40  ? 11.272  10.322  5.623   1.00 15.68 ? 28  ASN A N   1 
ATOM   193  C CA  . ASN A 1 40  ? 9.964   10.932  5.478   1.00 15.96 ? 28  ASN A CA  1 
ATOM   194  C C   . ASN A 1 40  ? 8.967   9.843   5.168   1.00 14.25 ? 28  ASN A C   1 
ATOM   195  O O   . ASN A 1 40  ? 9.342   8.695   4.979   1.00 20.40 ? 28  ASN A O   1 
ATOM   196  C CB  . ASN A 1 40  ? 9.974   11.933  4.339   1.00 15.92 ? 28  ASN A CB  1 
ATOM   197  C CG  . ASN A 1 40  ? 10.392  11.333  3.024   1.00 22.32 ? 28  ASN A CG  1 
ATOM   198  O OD1 . ASN A 1 40  ? 10.830  10.178  2.963   1.00 25.30 ? 28  ASN A OD1 1 
ATOM   199  N ND2 . ASN A 1 40  ? 10.252  12.108  1.954   1.00 21.95 ? 28  ASN A ND2 1 
ATOM   200  N N   . ASN A 1 41  ? 7.688   10.179  5.135   1.00 11.10 ? 29  ASN A N   1 
ATOM   201  C CA  . ASN A 1 41  ? 6.669   9.228   4.752   1.00 10.94 ? 29  ASN A CA  1 
ATOM   202  C C   . ASN A 1 41  ? 6.584   9.187   3.249   1.00 11.80 ? 29  ASN A C   1 
ATOM   203  O O   . ASN A 1 41  ? 6.658   10.219  2.580   1.00 13.19 ? 29  ASN A O   1 
ATOM   204  C CB  . ASN A 1 41  ? 5.312   9.670   5.257   1.00 11.49 ? 29  ASN A CB  1 
ATOM   205  C CG  . ASN A 1 41  ? 5.240   9.722   6.712   1.00 15.04 ? 29  ASN A CG  1 
ATOM   206  O OD1 . ASN A 1 41  ? 5.990   9.044   7.393   1.00 17.79 ? 29  ASN A OD1 1 
ATOM   207  N ND2 . ASN A 1 41  ? 4.342   10.571  7.226   1.00 18.71 ? 29  ASN A ND2 1 
ATOM   208  N N   . ALA A 1 42  ? 6.432   8.006   2.680   1.00 11.14 ? 30  ALA A N   1 
ATOM   209  C CA  . ALA A 1 42  ? 6.348   7.904   1.228   1.00 11.78 ? 30  ALA A CA  1 
ATOM   210  C C   . ALA A 1 42  ? 5.500   6.715   0.841   1.00 9.66  ? 30  ALA A C   1 
ATOM   211  O O   . ALA A 1 42  ? 5.323   5.798   1.635   1.00 10.51 ? 30  ALA A O   1 
ATOM   212  C CB  . ALA A 1 42  ? 7.745   7.786   0.629   1.00 11.04 ? 30  ALA A CB  1 
ATOM   213  N N   . ALA A 1 43  ? 4.942   6.746   -0.362  1.00 10.97 ? 31  ALA A N   1 
ATOM   214  C CA  . ALA A 1 43  ? 4.047   5.676   -0.771  1.00 10.05 ? 31  ALA A CA  1 
ATOM   215  C C   . ALA A 1 43  ? 4.249   5.293   -2.195  1.00 9.79  ? 31  ALA A C   1 
ATOM   216  O O   . ALA A 1 43  ? 4.571   6.120   -3.031  1.00 11.61 ? 31  ALA A O   1 
ATOM   217  C CB  . ALA A 1 43  ? 2.609   6.102   -0.609  1.00 11.32 ? 31  ALA A CB  1 
ATOM   218  N N   . ILE A 1 44  ? 4.013   4.023   -2.472  1.00 10.52 ? 32  ILE A N   1 
ATOM   219  C CA  . ILE A 1 44  ? 3.936   3.533   -3.832  1.00 11.29 ? 32  ILE A CA  1 
ATOM   220  C C   . ILE A 1 44  ? 2.506   3.040   -4.013  1.00 10.90 ? 32  ILE A C   1 
ATOM   221  O O   . ILE A 1 44  ? 2.005   2.236   -3.225  1.00 11.28 ? 32  ILE A O   1 
ATOM   222  C CB  . ILE A 1 44  ? 4.922   2.379   -4.023  1.00 12.32 ? 32  ILE A CB  1 
ATOM   223  C CG1 . ILE A 1 44  ? 6.351   2.886   -4.020  1.00 19.85 ? 32  ILE A CG1 1 
ATOM   224  C CG2 . ILE A 1 44  ? 4.616   1.639   -5.289  1.00 13.59 ? 32  ILE A CG2 1 
ATOM   225  C CD1 . ILE A 1 44  ? 7.371   1.776   -3.984  1.00 24.71 ? 32  ILE A CD1 1 
ATOM   226  N N   . ILE A 1 45  ? 1.815   3.579   -4.996  1.00 10.51 ? 33  ILE A N   1 
ATOM   227  C CA  . ILE A 1 45  ? 0.482   3.166   -5.312  1.00 10.62 ? 33  ILE A CA  1 
ATOM   228  C C   . ILE A 1 45  ? 0.540   2.388   -6.600  1.00 10.17 ? 33  ILE A C   1 
ATOM   229  O O   . ILE A 1 45  ? 1.193   2.809   -7.545  1.00 11.31 ? 33  ILE A O   1 
ATOM   230  C CB  . ILE A 1 45  ? -0.419  4.363   -5.422  1.00 11.60 ? 33  ILE A CB  1 
ATOM   231  C CG1 . ILE A 1 45  ? -0.390  5.164   -4.097  1.00 16.09 ? 33  ILE A CG1 1 
ATOM   232  C CG2 . ILE A 1 45  ? -1.812  3.960   -5.772  1.00 13.27 ? 33  ILE A CG2 1 
ATOM   233  C CD1 . ILE A 1 45  ? -1.152  6.495   -4.185  1.00 19.66 ? 33  ILE A CD1 1 
ATOM   234  N N   . MET A 1 46  ? -0.161  1.286   -6.619  1.00 9.47  ? 34  MET A N   1 
ATOM   235  C CA  . MET A 1 46  ? -0.106  0.284   -7.692  1.00 11.56 ? 34  MET A CA  1 
ATOM   236  C C   . MET A 1 46  ? -1.473  -0.074  -8.167  1.00 12.39 ? 34  MET A C   1 
ATOM   237  O O   . MET A 1 46  ? -2.428  -0.066  -7.394  1.00 12.06 ? 34  MET A O   1 
ATOM   238  C CB  . MET A 1 46  ? 0.611   -0.981  -7.239  1.00 11.72 ? 34  MET A CB  1 
ATOM   239  C CG  . MET A 1 46  ? 2.033   -0.755  -6.872  1.00 12.81 ? 34  MET A CG  1 
ATOM   240  S SD  . MET A 1 46  ? 2.714   -1.938  -5.704  1.00 12.06 ? 34  MET A SD  1 
ATOM   241  C CE  . MET A 1 46  ? 1.927   -1.340  -4.206  1.00 11.66 ? 34  MET A CE  1 
ATOM   242  N N   . LYS A 1 47  ? -1.600  -0.391  -9.450  1.00 10.87 ? 35  LYS A N   1 
ATOM   243  C CA  . LYS A 1 47  ? -2.865  -0.774  -10.027 1.00 12.03 ? 35  LYS A CA  1 
ATOM   244  C C   . LYS A 1 47  ? -2.629  -1.965  -10.923 1.00 11.51 ? 35  LYS A C   1 
ATOM   245  O O   . LYS A 1 47  ? -1.514  -2.292  -11.293 1.00 12.37 ? 35  LYS A O   1 
ATOM   246  C CB  . LYS A 1 47  ? -3.468  0.381   -10.855 1.00 14.00 ? 35  LYS A CB  1 
ATOM   247  C CG  . LYS A 1 47  ? -2.700  0.776   -12.075 1.00 15.91 ? 35  LYS A CG  1 
ATOM   248  C CD  . LYS A 1 47  ? -3.370  1.918   -12.848 1.00 20.11 ? 35  LYS A CD  1 
ATOM   249  C CE  . LYS A 1 47  ? -4.752  1.556   -13.274 1.00 29.17 ? 35  LYS A CE  1 
ATOM   250  N NZ  . LYS A 1 47  ? -5.362  2.513   -14.251 1.00 39.76 ? 35  LYS A NZ  1 
ATOM   251  N N   . VAL A 1 48  ? -3.694  -2.646  -11.246 1.00 12.45 ? 36  VAL A N   1 
ATOM   252  C CA  . VAL A 1 48  ? -3.668  -3.687  -12.235 1.00 12.01 ? 36  VAL A CA  1 
ATOM   253  C C   . VAL A 1 48  ? -3.794  -3.116  -13.656 1.00 14.67 ? 36  VAL A C   1 
ATOM   254  O O   . VAL A 1 48  ? -4.701  -2.330  -13.958 1.00 14.17 ? 36  VAL A O   1 
ATOM   255  C CB  . VAL A 1 48  ? -4.788  -4.690  -11.993 1.00 14.22 ? 36  VAL A CB  1 
ATOM   256  C CG1 . VAL A 1 48  ? -4.945  -5.661  -13.135 1.00 14.82 ? 36  VAL A CG1 1 
ATOM   257  C CG2 . VAL A 1 48  ? -4.595  -5.406  -10.700 1.00 13.67 ? 36  VAL A CG2 1 
ATOM   258  N N   . ASP A 1 49  ? -2.922  -3.574  -14.535 1.00 14.09 ? 37  ASP A N   1 
ATOM   259  C CA  . ASP A 1 49  ? -3.049  -3.411  -15.967 1.00 14.37 ? 37  ASP A CA  1 
ATOM   260  C C   . ASP A 1 49  ? -3.729  -4.679  -16.453 1.00 16.91 ? 37  ASP A C   1 
ATOM   261  O O   . ASP A 1 49  ? -3.111  -5.726  -16.519 1.00 13.89 ? 37  ASP A O   1 
ATOM   262  C CB  . ASP A 1 49  ? -1.656  -3.283  -16.568 1.00 14.54 ? 37  ASP A CB  1 
ATOM   263  C CG  . ASP A 1 49  ? -1.679  -3.079  -18.052 1.00 19.61 ? 37  ASP A CG  1 
ATOM   264  O OD1 . ASP A 1 49  ? -2.577  -3.624  -18.712 1.00 20.80 ? 37  ASP A OD1 1 
ATOM   265  O OD2 . ASP A 1 49  ? -0.815  -2.410  -18.625 1.00 24.34 ? 37  ASP A OD2 1 
ATOM   266  N N   . LYS A 1 50  ? -5.023  -4.590  -16.744 1.00 18.34 ? 38  LYS A N   1 
ATOM   267  C CA  . LYS A 1 50  ? -5.775  -5.771  -17.120 1.00 21.38 ? 38  LYS A CA  1 
ATOM   268  C C   . LYS A 1 50  ? -5.264  -6.447  -18.372 1.00 22.34 ? 38  LYS A C   1 
ATOM   269  O O   . LYS A 1 50  ? -5.220  -7.670  -18.434 1.00 25.29 ? 38  LYS A O   1 
ATOM   270  C CB  . LYS A 1 50  ? -7.238  -5.413  -17.355 1.00 23.86 ? 38  LYS A CB  1 
ATOM   271  C CG  . LYS A 1 50  ? -8.068  -5.376  -16.134 1.00 31.66 ? 38  LYS A CG  1 
ATOM   272  C CD  . LYS A 1 50  ? -9.549  -5.219  -16.492 1.00 32.84 ? 38  LYS A CD  1 
ATOM   273  C CE  . LYS A 1 50  ? -10.115 -6.439  -17.222 1.00 41.71 ? 38  LYS A CE  1 
ATOM   274  N NZ  . LYS A 1 50  ? -9.656  -7.751  -16.686 1.00 45.67 ? 38  LYS A NZ  1 
ATOM   275  N N   . ASP A 1 51  ? -4.901  -5.650  -19.361 1.00 21.53 ? 39  ASP A N   1 
ATOM   276  C CA  . ASP A 1 51  ? -4.487  -6.197  -20.645 1.00 22.19 ? 39  ASP A CA  1 
ATOM   277  C C   . ASP A 1 51  ? -3.213  -6.992  -20.497 1.00 20.87 ? 39  ASP A C   1 
ATOM   278  O O   . ASP A 1 51  ? -3.068  -8.062  -21.098 1.00 23.03 ? 39  ASP A O   1 
ATOM   279  C CB  . ASP A 1 51  ? -4.285  -5.092  -21.657 1.00 22.81 ? 39  ASP A CB  1 
ATOM   280  C CG  . ASP A 1 51  ? -5.597  -4.500  -22.142 1.00 32.84 ? 39  ASP A CG  1 
ATOM   281  O OD1 . ASP A 1 51  ? -6.679  -4.916  -21.657 1.00 39.53 ? 39  ASP A OD1 1 
ATOM   282  O OD2 . ASP A 1 51  ? -5.631  -3.619  -23.030 1.00 46.86 ? 39  ASP A OD2 1 
ATOM   283  N N   . ARG A 1 52  ? -2.278  -6.467  -19.710 1.00 18.25 ? 40  ARG A N   1 
ATOM   284  C CA  . ARG A 1 52  ? -1.018  -7.159  -19.492 1.00 14.73 ? 40  ARG A CA  1 
ATOM   285  C C   . ARG A 1 52  ? -1.077  -8.222  -18.432 1.00 13.31 ? 40  ARG A C   1 
ATOM   286  O O   . ARG A 1 52  ? -0.110  -8.986  -18.288 1.00 14.83 ? 40  ARG A O   1 
ATOM   287  C CB  . ARG A 1 52  ? 0.069   -6.193  -19.052 1.00 17.31 ? 40  ARG A CB  1 
ATOM   288  C CG  . ARG A 1 52  ? 0.810   -5.550  -20.130 1.00 18.96 ? 40  ARG A CG  1 
ATOM   289  C CD  . ARG A 1 52  ? 1.821   -4.598  -19.589 1.00 16.48 ? 40  ARG A CD  1 
ATOM   290  N NE  . ARG A 1 52  ? 3.097   -5.228  -19.287 1.00 14.38 ? 40  ARG A NE  1 
ATOM   291  C CZ  . ARG A 1 52  ? 4.006   -4.678  -18.523 1.00 17.44 ? 40  ARG A CZ  1 
ATOM   292  N NH1 . ARG A 1 52  ? 3.767   -3.504  -17.946 1.00 20.70 ? 40  ARG A NH1 1 
ATOM   293  N NH2 . ARG A 1 52  ? 5.147   -5.309  -18.308 1.00 22.91 ? 40  ARG A NH2 1 
ATOM   294  N N   . GLN A 1 53  ? -2.152  -8.222  -17.650 1.00 14.69 ? 41  GLN A N   1 
ATOM   295  C CA  . GLN A 1 53  ? -2.290  -9.075  -16.472 1.00 17.17 ? 41  GLN A CA  1 
ATOM   296  C C   . GLN A 1 53  ? -1.097  -8.883  -15.560 1.00 15.11 ? 41  GLN A C   1 
ATOM   297  O O   . GLN A 1 53  ? -0.408  -9.809  -15.160 1.00 16.22 ? 41  GLN A O   1 
ATOM   298  C CB  . GLN A 1 53  ? -2.456  -10.543 -16.868 1.00 19.02 ? 41  GLN A CB  1 
ATOM   299  C CG  . GLN A 1 53  ? -3.790  -10.874 -17.489 1.00 25.42 ? 41  GLN A CG  1 
ATOM   300  C CD  . GLN A 1 53  ? -3.873  -12.319 -17.964 1.00 28.16 ? 41  GLN A CD  1 
ATOM   301  O OE1 . GLN A 1 53  ? -4.598  -12.622 -18.916 1.00 40.27 ? 41  GLN A OE1 1 
ATOM   302  N NE2 . GLN A 1 53  ? -3.129  -13.209 -17.308 1.00 35.99 ? 41  GLN A NE2 1 
ATOM   303  N N   . MET A 1 54  ? -0.863  -7.616  -15.223 1.00 13.66 ? 42  MET A N   1 
ATOM   304  C CA  . MET A 1 54  ? 0.270   -7.226  -14.437 1.00 13.03 ? 42  MET A CA  1 
ATOM   305  C C   . MET A 1 54  ? -0.128  -6.171  -13.466 1.00 13.18 ? 42  MET A C   1 
ATOM   306  O O   . MET A 1 54  ? -0.884  -5.277  -13.810 1.00 13.61 ? 42  MET A O   1 
ATOM   307  C CB  A MET A 1 54  ? 1.400   -6.693  -15.292 0.65 17.18 ? 42  MET A CB  1 
ATOM   308  C CB  B MET A 1 54  ? 1.320   -6.592  -15.344 0.35 14.96 ? 42  MET A CB  1 
ATOM   309  C CG  A MET A 1 54  ? 2.270   -7.801  -15.786 0.65 19.39 ? 42  MET A CG  1 
ATOM   310  C CG  B MET A 1 54  ? 2.115   -7.580  -16.127 0.35 14.26 ? 42  MET A CG  1 
ATOM   311  S SD  A MET A 1 54  ? 3.764   -7.099  -16.420 0.65 20.53 ? 42  MET A SD  1 
ATOM   312  S SD  B MET A 1 54  ? 3.470   -8.178  -15.136 0.35 8.82  ? 42  MET A SD  1 
ATOM   313  C CE  A MET A 1 54  ? 4.613   -8.589  -16.953 0.65 19.82 ? 42  MET A CE  1 
ATOM   314  C CE  B MET A 1 54  ? 4.158   -9.407  -16.248 0.35 18.73 ? 42  MET A CE  1 
ATOM   315  N N   . VAL A 1 55  ? 0.431   -6.231  -12.274 1.00 11.37 ? 43  VAL A N   1 
ATOM   316  C CA  . VAL A 1 55  ? 0.386   -5.145  -11.351 1.00 11.95 ? 43  VAL A CA  1 
ATOM   317  C C   . VAL A 1 55  ? 1.499   -4.185  -11.719 1.00 13.44 ? 43  VAL A C   1 
ATOM   318  O O   . VAL A 1 55  ? 2.657   -4.608  -11.856 1.00 10.95 ? 43  VAL A O   1 
ATOM   319  C CB  . VAL A 1 55  ? 0.520   -5.614  -9.902  1.00 12.83 ? 43  VAL A CB  1 
ATOM   320  C CG1 . VAL A 1 55  ? 0.436   -4.467  -8.940  1.00 12.71 ? 43  VAL A CG1 1 
ATOM   321  C CG2 . VAL A 1 55  ? -0.546  -6.595  -9.581  1.00 17.05 ? 43  VAL A CG2 1 
ATOM   322  N N   . VAL A 1 56  ? 1.179   -2.904  -11.846 1.00 11.80 ? 44  VAL A N   1 
ATOM   323  C CA  . VAL A 1 56  ? 2.097   -1.887  -12.288 1.00 11.48 ? 44  VAL A CA  1 
ATOM   324  C C   . VAL A 1 56  ? 2.075   -0.727  -11.340 1.00 12.19 ? 44  VAL A C   1 
ATOM   325  O O   . VAL A 1 56  ? 1.123   -0.485  -10.635 1.00 12.83 ? 44  VAL A O   1 
ATOM   326  C CB  . VAL A 1 56  ? 1.777   -1.411  -13.709 1.00 11.64 ? 44  VAL A CB  1 
ATOM   327  C CG1 . VAL A 1 56  ? 1.925   -2.579  -14.678 1.00 12.70 ? 44  VAL A CG1 1 
ATOM   328  C CG2 . VAL A 1 56  ? 0.401   -0.766  -13.834 1.00 12.42 ? 44  VAL A CG2 1 
ATOM   329  N N   . LEU A 1 57  ? 3.132   0.047   -11.359 1.00 10.26 ? 45  LEU A N   1 
ATOM   330  C CA  . LEU A 1 57  ? 3.240   1.279   -10.635 1.00 10.99 ? 45  LEU A CA  1 
ATOM   331  C C   . LEU A 1 57  ? 2.267   2.301   -11.208 1.00 12.47 ? 45  LEU A C   1 
ATOM   332  O O   . LEU A 1 57  ? 2.207   2.528   -12.428 1.00 14.38 ? 45  LEU A O   1 
ATOM   333  C CB  . LEU A 1 57  ? 4.666   1.825   -10.785 1.00 11.57 ? 45  LEU A CB  1 
ATOM   334  C CG  . LEU A 1 57  ? 4.974   3.122   -10.037 1.00 12.87 ? 45  LEU A CG  1 
ATOM   335  C CD1 . LEU A 1 57  ? 4.832   2.917   -8.574  1.00 14.37 ? 45  LEU A CD1 1 
ATOM   336  C CD2 . LEU A 1 57  ? 6.377   3.604   -10.424 1.00 14.49 ? 45  LEU A CD2 1 
ATOM   337  N N   . GLU A 1 58  ? 1.532   2.953   -10.322 1.00 11.58 ? 46  GLU A N   1 
ATOM   338  C CA  . GLU A 1 58  ? 0.730   4.105   -10.693 1.00 14.45 ? 46  GLU A CA  1 
ATOM   339  C C   . GLU A 1 58  ? 1.377   5.387   -10.221 1.00 12.61 ? 46  GLU A C   1 
ATOM   340  O O   . GLU A 1 58  ? 1.514   6.329   -11.020 1.00 16.94 ? 46  GLU A O   1 
ATOM   341  C CB  . GLU A 1 58  ? -0.674  3.996   -10.106 1.00 15.10 ? 46  GLU A CB  1 
ATOM   342  C CG  . GLU A 1 58  ? -1.590  5.091   -10.645 1.00 17.56 ? 46  GLU A CG  1 
ATOM   343  C CD  . GLU A 1 58  ? -3.001  4.990   -10.181 1.00 19.66 ? 46  GLU A CD  1 
ATOM   344  O OE1 . GLU A 1 58  ? -3.184  4.762   -8.982  1.00 19.08 ? 46  GLU A OE1 1 
ATOM   345  O OE2 . GLU A 1 58  ? -3.906  5.124   -11.045 1.00 20.95 ? 46  GLU A OE2 1 
ATOM   346  N N   . ASP A 1 59  ? 1.829   5.437   -8.978  1.00 12.27 ? 47  ASP A N   1 
ATOM   347  C CA  . ASP A 1 59  ? 2.422   6.657   -8.439  1.00 13.82 ? 47  ASP A CA  1 
ATOM   348  C C   . ASP A 1 59  ? 3.397   6.325   -7.358  1.00 14.58 ? 47  ASP A C   1 
ATOM   349  O O   . ASP A 1 59  ? 3.193   5.382   -6.635  1.00 14.42 ? 47  ASP A O   1 
ATOM   350  C CB  . ASP A 1 59  ? 1.358   7.564   -7.826  1.00 16.75 ? 47  ASP A CB  1 
ATOM   351  C CG  . ASP A 1 59  ? 0.689   8.452   -8.836  1.00 29.91 ? 47  ASP A CG  1 
ATOM   352  O OD1 . ASP A 1 59  ? 1.379   9.313   -9.416  1.00 36.40 ? 47  ASP A OD1 1 
ATOM   353  O OD2 . ASP A 1 59  ? -0.530  8.376   -9.088  1.00 39.05 ? 47  ASP A OD2 1 
ATOM   354  N N   . GLU A 1 60  ? 4.443   7.117   -7.258  1.00 13.67 ? 48  GLU A N   1 
ATOM   355  C CA  . GLU A 1 60  ? 5.415   7.065   -6.182  1.00 13.62 ? 48  GLU A CA  1 
ATOM   356  C C   . GLU A 1 60  ? 5.443   8.426   -5.578  1.00 14.96 ? 48  GLU A C   1 
ATOM   357  O O   . GLU A 1 60  ? 5.795   9.401   -6.262  1.00 16.02 ? 48  GLU A O   1 
ATOM   358  C CB  . GLU A 1 60  ? 6.807   6.707   -6.680  1.00 15.66 ? 48  GLU A CB  1 
ATOM   359  C CG  . GLU A 1 60  ? 7.821   6.534   -5.556  1.00 21.45 ? 48  GLU A CG  1 
ATOM   360  C CD  . GLU A 1 60  ? 9.070   5.748   -5.963  1.00 25.48 ? 48  GLU A CD  1 
ATOM   361  O OE1 . GLU A 1 60  ? 9.315   5.570   -7.181  1.00 32.43 ? 48  GLU A OE1 1 
ATOM   362  O OE2 . GLU A 1 60  ? 9.783   5.291   -5.046  1.00 34.61 ? 48  GLU A OE2 1 
ATOM   363  N N   . LEU A 1 61  ? 5.060   8.512   -4.314  1.00 12.94 ? 49  LEU A N   1 
ATOM   364  C CA  . LEU A 1 61  ? 4.853   9.819   -3.668  1.00 12.49 ? 49  LEU A CA  1 
ATOM   365  C C   . LEU A 1 61  ? 5.669   9.973   -2.436  1.00 14.88 ? 49  LEU A C   1 
ATOM   366  O O   . LEU A 1 61  ? 5.731   9.082   -1.635  1.00 14.56 ? 49  LEU A O   1 
ATOM   367  C CB  . LEU A 1 61  ? 3.386   10.019  -3.294  1.00 16.71 ? 49  LEU A CB  1 
ATOM   368  C CG  . LEU A 1 61  ? 2.478   10.002  -4.525  1.00 20.79 ? 49  LEU A CG  1 
ATOM   369  C CD1 . LEU A 1 61  ? 1.060   10.236  -4.191  1.00 24.97 ? 49  LEU A CD1 1 
ATOM   370  C CD2 . LEU A 1 61  ? 2.928   11.077  -5.503  1.00 24.24 ? 49  LEU A CD2 1 
ATOM   371  N N   . GLN A 1 62  ? 6.230   11.157  -2.232  1.00 13.99 ? 50  GLN A N   1 
ATOM   372  C CA  . GLN A 1 62  ? 7.117   11.435  -1.122  1.00 14.12 ? 50  GLN A CA  1 
ATOM   373  C C   . GLN A 1 62  ? 6.479   12.472  -0.224  1.00 13.34 ? 50  GLN A C   1 
ATOM   374  O O   . GLN A 1 62  ? 5.663   13.274  -0.687  1.00 13.87 ? 50  GLN A O   1 
ATOM   375  C CB  . GLN A 1 62  ? 8.419   12.059  -1.627  1.00 17.17 ? 50  GLN A CB  1 
ATOM   376  C CG  . GLN A 1 62  ? 9.136   11.230  -2.662  1.00 26.41 ? 50  GLN A CG  1 
ATOM   377  C CD  . GLN A 1 62  ? 9.878   10.056  -2.062  1.00 25.12 ? 50  GLN A CD  1 
ATOM   378  O OE1 . GLN A 1 62  ? 10.471  10.168  -0.986  1.00 40.68 ? 50  GLN A OE1 1 
ATOM   379  N NE2 . GLN A 1 62  ? 9.871   8.931   -2.771  1.00 35.93 ? 50  GLN A NE2 1 
ATOM   380  N N   . ASN A 1 63  ? 6.883   12.479  1.041   1.00 12.82 ? 51  ASN A N   1 
ATOM   381  C CA  . ASN A 1 63  ? 6.376   13.388  2.033   1.00 13.16 ? 51  ASN A CA  1 
ATOM   382  C C   . ASN A 1 63  ? 4.854   13.418  2.046   1.00 14.27 ? 51  ASN A C   1 
ATOM   383  O O   . ASN A 1 63  ? 4.218   14.479  1.949   1.00 14.76 ? 51  ASN A O   1 
ATOM   384  C CB  . ASN A 1 63  ? 6.900   14.776  1.738   1.00 12.75 ? 51  ASN A CB  1 
ATOM   385  C CG  . ASN A 1 63  ? 8.389   14.840  1.716   1.00 17.52 ? 51  ASN A CG  1 
ATOM   386  O OD1 . ASN A 1 63  ? 9.050   14.495  2.705   1.00 25.96 ? 51  ASN A OD1 1 
ATOM   387  N ND2 . ASN A 1 63  ? 8.945   15.288  0.597   1.00 23.22 ? 51  ASN A ND2 1 
ATOM   388  N N   . ILE A 1 64  ? 4.273   12.240  2.178   1.00 12.43 ? 52  ILE A N   1 
ATOM   389  C CA  . ILE A 1 64  ? 2.836   12.105  2.092   1.00 11.02 ? 52  ILE A CA  1 
ATOM   390  C C   . ILE A 1 64  ? 2.269   11.573  3.403   1.00 13.08 ? 52  ILE A C   1 
ATOM   391  O O   . ILE A 1 64  ? 2.649   10.502  3.850   1.00 13.86 ? 52  ILE A O   1 
ATOM   392  C CB  . ILE A 1 64  ? 2.463   11.202  0.875   1.00 13.75 ? 52  ILE A CB  1 
ATOM   393  C CG1 . ILE A 1 64  ? 0.961   11.183  0.689   1.00 15.26 ? 52  ILE A CG1 1 
ATOM   394  C CG2 . ILE A 1 64  ? 3.060   9.814   0.949   1.00 15.27 ? 52  ILE A CG2 1 
ATOM   395  C CD1 . ILE A 1 64  ? 0.521   10.722  -0.658  1.00 17.24 ? 52  ILE A CD1 1 
ATOM   396  N N   . SER A 1 65  ? 1.362   12.347  4.010   1.00 10.47 ? 53  SER A N   1 
ATOM   397  C CA  . SER A 1 65  ? 0.794   11.944  5.278   1.00 11.21 ? 53  SER A CA  1 
ATOM   398  C C   . SER A 1 65  ? -0.344  10.950  5.065   1.00 8.43  ? 53  SER A C   1 
ATOM   399  O O   . SER A 1 65  ? -0.784  10.758  3.934   1.00 10.39 ? 53  SER A O   1 
ATOM   400  C CB  . SER A 1 65  ? 0.209   13.165  5.954   1.00 11.86 ? 53  SER A CB  1 
ATOM   401  O OG  . SER A 1 65  ? -0.877  13.645  5.173   1.00 11.72 ? 53  SER A OG  1 
ATOM   402  N N   . PRO A 1 66  ? -0.823  10.268  6.101   1.00 11.26 ? 54  PRO A N   1 
ATOM   403  C CA  . PRO A 1 66  ? -1.943  9.372   5.881   1.00 10.82 ? 54  PRO A CA  1 
ATOM   404  C C   . PRO A 1 66  ? -3.172  10.053  5.247   1.00 10.94 ? 54  PRO A C   1 
ATOM   405  O O   . PRO A 1 66  ? -3.832  9.467   4.401   1.00 12.00 ? 54  PRO A O   1 
ATOM   406  C CB  . PRO A 1 66  ? -2.213  8.783   7.280   1.00 11.29 ? 54  PRO A CB  1 
ATOM   407  C CG  . PRO A 1 66  ? -0.885  8.871   7.922   1.00 12.75 ? 54  PRO A CG  1 
ATOM   408  C CD  . PRO A 1 66  ? -0.267  10.156  7.456   1.00 11.28 ? 54  PRO A CD  1 
ATOM   409  N N   . GLU A 1 67  ? -3.474  11.280  5.616   1.00 10.75 ? 55  GLU A N   1 
ATOM   410  C CA  . GLU A 1 67  ? -4.646  11.958  5.053   1.00 8.76  ? 55  GLU A CA  1 
ATOM   411  C C   . GLU A 1 67  ? -4.384  12.264  3.596   1.00 10.63 ? 55  GLU A C   1 
ATOM   412  O O   . GLU A 1 67  ? -5.263  12.129  2.765   1.00 11.77 ? 55  GLU A O   1 
ATOM   413  C CB  . GLU A 1 67  ? -4.984  13.250  5.784   1.00 8.38  ? 55  GLU A CB  1 
ATOM   414  C CG  . GLU A 1 67  ? -6.242  13.928  5.261   1.00 10.31 ? 55  GLU A CG  1 
ATOM   415  C CD  . GLU A 1 67  ? -6.527  15.251  5.914   1.00 11.25 ? 55  GLU A CD  1 
ATOM   416  O OE1 . GLU A 1 67  ? -5.638  15.877  6.531   1.00 15.44 ? 55  GLU A OE1 1 
ATOM   417  O OE2 . GLU A 1 67  ? -7.652  15.758  5.710   1.00 11.71 ? 55  GLU A OE2 1 
ATOM   418  N N   . GLU A 1 68  ? -3.172  12.702  3.270   1.00 10.02 ? 56  GLU A N   1 
ATOM   419  C CA  . GLU A 1 68  ? -2.854  12.986  1.895   1.00 11.31 ? 56  GLU A CA  1 
ATOM   420  C C   . GLU A 1 68  ? -2.907  11.718  1.071   1.00 10.31 ? 56  GLU A C   1 
ATOM   421  O O   . GLU A 1 68  ? -3.360  11.752  -0.084  1.00 12.76 ? 56  GLU A O   1 
ATOM   422  C CB  . GLU A 1 68  ? -1.491  13.638  1.780   1.00 13.26 ? 56  GLU A CB  1 
ATOM   423  C CG  . GLU A 1 68  ? -1.454  15.032  2.369   1.00 13.05 ? 56  GLU A CG  1 
ATOM   424  C CD  . GLU A 1 68  ? -0.057  15.630  2.486   1.00 16.17 ? 56  GLU A CD  1 
ATOM   425  O OE1 . GLU A 1 68  ? 0.934   14.915  2.685   1.00 14.97 ? 56  GLU A OE1 1 
ATOM   426  O OE2 . GLU A 1 68  ? 0.070   16.876  2.397   1.00 22.88 ? 56  GLU A OE2 1 
ATOM   427  N N   . LEU A 1 69  ? -2.423  10.622  1.627   1.00 10.38 ? 57  LEU A N   1 
ATOM   428  C CA  . LEU A 1 69  ? -2.497  9.333   0.946   1.00 10.26 ? 57  LEU A CA  1 
ATOM   429  C C   . LEU A 1 69  ? -3.929  8.929   0.693   1.00 12.45 ? 57  LEU A C   1 
ATOM   430  O O   . LEU A 1 69  ? -4.305  8.549   -0.442  1.00 12.81 ? 57  LEU A O   1 
ATOM   431  C CB  . LEU A 1 69  ? -1.749  8.296   1.761   1.00 12.31 ? 57  LEU A CB  1 
ATOM   432  C CG  . LEU A 1 69  ? -1.851  6.890   1.214   1.00 10.76 ? 57  LEU A CG  1 
ATOM   433  C CD1 . LEU A 1 69  ? -1.241  6.831   -0.171  1.00 14.07 ? 57  LEU A CD1 1 
ATOM   434  C CD2 . LEU A 1 69  ? -1.153  5.959   2.160   1.00 15.04 ? 57  LEU A CD2 1 
ATOM   435  N N   . LYS A 1 70  ? -4.765  9.045   1.717   1.00 11.26 ? 58  LYS A N   1 
ATOM   436  C CA  . LYS A 1 70  ? -6.151  8.762   1.568   1.00 10.96 ? 58  LYS A CA  1 
ATOM   437  C C   . LYS A 1 70  ? -6.724  9.512   0.359   1.00 12.26 ? 58  LYS A C   1 
ATOM   438  O O   . LYS A 1 70  ? -7.449  8.950   -0.475  1.00 12.53 ? 58  LYS A O   1 
ATOM   439  C CB  . LYS A 1 70  ? -6.898  9.160   2.840   1.00 12.73 ? 58  LYS A CB  1 
ATOM   440  C CG  . LYS A 1 70  ? -8.415  9.098   2.737   1.00 11.48 ? 58  LYS A CG  1 
ATOM   441  C CD  . LYS A 1 70  ? -9.131  9.563   4.005   1.00 13.94 ? 58  LYS A CD  1 
ATOM   442  C CE  . LYS A 1 70  ? -9.064  11.053  4.186   1.00 18.20 ? 58  LYS A CE  1 
ATOM   443  N NZ  . LYS A 1 70  ? -9.309  11.402  5.614   1.00 28.63 ? 58  LYS A NZ  1 
ATOM   444  N N   . LEU A 1 71  ? -6.398  10.794  0.250   1.00 11.00 ? 59  LEU A N   1 
ATOM   445  C CA  . LEU A 1 71  ? -6.954  11.644  -0.805  1.00 12.82 ? 59  LEU A CA  1 
ATOM   446  C C   . LEU A 1 71  ? -6.436  11.296  -2.184  1.00 12.35 ? 59  LEU A C   1 
ATOM   447  O O   . LEU A 1 71  ? -7.018  11.694  -3.192  1.00 15.54 ? 59  LEU A O   1 
ATOM   448  C CB  . LEU A 1 71  ? -6.627  13.096  -0.476  1.00 12.00 ? 59  LEU A CB  1 
ATOM   449  C CG  . LEU A 1 71  ? -7.400  13.587  0.761   1.00 12.88 ? 59  LEU A CG  1 
ATOM   450  C CD1 . LEU A 1 71  ? -6.864  14.967  1.173   1.00 15.56 ? 59  LEU A CD1 1 
ATOM   451  C CD2 . LEU A 1 71  ? -8.871  13.612  0.518   1.00 15.44 ? 59  LEU A CD2 1 
ATOM   452  N N   . GLU A 1 72  ? -5.336  10.587  -2.252  1.00 13.12 ? 60  GLU A N   1 
ATOM   453  C CA  . GLU A 1 72  ? -4.851  10.090  -3.533  1.00 12.73 ? 60  GLU A CA  1 
ATOM   454  C C   . GLU A 1 72  ? -5.571  8.860   -4.039  1.00 14.14 ? 60  GLU A C   1 
ATOM   455  O O   . GLU A 1 72  ? -5.511  8.572   -5.232  1.00 17.61 ? 60  GLU A O   1 
ATOM   456  C CB  . GLU A 1 72  ? -3.367  9.768   -3.445  1.00 14.95 ? 60  GLU A CB  1 
ATOM   457  C CG  . GLU A 1 72  ? -2.464  10.972  -3.268  1.00 17.98 ? 60  GLU A CG  1 
ATOM   458  C CD  . GLU A 1 72  ? -2.481  11.920  -4.454  1.00 16.57 ? 60  GLU A CD  1 
ATOM   459  O OE1 . GLU A 1 72  ? -2.604  11.487  -5.622  1.00 19.51 ? 60  GLU A OE1 1 
ATOM   460  O OE2 . GLU A 1 72  ? -2.360  13.097  -4.181  1.00 20.19 ? 60  GLU A OE2 1 
ATOM   461  N N   . LEU A 1 73  ? -6.237  8.125   -3.179  1.00 11.13 ? 61  LEU A N   1 
ATOM   462  C CA  . LEU A 1 73  ? -6.826  6.878   -3.571  1.00 9.76  ? 61  LEU A CA  1 
ATOM   463  C C   . LEU A 1 73  ? -8.180  7.053   -4.252  1.00 9.77  ? 61  LEU A C   1 
ATOM   464  O O   . LEU A 1 73  ? -8.982  7.838   -3.823  1.00 12.88 ? 61  LEU A O   1 
ATOM   465  C CB  . LEU A 1 73  ? -7.037  5.997   -2.346  1.00 9.55  ? 61  LEU A CB  1 
ATOM   466  C CG  . LEU A 1 73  ? -5.684  5.551   -1.756  1.00 13.11 ? 61  LEU A CG  1 
ATOM   467  C CD1 . LEU A 1 73  ? -5.889  4.866   -0.465  1.00 15.42 ? 61  LEU A CD1 1 
ATOM   468  C CD2 . LEU A 1 73  ? -4.891  4.691   -2.741  1.00 18.12 ? 61  LEU A CD2 1 
ATOM   469  N N   A PRO A 1 74  ? -8.442  6.297   -5.317  0.75 11.22 ? 62  PRO A N   1 
ATOM   470  N N   B PRO A 1 74  ? -8.463  6.251   -5.280  0.25 10.65 ? 62  PRO A N   1 
ATOM   471  C CA  . PRO A 1 74  ? -9.781  6.303   -5.907  1.00 10.73 ? 62  PRO A CA  1 
ATOM   472  C C   . PRO A 1 74  ? -10.808 5.829   -4.906  1.00 11.10 ? 62  PRO A C   1 
ATOM   473  O O   . PRO A 1 74  ? -10.563 4.906   -4.138  1.00 13.37 ? 62  PRO A O   1 
ATOM   474  C CB  A PRO A 1 74  ? -9.685  5.262   -7.011  0.75 13.36 ? 62  PRO A CB  1 
ATOM   475  C CB  B PRO A 1 74  ? -9.659  5.301   -7.048  0.25 11.68 ? 62  PRO A CB  1 
ATOM   476  C CG  A PRO A 1 74  ? -8.246  4.988   -7.218  0.75 11.21 ? 62  PRO A CG  1 
ATOM   477  C CG  B PRO A 1 74  ? -8.624  4.357   -6.604  0.25 8.29  ? 62  PRO A CG  1 
ATOM   478  C CD  A PRO A 1 74  ? -7.505  5.384   -5.980  0.75 12.13 ? 62  PRO A CD  1 
ATOM   479  C CD  B PRO A 1 74  ? -7.615  5.195   -5.863  0.25 10.53 ? 62  PRO A CD  1 
ATOM   480  N N   . GLU A 1 75  ? -11.955 6.476   -4.898  1.00 10.65 ? 63  GLU A N   1 
ATOM   481  C CA  . GLU A 1 75  ? -12.970 6.106   -3.972  1.00 12.64 ? 63  GLU A CA  1 
ATOM   482  C C   . GLU A 1 75  ? -13.751 4.852   -4.307  1.00 13.34 ? 63  GLU A C   1 
ATOM   483  O O   . GLU A 1 75  ? -14.336 4.253   -3.400  1.00 12.97 ? 63  GLU A O   1 
ATOM   484  C CB  . GLU A 1 75  ? -13.916 7.288   -3.711  1.00 15.08 ? 63  GLU A CB  1 
ATOM   485  C CG  . GLU A 1 75  ? -13.224 8.370   -2.913  1.00 16.37 ? 63  GLU A CG  1 
ATOM   486  C CD  . GLU A 1 75  ? -14.154 9.454   -2.447  1.00 25.39 ? 63  GLU A CD  1 
ATOM   487  O OE1 . GLU A 1 75  ? -14.796 9.280   -1.389  1.00 22.66 ? 63  GLU A OE1 1 
ATOM   488  O OE2 . GLU A 1 75  ? -14.188 10.492  -3.140  1.00 24.80 ? 63  GLU A OE2 1 
ATOM   489  N N   . ARG A 1 76  ? -13.781 4.494   -5.580  1.00 12.26 ? 64  ARG A N   1 
ATOM   490  C CA  . ARG A 1 76  ? -14.617 3.411   -6.072  1.00 14.70 ? 64  ARG A CA  1 
ATOM   491  C C   . ARG A 1 76  ? -13.871 2.384   -6.902  1.00 16.06 ? 64  ARG A C   1 
ATOM   492  O O   . ARG A 1 76  ? -14.491 1.563   -7.582  1.00 15.98 ? 64  ARG A O   1 
ATOM   493  C CB  . ARG A 1 76  ? -15.796 4.015   -6.874  1.00 16.38 ? 64  ARG A CB  1 
ATOM   494  C CG  . ARG A 1 76  ? -16.704 4.893   -6.053  1.00 16.97 ? 64  ARG A CG  1 
ATOM   495  C CD  . ARG A 1 76  ? -17.743 5.643   -6.851  1.00 17.13 ? 64  ARG A CD  1 
ATOM   496  N NE  . ARG A 1 76  ? -17.144 6.671   -7.704  1.00 20.16 ? 64  ARG A NE  1 
ATOM   497  C CZ  . ARG A 1 76  ? -16.757 7.869   -7.280  1.00 27.69 ? 64  ARG A CZ  1 
ATOM   498  N NH1 . ARG A 1 76  ? -16.864 8.208   -6.001  1.00 29.87 ? 64  ARG A NH1 1 
ATOM   499  N NH2 . ARG A 1 76  ? -16.242 8.730   -8.143  1.00 26.91 ? 64  ARG A NH2 1 
ATOM   500  N N   . GLN A 1 77  ? -12.532 2.425   -6.896  1.00 12.99 ? 65  GLN A N   1 
ATOM   501  C CA  . GLN A 1 77  ? -11.715 1.383   -7.522  1.00 13.98 ? 65  GLN A CA  1 
ATOM   502  C C   . GLN A 1 77  ? -10.658 0.927   -6.572  1.00 12.65 ? 65  GLN A C   1 
ATOM   503  O O   . GLN A 1 77  ? -10.247 1.715   -5.739  1.00 12.78 ? 65  GLN A O   1 
ATOM   504  C CB  . GLN A 1 77  ? -11.038 1.893   -8.776  1.00 15.23 ? 65  GLN A CB  1 
ATOM   505  C CG  . GLN A 1 77  ? -12.003 2.204   -9.935  1.00 17.90 ? 65  GLN A CG  1 
ATOM   506  C CD  . GLN A 1 77  ? -12.630 3.553   -9.852  1.00 26.61 ? 65  GLN A CD  1 
ATOM   507  O OE1 . GLN A 1 77  ? -11.940 4.522   -9.585  1.00 27.42 ? 65  GLN A OE1 1 
ATOM   508  N NE2 . GLN A 1 77  ? -13.946 3.643   -10.130 1.00 31.04 ? 65  GLN A NE2 1 
ATOM   509  N N   . PRO A 1 78  ? -10.180 -0.313  -6.672  1.00 10.87 ? 66  PRO A N   1 
ATOM   510  C CA  . PRO A 1 78  ? -9.182  -0.777  -5.762  1.00 11.38 ? 66  PRO A CA  1 
ATOM   511  C C   . PRO A 1 78  ? -7.812  -0.291  -6.121  1.00 12.52 ? 66  PRO A C   1 
ATOM   512  O O   . PRO A 1 78  ? -7.547  0.040   -7.273  1.00 11.98 ? 66  PRO A O   1 
ATOM   513  C CB  . PRO A 1 78  ? -9.219  -2.329  -5.914  1.00 12.28 ? 66  PRO A CB  1 
ATOM   514  C CG  . PRO A 1 78  ? -10.401 -2.579  -6.758  1.00 14.21 ? 66  PRO A CG  1 
ATOM   515  C CD  . PRO A 1 78  ? -10.527 -1.378  -7.631  1.00 12.48 ? 66  PRO A CD  1 
ATOM   516  N N   . ARG A 1 79  ? -6.936  -0.263  -5.138  1.00 11.99 ? 67  ARG A N   1 
ATOM   517  C CA  . ARG A 1 79  ? -5.520  -0.013  -5.350  1.00 10.62 ? 67  ARG A CA  1 
ATOM   518  C C   . ARG A 1 79  ? -4.750  -0.781  -4.315  1.00 12.36 ? 67  ARG A C   1 
ATOM   519  O O   . ARG A 1 79  ? -5.246  -1.108  -3.242  1.00 11.39 ? 67  ARG A O   1 
ATOM   520  C CB  . ARG A 1 79  ? -5.161  1.461   -5.182  1.00 9.80  ? 67  ARG A CB  1 
ATOM   521  C CG  . ARG A 1 79  ? -5.641  2.342   -6.345  1.00 11.63 ? 67  ARG A CG  1 
ATOM   522  C CD  . ARG A 1 79  ? -4.962  2.011   -7.614  1.00 12.16 ? 67  ARG A CD  1 
ATOM   523  N NE  . ARG A 1 79  ? -5.254  2.924   -8.705  1.00 11.71 ? 67  ARG A NE  1 
ATOM   524  C CZ  . ARG A 1 79  ? -6.234  2.770   -9.578  1.00 12.95 ? 67  ARG A CZ  1 
ATOM   525  N NH1 . ARG A 1 79  ? -7.128  1.798   -9.492  1.00 13.96 ? 67  ARG A NH1 1 
ATOM   526  N NH2 . ARG A 1 79  ? -6.314  3.619   -10.590 1.00 17.19 ? 67  ARG A NH2 1 
ATOM   527  N N   . PHE A 1 80  ? -3.501  -1.081  -4.646  1.00 10.20 ? 68  PHE A N   1 
ATOM   528  C CA  . PHE A 1 80  ? -2.536  -1.550  -3.696  1.00 9.97  ? 68  PHE A CA  1 
ATOM   529  C C   . PHE A 1 80  ? -1.614  -0.402  -3.318  1.00 11.33 ? 68  PHE A C   1 
ATOM   530  O O   . PHE A 1 80  ? -1.216  0.360   -4.177  1.00 11.24 ? 68  PHE A O   1 
ATOM   531  C CB  . PHE A 1 80  ? -1.707  -2.669  -4.260  1.00 12.39 ? 68  PHE A CB  1 
ATOM   532  C CG  . PHE A 1 80  ? -2.476  -3.865  -4.730  1.00 12.48 ? 68  PHE A CG  1 
ATOM   533  C CD1 . PHE A 1 80  ? -3.321  -4.584  -3.915  1.00 13.42 ? 68  PHE A CD1 1 
ATOM   534  C CD2 . PHE A 1 80  ? -2.321  -4.315  -6.005  1.00 13.79 ? 68  PHE A CD2 1 
ATOM   535  C CE1 . PHE A 1 80  ? -3.938  -5.728  -4.391  1.00 13.95 ? 68  PHE A CE1 1 
ATOM   536  C CE2 . PHE A 1 80  ? -2.928  -5.482  -6.439  1.00 14.52 ? 68  PHE A CE2 1 
ATOM   537  C CZ  . PHE A 1 80  ? -3.731  -6.142  -5.618  1.00 12.80 ? 68  PHE A CZ  1 
ATOM   538  N N   . VAL A 1 81  ? -1.210  -0.340  -2.076  1.00 10.47 ? 69  VAL A N   1 
ATOM   539  C CA  . VAL A 1 81  ? -0.333  0.687   -1.599  1.00 11.75 ? 69  VAL A CA  1 
ATOM   540  C C   . VAL A 1 81  ? 0.765   0.073   -0.748  1.00 10.06 ? 69  VAL A C   1 
ATOM   541  O O   . VAL A 1 81  ? 0.467   -0.796  0.080   1.00 11.52 ? 69  VAL A O   1 
ATOM   542  C CB  . VAL A 1 81  ? -1.077  1.676   -0.705  1.00 12.70 ? 69  VAL A CB  1 
ATOM   543  C CG1 . VAL A 1 81  ? -0.123  2.745   -0.225  1.00 14.15 ? 69  VAL A CG1 1 
ATOM   544  C CG2 . VAL A 1 81  ? -2.268  2.310   -1.420  1.00 13.89 ? 69  VAL A CG2 1 
ATOM   545  N N   . VAL A 1 82  ? 1.978   0.526   -0.925  1.00 9.96  ? 70  VAL A N   1 
ATOM   546  C CA  . VAL A 1 82  ? 3.056   0.298   0.021   1.00 10.34 ? 70  VAL A CA  1 
ATOM   547  C C   . VAL A 1 82  ? 3.401   1.649   0.614   1.00 11.53 ? 70  VAL A C   1 
ATOM   548  O O   . VAL A 1 82  ? 3.696   2.585   -0.090  1.00 12.51 ? 70  VAL A O   1 
ATOM   549  C CB  . VAL A 1 82  ? 4.272   -0.397  -0.592  1.00 12.75 ? 70  VAL A CB  1 
ATOM   550  C CG1 . VAL A 1 82  ? 5.420   -0.479  0.396   1.00 14.25 ? 70  VAL A CG1 1 
ATOM   551  C CG2 . VAL A 1 82  ? 3.882   -1.787  -1.031  1.00 11.94 ? 70  VAL A CG2 1 
ATOM   552  N N   . TYR A 1 83  ? 3.270   1.725   1.906   1.00 11.28 ? 71  TYR A N   1 
ATOM   553  C CA  . TYR A 1 83  ? 3.437   2.977   2.613   1.00 11.67 ? 71  TYR A CA  1 
ATOM   554  C C   . TYR A 1 83  ? 4.579   2.817   3.626   1.00 10.94 ? 71  TYR A C   1 
ATOM   555  O O   . TYR A 1 83  ? 4.556   1.957   4.486   1.00 13.09 ? 71  TYR A O   1 
ATOM   556  C CB  . TYR A 1 83  ? 2.124   3.345   3.328   1.00 11.09 ? 71  TYR A CB  1 
ATOM   557  C CG  . TYR A 1 83  ? 2.082   4.742   3.914   1.00 12.20 ? 71  TYR A CG  1 
ATOM   558  C CD1 . TYR A 1 83  ? 2.595   5.837   3.263   1.00 12.39 ? 71  TYR A CD1 1 
ATOM   559  C CD2 . TYR A 1 83  ? 1.459   4.980   5.101   1.00 12.53 ? 71  TYR A CD2 1 
ATOM   560  C CE1 . TYR A 1 83  ? 2.530   7.111   3.786   1.00 14.29 ? 71  TYR A CE1 1 
ATOM   561  C CE2 . TYR A 1 83  ? 1.375   6.232   5.614   1.00 13.24 ? 71  TYR A CE2 1 
ATOM   562  C CZ  . TYR A 1 83  ? 1.930   7.306   4.979   1.00 12.17 ? 71  TYR A CZ  1 
ATOM   563  O OH  . TYR A 1 83  ? 1.818   8.546   5.489   1.00 12.93 ? 71  TYR A OH  1 
ATOM   564  N N   . SER A 1 84  ? 5.568   3.676   3.480   1.00 11.86 ? 72  SER A N   1 
ATOM   565  C CA  . SER A 1 84  ? 6.665   3.770   4.440   1.00 12.65 ? 72  SER A CA  1 
ATOM   566  C C   . SER A 1 84  ? 6.316   4.915   5.370   1.00 12.88 ? 72  SER A C   1 
ATOM   567  O O   . SER A 1 84  ? 6.298   6.074   4.950   1.00 13.50 ? 72  SER A O   1 
ATOM   568  C CB  . SER A 1 84  ? 7.953   4.075   3.691   1.00 13.33 ? 72  SER A CB  1 
ATOM   569  O OG  . SER A 1 84  ? 9.024   4.191   4.628   1.00 15.66 ? 72  SER A OG  1 
ATOM   570  N N   . TYR A 1 85  ? 6.017   4.585   6.608   1.00 11.80 ? 73  TYR A N   1 
ATOM   571  C CA  . TYR A 1 85  ? 5.500   5.571   7.545   1.00 12.49 ? 73  TYR A CA  1 
ATOM   572  C C   . TYR A 1 85  ? 6.451   5.763   8.707   1.00 13.73 ? 73  TYR A C   1 
ATOM   573  O O   . TYR A 1 85  ? 6.914   4.793   9.296   1.00 13.92 ? 73  TYR A O   1 
ATOM   574  C CB  . TYR A 1 85  ? 4.171   5.038   8.060   1.00 13.27 ? 73  TYR A CB  1 
ATOM   575  C CG  . TYR A 1 85  ? 3.553   5.872   9.146   1.00 12.80 ? 73  TYR A CG  1 
ATOM   576  C CD1 . TYR A 1 85  ? 3.041   7.132   8.890   1.00 15.81 ? 73  TYR A CD1 1 
ATOM   577  C CD2 . TYR A 1 85  ? 3.479   5.367   10.433  1.00 12.23 ? 73  TYR A CD2 1 
ATOM   578  C CE1 . TYR A 1 85  ? 2.493   7.876   9.905   1.00 12.83 ? 73  TYR A CE1 1 
ATOM   579  C CE2 . TYR A 1 85  ? 2.954   6.114   11.448  1.00 14.74 ? 73  TYR A CE2 1 
ATOM   580  C CZ  . TYR A 1 85  ? 2.448   7.351   11.176  1.00 14.04 ? 73  TYR A CZ  1 
ATOM   581  O OH  . TYR A 1 85  ? 1.939   8.055   12.249  1.00 15.77 ? 73  TYR A OH  1 
ATOM   582  N N   . LYS A 1 86  ? 6.714   7.023   9.055   1.00 13.74 ? 74  LYS A N   1 
ATOM   583  C CA  . LYS A 1 86  ? 7.513   7.327   10.198  1.00 15.07 ? 74  LYS A CA  1 
ATOM   584  C C   . LYS A 1 86  ? 6.647   7.282   11.430  1.00 13.21 ? 74  LYS A C   1 
ATOM   585  O O   . LYS A 1 86  ? 5.791   8.169   11.620  1.00 13.44 ? 74  LYS A O   1 
ATOM   586  C CB  . LYS A 1 86  ? 8.126   8.703   10.030  1.00 18.27 ? 74  LYS A CB  1 
ATOM   587  C CG  . LYS A 1 86  ? 8.991   9.102   11.165  1.00 22.10 ? 74  LYS A CG  1 
ATOM   588  C CD  . LYS A 1 86  ? 9.553   10.483  10.887  1.00 28.28 ? 74  LYS A CD  1 
ATOM   589  C CE  . LYS A 1 86  ? 9.984   11.132  12.123  1.00 29.51 ? 74  LYS A CE  1 
ATOM   590  N NZ  . LYS A 1 86  ? 10.260  12.551  11.853  1.00 24.11 ? 74  LYS A NZ  1 
ATOM   591  N N   . TYR A 1 87  ? 6.849   6.269   12.260  1.00 12.76 ? 75  TYR A N   1 
ATOM   592  C CA  . TYR A 1 87  ? 6.045   6.066   13.446  1.00 12.85 ? 75  TYR A CA  1 
ATOM   593  C C   . TYR A 1 87  ? 6.805   6.622   14.632  1.00 13.25 ? 75  TYR A C   1 
ATOM   594  O O   . TYR A 1 87  ? 7.880   6.126   14.966  1.00 11.45 ? 75  TYR A O   1 
ATOM   595  C CB  . TYR A 1 87  ? 5.817   4.570   13.643  1.00 15.04 ? 75  TYR A CB  1 
ATOM   596  C CG  . TYR A 1 87  ? 4.933   4.191   14.782  1.00 15.93 ? 75  TYR A CG  1 
ATOM   597  C CD1 . TYR A 1 87  ? 5.384   4.244   16.106  1.00 17.76 ? 75  TYR A CD1 1 
ATOM   598  C CD2 . TYR A 1 87  ? 3.641   3.740   14.559  1.00 16.85 ? 75  TYR A CD2 1 
ATOM   599  C CE1 . TYR A 1 87  ? 4.554   3.861   17.155  1.00 20.86 ? 75  TYR A CE1 1 
ATOM   600  C CE2 . TYR A 1 87  ? 2.826   3.353   15.600  1.00 19.50 ? 75  TYR A CE2 1 
ATOM   601  C CZ  . TYR A 1 87  ? 3.266   3.432   16.880  1.00 23.02 ? 75  TYR A CZ  1 
ATOM   602  O OH  . TYR A 1 87  ? 2.423   3.049   17.896  1.00 23.24 ? 75  TYR A OH  1 
ATOM   603  N N   . VAL A 1 88  ? 6.275   7.681   15.241  1.00 14.62 ? 76  VAL A N   1 
ATOM   604  C CA  . VAL A 1 88  ? 6.941   8.329   16.344  1.00 13.80 ? 76  VAL A CA  1 
ATOM   605  C C   . VAL A 1 88  ? 6.285   7.798   17.593  1.00 11.99 ? 76  VAL A C   1 
ATOM   606  O O   . VAL A 1 88  ? 5.079   8.009   17.807  1.00 14.90 ? 76  VAL A O   1 
ATOM   607  C CB  . VAL A 1 88  ? 6.915   9.841   16.230  1.00 15.00 ? 76  VAL A CB  1 
ATOM   608  C CG1 . VAL A 1 88  ? 7.685   10.465  17.388  1.00 16.91 ? 76  VAL A CG1 1 
ATOM   609  C CG2 . VAL A 1 88  ? 7.513   10.264  14.941  1.00 14.87 ? 76  VAL A CG2 1 
ATOM   610  N N   . HIS A 1 89  ? 7.049   7.078   18.393  1.00 13.61 ? 77  HIS A N   1 
ATOM   611  C CA  . HIS A 1 89  ? 6.561   6.524   19.647  1.00 16.02 ? 77  HIS A CA  1 
ATOM   612  C C   . HIS A 1 89  ? 6.335   7.696   20.613  1.00 16.71 ? 77  HIS A C   1 
ATOM   613  O O   . HIS A 1 89  ? 6.906   8.777   20.432  1.00 17.30 ? 77  HIS A O   1 
ATOM   614  C CB  . HIS A 1 89  ? 7.572   5.532   20.198  1.00 16.27 ? 77  HIS A CB  1 
ATOM   615  C CG  . HIS A 1 89  ? 7.823   4.358   19.295  1.00 21.78 ? 77  HIS A CG  1 
ATOM   616  N ND1 . HIS A 1 89  ? 7.285   3.109   19.526  1.00 29.85 ? 77  HIS A ND1 1 
ATOM   617  C CD2 . HIS A 1 89  ? 8.549   4.245   18.157  1.00 24.52 ? 77  HIS A CD2 1 
ATOM   618  C CE1 . HIS A 1 89  ? 7.677   2.278   18.575  1.00 30.03 ? 77  HIS A CE1 1 
ATOM   619  N NE2 . HIS A 1 89  ? 8.423   2.948   17.717  1.00 23.13 ? 77  HIS A NE2 1 
ATOM   620  N N   . ASP A 1 90  ? 5.512   7.500   21.640  1.00 20.35 ? 78  ASP A N   1 
ATOM   621  C CA  . ASP A 1 90  ? 5.161   8.617   22.527  1.00 18.25 ? 78  ASP A CA  1 
ATOM   622  C C   . ASP A 1 90  ? 6.388   9.232   23.184  1.00 18.34 ? 78  ASP A C   1 
ATOM   623  O O   . ASP A 1 90  ? 6.416   10.449  23.430  1.00 17.99 ? 78  ASP A O   1 
ATOM   624  C CB  . ASP A 1 90  ? 4.177   8.184   23.617  1.00 19.44 ? 78  ASP A CB  1 
ATOM   625  C CG  . ASP A 1 90  ? 2.825   7.811   23.063  1.00 25.87 ? 78  ASP A CG  1 
ATOM   626  O OD1 . ASP A 1 90  ? 2.543   8.113   21.880  1.00 31.19 ? 78  ASP A OD1 1 
ATOM   627  O OD2 . ASP A 1 90  ? 1.957   7.240   23.760  1.00 40.13 ? 78  ASP A OD2 1 
ATOM   628  N N   . ASP A 1 91  ? 7.396   8.405   23.460  1.00 16.30 ? 79  ASP A N   1 
ATOM   629  C CA  . ASP A 1 91  ? 8.640   8.876   24.071  1.00 16.73 ? 79  ASP A CA  1 
ATOM   630  C C   . ASP A 1 91  ? 9.664   9.450   23.097  1.00 15.34 ? 79  ASP A C   1 
ATOM   631  O O   . ASP A 1 91  ? 10.731  9.902   23.521  1.00 16.94 ? 79  ASP A O   1 
ATOM   632  C CB  . ASP A 1 91  ? 9.266   7.772   24.919  1.00 18.30 ? 79  ASP A CB  1 
ATOM   633  C CG  . ASP A 1 91  ? 9.920   6.676   24.109  1.00 22.71 ? 79  ASP A CG  1 
ATOM   634  O OD1 . ASP A 1 91  ? 9.818   6.630   22.853  1.00 21.09 ? 79  ASP A OD1 1 
ATOM   635  O OD2 . ASP A 1 91  ? 10.579  5.788   24.693  1.00 28.29 ? 79  ASP A OD2 1 
ATOM   636  N N   . GLY A 1 92  ? 9.337   9.429   21.803  1.00 11.33 ? 80  GLY A N   1 
ATOM   637  C CA  . GLY A 1 92  ? 10.188  10.020  20.793  1.00 11.34 ? 80  GLY A CA  1 
ATOM   638  C C   . GLY A 1 92  ? 11.070  9.092   20.008  1.00 11.88 ? 80  GLY A C   1 
ATOM   639  O O   . GLY A 1 92  ? 11.697  9.525   19.040  1.00 11.48 ? 80  GLY A O   1 
ATOM   640  N N   . ARG A 1 93  ? 11.110  7.803   20.382  1.00 12.31 ? 81  ARG A N   1 
ATOM   641  C CA  . ARG A 1 93  ? 11.737  6.803   19.515  1.00 15.54 ? 81  ARG A CA  1 
ATOM   642  C C   . ARG A 1 93  ? 10.967  6.807   18.212  1.00 13.08 ? 81  ARG A C   1 
ATOM   643  O O   . ARG A 1 93  ? 9.797   7.152   18.168  1.00 12.19 ? 81  ARG A O   1 
ATOM   644  C CB  . ARG A 1 93  ? 11.691  5.403   20.112  1.00 15.10 ? 81  ARG A CB  1 
ATOM   645  C CG  . ARG A 1 93  ? 12.646  5.166   21.269  1.00 19.30 ? 81  ARG A CG  1 
ATOM   646  C CD  . ARG A 1 93  ? 12.374  3.828   21.983  1.00 23.07 ? 81  ARG A CD  1 
ATOM   647  N NE  . ARG A 1 93  ? 11.037  3.843   22.576  1.00 26.93 ? 81  ARG A NE  1 
ATOM   648  C CZ  . ARG A 1 93  ? 10.233  2.794   22.706  1.00 34.01 ? 81  ARG A CZ  1 
ATOM   649  N NH1 . ARG A 1 93  ? 10.586  1.586   22.262  1.00 36.90 ? 81  ARG A NH1 1 
ATOM   650  N NH2 . ARG A 1 93  ? 9.039   2.966   23.269  1.00 32.53 ? 81  ARG A NH2 1 
ATOM   651  N N   . VAL A 1 94  ? 11.666  6.455   17.146  1.00 13.71 ? 82  VAL A N   1 
ATOM   652  C CA  . VAL A 1 94  ? 11.077  6.431   15.841  1.00 13.49 ? 82  VAL A CA  1 
ATOM   653  C C   . VAL A 1 94  ? 11.361  5.072   15.209  1.00 14.14 ? 82  VAL A C   1 
ATOM   654  O O   . VAL A 1 94  ? 12.468  4.533   15.309  1.00 14.86 ? 82  VAL A O   1 
ATOM   655  C CB  . VAL A 1 94  ? 11.629  7.588   14.969  1.00 14.00 ? 82  VAL A CB  1 
ATOM   656  C CG1 . VAL A 1 94  ? 11.039  7.617   13.604  1.00 20.06 ? 82  VAL A CG1 1 
ATOM   657  C CG2 . VAL A 1 94  ? 11.356  8.922   15.634  1.00 15.15 ? 82  VAL A CG2 1 
ATOM   658  N N   . SER A 1 95  ? 10.338  4.552   14.554  1.00 12.97 ? 83  SER A N   1 
ATOM   659  C CA  . SER A 1 95  ? 10.436  3.413   13.661  1.00 12.15 ? 83  SER A CA  1 
ATOM   660  C C   . SER A 1 95  ? 9.925   3.793   12.282  1.00 13.78 ? 83  SER A C   1 
ATOM   661  O O   . SER A 1 95  ? 9.180   4.747   12.120  1.00 11.91 ? 83  SER A O   1 
ATOM   662  C CB  A SER A 1 95  ? 9.551   2.282   14.219  0.65 12.94 ? 83  SER A CB  1 
ATOM   663  C CB  B SER A 1 95  ? 9.724   2.170   14.199  0.35 14.13 ? 83  SER A CB  1 
ATOM   664  O OG  A SER A 1 95  ? 9.930   1.936   15.558  0.65 19.56 ? 83  SER A OG  1 
ATOM   665  O OG  B SER A 1 95  ? 8.388   2.414   14.542  0.35 16.49 ? 83  SER A OG  1 
ATOM   666  N N   . TYR A 1 96  ? 10.301  3.020   11.273  1.00 13.56 ? 84  TYR A N   1 
ATOM   667  C CA  . TYR A 1 96  ? 9.902   3.291   9.902   1.00 12.80 ? 84  TYR A CA  1 
ATOM   668  C C   . TYR A 1 96  ? 9.278   2.043   9.290   1.00 13.85 ? 84  TYR A C   1 
ATOM   669  O O   . TYR A 1 96  ? 9.818   1.454   8.364   1.00 15.85 ? 84  TYR A O   1 
ATOM   670  C CB  . TYR A 1 96  ? 11.130  3.753   9.100   1.00 14.77 ? 84  TYR A CB  1 
ATOM   671  C CG  . TYR A 1 96  ? 11.765  4.986   9.686   1.00 15.31 ? 84  TYR A CG  1 
ATOM   672  C CD1 . TYR A 1 96  ? 11.331  6.252   9.335   1.00 15.93 ? 84  TYR A CD1 1 
ATOM   673  C CD2 . TYR A 1 96  ? 12.793  4.877   10.604  1.00 16.29 ? 84  TYR A CD2 1 
ATOM   674  C CE1 . TYR A 1 96  ? 11.931  7.394   9.879   1.00 16.44 ? 84  TYR A CE1 1 
ATOM   675  C CE2 . TYR A 1 96  ? 13.388  6.009   11.154  1.00 16.15 ? 84  TYR A CE2 1 
ATOM   676  C CZ  . TYR A 1 96  ? 12.937  7.254   10.798  1.00 15.75 ? 84  TYR A CZ  1 
ATOM   677  O OH  . TYR A 1 96  ? 13.546  8.377   11.353  1.00 17.34 ? 84  TYR A OH  1 
ATOM   678  N N   . PRO A 1 97  ? 8.154   1.618   9.837   1.00 12.71 ? 85  PRO A N   1 
ATOM   679  C CA  . PRO A 1 97  ? 7.498   0.450   9.308   1.00 12.45 ? 85  PRO A CA  1 
ATOM   680  C C   . PRO A 1 97  ? 7.107   0.628   7.867   1.00 14.86 ? 85  PRO A C   1 
ATOM   681  O O   . PRO A 1 97  ? 6.684   1.719   7.443   1.00 13.94 ? 85  PRO A O   1 
ATOM   682  C CB  . PRO A 1 97  ? 6.229   0.354   10.147  1.00 14.58 ? 85  PRO A CB  1 
ATOM   683  C CG  . PRO A 1 97  ? 6.020   1.725   10.687  1.00 14.85 ? 85  PRO A CG  1 
ATOM   684  C CD  . PRO A 1 97  ? 7.381   2.230   10.925  1.00 13.93 ? 85  PRO A CD  1 
ATOM   685  N N   . LEU A 1 98  ? 7.166   -0.481  7.144   1.00 13.26 ? 86  LEU A N   1 
ATOM   686  C CA  . LEU A 1 98  ? 6.757   -0.539  5.767   1.00 14.42 ? 86  LEU A CA  1 
ATOM   687  C C   . LEU A 1 98  ? 5.500   -1.354  5.778   1.00 14.37 ? 86  LEU A C   1 
ATOM   688  O O   . LEU A 1 98  ? 5.494   -2.481  6.266   1.00 17.91 ? 86  LEU A O   1 
ATOM   689  C CB  . LEU A 1 98  ? 7.831   -1.245  4.942   1.00 14.72 ? 86  LEU A CB  1 
ATOM   690  C CG  . LEU A 1 98  ? 7.747   -1.176  3.431   1.00 20.11 ? 86  LEU A CG  1 
ATOM   691  C CD1 . LEU A 1 98  ? 7.878   0.235   2.999   1.00 20.03 ? 86  LEU A CD1 1 
ATOM   692  C CD2 . LEU A 1 98  ? 8.889   -2.009  2.858   1.00 21.46 ? 86  LEU A CD2 1 
ATOM   693  N N   A CYS A 1 99  ? 4.425   -0.733  5.296   0.50 14.03 ? 87  CYS A N   1 
ATOM   694  N N   B CYS A 1 99  ? 4.408   -0.838  5.275   0.50 14.06 ? 87  CYS A N   1 
ATOM   695  C CA  A CYS A 1 99  ? 3.058   -1.247  5.403   0.50 13.73 ? 87  CYS A CA  1 
ATOM   696  C CA  B CYS A 1 99  ? 3.234   -1.676  5.285   0.50 13.63 ? 87  CYS A CA  1 
ATOM   697  C C   A CYS A 1 99  ? 2.543   -1.601  3.960   0.50 12.43 ? 87  CYS A C   1 
ATOM   698  C C   B CYS A 1 99  ? 2.416   -1.547  4.032   0.50 13.91 ? 87  CYS A C   1 
ATOM   699  O O   A CYS A 1 99  ? 2.970   -0.975  2.993   0.50 7.77  ? 87  CYS A O   1 
ATOM   700  O O   B CYS A 1 99  ? 2.362   -0.489  3.346   0.50 16.92 ? 87  CYS A O   1 
ATOM   701  C CB  A CYS A 1 99  ? 2.152   -0.200  6.132   0.50 13.62 ? 87  CYS A CB  1 
ATOM   702  C CB  B CYS A 1 99  ? 2.325   -1.338  6.440   0.50 12.44 ? 87  CYS A CB  1 
ATOM   703  S SG  A CYS A 1 99  ? 2.738   0.614   7.686   0.50 16.60 ? 87  CYS A SG  1 
ATOM   704  S SG  B CYS A 1 99  ? 1.557   0.254   6.141   0.50 12.82 ? 87  CYS A SG  1 
ATOM   705  N N   . PHE A 1 100 ? 1.735   -2.647  3.803   1.00 13.06 ? 88  PHE A N   1 
ATOM   706  C CA  . PHE A 1 100 ? 0.931   -2.846  2.598   1.00 12.03 ? 88  PHE A CA  1 
ATOM   707  C C   . PHE A 1 100 ? -0.505  -2.471  2.973   1.00 12.71 ? 88  PHE A C   1 
ATOM   708  O O   . PHE A 1 100 ? -1.002  -2.948  4.024   1.00 12.61 ? 88  PHE A O   1 
ATOM   709  C CB  . PHE A 1 100 ? 1.019   -4.285  2.162   1.00 14.27 ? 88  PHE A CB  1 
ATOM   710  C CG  . PHE A 1 100 ? 0.335   -4.567  0.864   1.00 12.01 ? 88  PHE A CG  1 
ATOM   711  C CD1 . PHE A 1 100 ? 1.020   -4.420  -0.315  1.00 15.90 ? 88  PHE A CD1 1 
ATOM   712  C CD2 . PHE A 1 100 ? -0.963  -4.989  0.808   1.00 12.88 ? 88  PHE A CD2 1 
ATOM   713  C CE1 . PHE A 1 100 ? 0.421   -4.691  -1.516  1.00 17.01 ? 88  PHE A CE1 1 
ATOM   714  C CE2 . PHE A 1 100 ? -1.562  -5.244  -0.408  1.00 15.93 ? 88  PHE A CE2 1 
ATOM   715  C CZ  . PHE A 1 100 ? -0.877  -5.087  -1.547  1.00 15.72 ? 88  PHE A CZ  1 
ATOM   716  N N   . ILE A 1 101 ? -1.185  -1.703  2.124   1.00 11.49 ? 89  ILE A N   1 
ATOM   717  C CA  . ILE A 1 101 ? -2.596  -1.401  2.299   1.00 12.08 ? 89  ILE A CA  1 
ATOM   718  C C   . ILE A 1 101 ? -3.304  -1.801  1.004   1.00 11.11 ? 89  ILE A C   1 
ATOM   719  O O   . ILE A 1 101 ? -3.015  -1.293  -0.057  1.00 11.03 ? 89  ILE A O   1 
ATOM   720  C CB  . ILE A 1 101 ? -2.829  0.059   2.621   1.00 12.96 ? 89  ILE A CB  1 
ATOM   721  C CG1 . ILE A 1 101 ? -2.081  0.443   3.889   1.00 11.94 ? 89  ILE A CG1 1 
ATOM   722  C CG2 . ILE A 1 101 ? -4.325  0.317   2.764   1.00 15.78 ? 89  ILE A CG2 1 
ATOM   723  C CD1 . ILE A 1 101 ? -2.087  1.885   4.169   1.00 15.10 ? 89  ILE A CD1 1 
ATOM   724  N N   . PHE A 1 102 ? -4.218  -2.737  1.116   1.00 10.86 ? 90  PHE A N   1 
ATOM   725  C CA  . PHE A 1 102 ? -5.128  -3.019  0.045   1.00 10.98 ? 90  PHE A CA  1 
ATOM   726  C C   . PHE A 1 102 ? -6.341  -2.142  0.238   1.00 12.67 ? 90  PHE A C   1 
ATOM   727  O O   . PHE A 1 102 ? -7.119  -2.341  1.145   1.00 11.53 ? 90  PHE A O   1 
ATOM   728  C CB  . PHE A 1 102 ? -5.482  -4.507  0.089   1.00 13.45 ? 90  PHE A CB  1 
ATOM   729  C CG  . PHE A 1 102 ? -6.461  -4.971  -0.975  1.00 12.48 ? 90  PHE A CG  1 
ATOM   730  C CD1 . PHE A 1 102 ? -6.582  -4.319  -2.197  1.00 11.53 ? 90  PHE A CD1 1 
ATOM   731  C CD2 . PHE A 1 102 ? -7.195  -6.135  -0.793  1.00 12.36 ? 90  PHE A CD2 1 
ATOM   732  C CE1 . PHE A 1 102 ? -7.470  -4.776  -3.170  1.00 13.53 ? 90  PHE A CE1 1 
ATOM   733  C CE2 . PHE A 1 102 ? -8.042  -6.593  -1.747  1.00 12.15 ? 90  PHE A CE2 1 
ATOM   734  C CZ  . PHE A 1 102 ? -8.192  -5.876  -2.938  1.00 12.12 ? 90  PHE A CZ  1 
ATOM   735  N N   . SER A 1 103 ? -6.486  -1.173  -0.625  1.00 10.86 ? 91  SER A N   1 
ATOM   736  C CA  . SER A 1 103 ? -7.683  -0.361  -0.649  1.00 10.46 ? 91  SER A CA  1 
ATOM   737  C C   . SER A 1 103 ? -8.677  -1.031  -1.547  1.00 10.90 ? 91  SER A C   1 
ATOM   738  O O   . SER A 1 103 ? -8.528  -1.083  -2.773  1.00 10.55 ? 91  SER A O   1 
ATOM   739  C CB  . SER A 1 103 ? -7.355  1.023   -1.153  1.00 11.39 ? 91  SER A CB  1 
ATOM   740  O OG  . SER A 1 103 ? -8.537  1.822   -1.215  1.00 12.42 ? 91  SER A OG  1 
ATOM   741  N N   . SER A 1 104 ? -9.753  -1.547  -0.950  1.00 12.92 ? 92  SER A N   1 
ATOM   742  C CA  . SER A 1 104 ? -10.804 -2.260  -1.675  1.00 11.54 ? 92  SER A CA  1 
ATOM   743  C C   . SER A 1 104 ? -12.136 -1.650  -1.295  1.00 11.07 ? 92  SER A C   1 
ATOM   744  O O   . SER A 1 104 ? -12.883 -2.237  -0.517  1.00 11.14 ? 92  SER A O   1 
ATOM   745  C CB  . SER A 1 104 ? -10.712 -3.704  -1.264  1.00 15.22 ? 92  SER A CB  1 
ATOM   746  O OG  . SER A 1 104 ? -11.587 -4.487  -2.023  1.00 16.51 ? 92  SER A OG  1 
ATOM   747  N N   . PRO A 1 105 ? -12.463 -0.487  -1.855  1.00 12.73 ? 93  PRO A N   1 
ATOM   748  C CA  . PRO A 1 105 ? -13.705 0.182   -1.506  1.00 12.34 ? 93  PRO A CA  1 
ATOM   749  C C   . PRO A 1 105 ? -14.896 -0.682  -1.835  1.00 12.73 ? 93  PRO A C   1 
ATOM   750  O O   . PRO A 1 105 ? -14.971 -1.342  -2.873  1.00 12.96 ? 93  PRO A O   1 
ATOM   751  C CB  . PRO A 1 105 ? -13.718 1.416   -2.398  1.00 13.28 ? 93  PRO A CB  1 
ATOM   752  C CG  . PRO A 1 105 ? -12.321 1.666   -2.655  1.00 16.72 ? 93  PRO A CG  1 
ATOM   753  C CD  . PRO A 1 105 ? -11.671 0.325   -2.794  1.00 15.25 ? 93  PRO A CD  1 
ATOM   754  N N   . VAL A 1 106 ? -15.874 -0.622  -0.949  1.00 13.03 ? 94  VAL A N   1 
ATOM   755  C CA  . VAL A 1 106 ? -17.105 -1.415  -1.142  1.00 13.33 ? 94  VAL A CA  1 
ATOM   756  C C   . VAL A 1 106 ? -17.890 -1.048  -2.394  1.00 12.13 ? 94  VAL A C   1 
ATOM   757  O O   . VAL A 1 106 ? -18.618 -1.876  -2.958  1.00 11.55 ? 94  VAL A O   1 
ATOM   758  C CB  . VAL A 1 106 ? -18.004 -1.367  0.079   1.00 14.40 ? 94  VAL A CB  1 
ATOM   759  C CG1 . VAL A 1 106 ? -17.380 -2.179  1.180   1.00 18.67 ? 94  VAL A CG1 1 
ATOM   760  C CG2 . VAL A 1 106 ? -18.295 0.076   0.515   1.00 15.02 ? 94  VAL A CG2 1 
ATOM   761  N N   . GLY A 1 107 ? -17.669 0.157   -2.889  1.00 12.83 ? 95  GLY A N   1 
ATOM   762  C CA  . GLY A 1 107 ? -18.287 0.592   -4.126  1.00 11.69 ? 95  GLY A CA  1 
ATOM   763  C C   . GLY A 1 107 ? -17.617 0.115   -5.404  1.00 11.62 ? 95  GLY A C   1 
ATOM   764  O O   . GLY A 1 107 ? -18.061 0.501   -6.513  1.00 11.88 ? 95  GLY A O   1 
ATOM   765  N N   . CYS A 1 108 ? -16.542 -0.652  -5.303  1.00 12.45 ? 96  CYS A N   1 
ATOM   766  C CA  . CYS A 1 108 ? -15.957 -1.214  -6.524  1.00 12.75 ? 96  CYS A CA  1 
ATOM   767  C C   . CYS A 1 108 ? -16.782 -2.395  -7.033  1.00 11.24 ? 96  CYS A C   1 
ATOM   768  O O   . CYS A 1 108 ? -17.356 -3.148  -6.240  1.00 11.86 ? 96  CYS A O   1 
ATOM   769  C CB  A CYS A 1 108 ? -14.474 -1.474  -6.412  0.50 14.67 ? 96  CYS A CB  1 
ATOM   770  C CB  B CYS A 1 108 ? -14.574 -1.834  -6.258  0.50 11.76 ? 96  CYS A CB  1 
ATOM   771  S SG  A CYS A 1 108 ? -14.038 -2.936  -5.552  0.50 18.97 ? 96  CYS A SG  1 
ATOM   772  S SG  B CYS A 1 108 ? -13.332 -0.916  -5.320  0.50 16.46 ? 96  CYS A SG  1 
ATOM   773  N N   . LYS A 1 109 ? -16.776 -2.598  -8.334  1.00 13.43 ? 97  LYS A N   1 
ATOM   774  C CA  . LYS A 1 109 ? -17.395 -3.795  -8.864  1.00 13.56 ? 97  LYS A CA  1 
ATOM   775  C C   . LYS A 1 109 ? -16.738 -5.046  -8.321  1.00 13.58 ? 97  LYS A C   1 
ATOM   776  O O   . LYS A 1 109 ? -15.504 -5.116  -8.265  1.00 13.31 ? 97  LYS A O   1 
ATOM   777  C CB  . LYS A 1 109 ? -17.297 -3.843  -10.378 1.00 15.99 ? 97  LYS A CB  1 
ATOM   778  C CG  . LYS A 1 109 ? -18.222 -2.892  -11.045 1.00 21.36 ? 97  LYS A CG  1 
ATOM   779  C CD  . LYS A 1 109 ? -18.256 -3.183  -12.537 1.00 21.74 ? 97  LYS A CD  1 
ATOM   780  C CE  . LYS A 1 109 ? -19.283 -2.358  -13.267 1.00 27.96 ? 97  LYS A CE  1 
ATOM   781  N NZ  . LYS A 1 109 ? -19.223 -2.661  -14.739 1.00 32.70 ? 97  LYS A NZ  1 
ATOM   782  N N   . PRO A 1 110 ? -17.520 -6.049  -7.946  1.00 13.78 ? 98  PRO A N   1 
ATOM   783  C CA  . PRO A 1 110 ? -16.934 -7.302  -7.498  1.00 16.00 ? 98  PRO A CA  1 
ATOM   784  C C   . PRO A 1 110 ? -15.873 -7.874  -8.437  1.00 14.30 ? 98  PRO A C   1 
ATOM   785  O O   . PRO A 1 110 ? -14.862 -8.354  -7.950  1.00 12.51 ? 98  PRO A O   1 
ATOM   786  C CB  . PRO A 1 110 ? -18.143 -8.227  -7.390  1.00 16.99 ? 98  PRO A CB  1 
ATOM   787  C CG  . PRO A 1 110 ? -19.296 -7.275  -7.035  1.00 17.83 ? 98  PRO A CG  1 
ATOM   788  C CD  . PRO A 1 110 ? -18.988 -6.016  -7.785  1.00 14.41 ? 98  PRO A CD  1 
ATOM   789  N N   . GLU A 1 111 ? -16.081 -7.824  -9.753  1.00 12.88 ? 99  GLU A N   1 
ATOM   790  C CA  . GLU A 1 111 ? -15.092 -8.400  -10.671 1.00 15.82 ? 99  GLU A CA  1 
ATOM   791  C C   . GLU A 1 111 ? -13.755 -7.733  -10.463 1.00 14.12 ? 99  GLU A C   1 
ATOM   792  O O   . GLU A 1 111 ? -12.716 -8.389  -10.434 1.00 12.39 ? 99  GLU A O   1 
ATOM   793  C CB  . GLU A 1 111 ? -15.559 -8.290  -12.133 1.00 16.94 ? 99  GLU A CB  1 
ATOM   794  C CG  . GLU A 1 111 ? -14.535 -8.824  -13.121 1.00 21.21 ? 99  GLU A CG  1 
ATOM   795  C CD  . GLU A 1 111 ? -14.981 -8.755  -14.568 1.00 21.81 ? 99  GLU A CD  1 
ATOM   796  O OE1 . GLU A 1 111 ? -16.146 -8.368  -14.805 1.00 26.14 ? 99  GLU A OE1 1 
ATOM   797  O OE2 . GLU A 1 111 ? -14.142 -9.100  -15.446 1.00 28.76 ? 99  GLU A OE2 1 
ATOM   798  N N   . GLN A 1 112 ? -13.777 -6.428  -10.255 1.00 13.32 ? 100 GLN A N   1 
ATOM   799  C CA  . GLN A 1 112 ? -12.545 -5.665  -10.127 1.00 13.62 ? 100 GLN A CA  1 
ATOM   800  C C   . GLN A 1 112 ? -11.925 -5.887  -8.775  1.00 12.26 ? 100 GLN A C   1 
ATOM   801  O O   . GLN A 1 112 ? -10.723 -6.119  -8.676  1.00 12.20 ? 100 GLN A O   1 
ATOM   802  C CB  . GLN A 1 112 ? -12.775 -4.189  -10.364 1.00 14.56 ? 100 GLN A CB  1 
ATOM   803  C CG  . GLN A 1 112 ? -11.496 -3.422  -10.405 1.00 22.18 ? 100 GLN A CG  1 
ATOM   804  C CD  . GLN A 1 112 ? -11.729 -1.957  -10.639 1.00 26.44 ? 100 GLN A CD  1 
ATOM   805  O OE1 . GLN A 1 112 ? -12.703 -1.400  -10.116 1.00 26.67 ? 100 GLN A OE1 1 
ATOM   806  N NE2 . GLN A 1 112 ? -10.810 -1.309  -11.347 1.00 24.62 ? 100 GLN A NE2 1 
ATOM   807  N N   . GLN A 1 113 ? -12.752 -5.923  -7.742  1.00 12.54 ? 101 GLN A N   1 
ATOM   808  C CA  . GLN A 1 113 ? -12.318 -6.284  -6.410  1.00 13.55 ? 101 GLN A CA  1 
ATOM   809  C C   . GLN A 1 113 ? -11.587 -7.592  -6.431  1.00 11.73 ? 101 GLN A C   1 
ATOM   810  O O   . GLN A 1 113 ? -10.491 -7.695  -5.921  1.00 13.09 ? 101 GLN A O   1 
ATOM   811  C CB  . GLN A 1 113 ? -13.518 -6.388  -5.459  1.00 15.89 ? 101 GLN A CB  1 
ATOM   812  C CG  . GLN A 1 113 ? -13.219 -6.310  -3.978  1.00 21.14 ? 101 GLN A CG  1 
ATOM   813  C CD  . GLN A 1 113 ? -12.443 -7.480  -3.386  1.00 22.93 ? 101 GLN A CD  1 
ATOM   814  O OE1 . GLN A 1 113 ? -11.585 -7.295  -2.487  1.00 21.25 ? 101 GLN A OE1 1 
ATOM   815  N NE2 . GLN A 1 113 ? -12.774 -8.688  -3.825  1.00 16.73 ? 101 GLN A NE2 1 
ATOM   816  N N   . MET A 1 114 ? -12.189 -8.588  -7.067  1.00 12.65 ? 102 MET A N   1 
ATOM   817  C CA  . MET A 1 114 ? -11.649 -9.921  -7.037  1.00 13.07 ? 102 MET A CA  1 
ATOM   818  C C   . MET A 1 114 ? -10.393 -10.045 -7.875  1.00 12.79 ? 102 MET A C   1 
ATOM   819  O O   . MET A 1 114 ? -9.477  -10.803 -7.524  1.00 14.34 ? 102 MET A O   1 
ATOM   820  C CB  . MET A 1 114 ? -12.699 -10.897 -7.514  1.00 14.52 ? 102 MET A CB  1 
ATOM   821  C CG  . MET A 1 114 ? -12.226 -12.317 -7.502  1.00 18.12 ? 102 MET A CG  1 
ATOM   822  S SD  . MET A 1 114 ? -11.677 -12.925 -5.883  1.00 19.81 ? 102 MET A SD  1 
ATOM   823  C CE  . MET A 1 114 ? -13.206 -13.110 -5.005  1.00 19.99 ? 102 MET A CE  1 
ATOM   824  N N   . MET A 1 115 ? -10.310 -9.271  -8.948  1.00 11.30 ? 103 MET A N   1 
ATOM   825  C CA  . MET A 1 115 ? -9.094  -9.227  -9.734  1.00 16.19 ? 103 MET A CA  1 
ATOM   826  C C   . MET A 1 115 ? -7.927  -8.765  -8.887  1.00 13.72 ? 103 MET A C   1 
ATOM   827  O O   . MET A 1 115 ? -6.841  -9.392  -8.862  1.00 16.96 ? 103 MET A O   1 
ATOM   828  C CB  . MET A 1 115 ? -9.265  -8.333  -10.932 1.00 18.79 ? 103 MET A CB  1 
ATOM   829  C CG  . MET A 1 115 ? -7.993  -8.125  -11.684 1.00 21.69 ? 103 MET A CG  1 
ATOM   830  S SD  . MET A 1 115 ? -8.401  -7.328  -13.221 1.00 25.95 ? 103 MET A SD  1 
ATOM   831  C CE  . MET A 1 115 ? -8.553  -5.640  -12.667 1.00 25.97 ? 103 MET A CE  1 
ATOM   832  N N   . TYR A 1 116 ? -8.107  -7.678  -8.153  1.00 11.72 ? 104 TYR A N   1 
ATOM   833  C CA  . TYR A 1 116 ? -7.084  -7.266  -7.232  1.00 12.19 ? 104 TYR A CA  1 
ATOM   834  C C   . TYR A 1 116 ? -6.860  -8.241  -6.087  1.00 11.96 ? 104 TYR A C   1 
ATOM   835  O O   . TYR A 1 116 ? -5.748  -8.623  -5.772  1.00 13.40 ? 104 TYR A O   1 
ATOM   836  C CB  . TYR A 1 116 ? -7.427  -5.897  -6.640  1.00 13.10 ? 104 TYR A CB  1 
ATOM   837  C CG  . TYR A 1 116 ? -7.082  -4.753  -7.517  1.00 12.31 ? 104 TYR A CG  1 
ATOM   838  C CD1 . TYR A 1 116 ? -7.862  -4.449  -8.644  1.00 10.97 ? 104 TYR A CD1 1 
ATOM   839  C CD2 . TYR A 1 116 ? -5.996  -3.905  -7.201  1.00 11.95 ? 104 TYR A CD2 1 
ATOM   840  C CE1 . TYR A 1 116 ? -7.550  -3.360  -9.449  1.00 11.97 ? 104 TYR A CE1 1 
ATOM   841  C CE2 . TYR A 1 116 ? -5.691  -2.816  -8.025  1.00 14.22 ? 104 TYR A CE2 1 
ATOM   842  C CZ  . TYR A 1 116 ? -6.467  -2.568  -9.141  1.00 14.77 ? 104 TYR A CZ  1 
ATOM   843  O OH  . TYR A 1 116 ? -6.148  -1.527  -9.962  1.00 14.58 ? 104 TYR A OH  1 
ATOM   844  N N   . ALA A 1 117 ? -7.929  -8.716  -5.482  1.00 13.61 ? 105 ALA A N   1 
ATOM   845  C CA  . ALA A 1 117 ? -7.802  -9.635  -4.346  1.00 13.81 ? 105 ALA A CA  1 
ATOM   846  C C   . ALA A 1 117 ? -6.988  -10.872 -4.704  1.00 13.32 ? 105 ALA A C   1 
ATOM   847  O O   . ALA A 1 117 ? -6.193  -11.320 -3.925  1.00 15.17 ? 105 ALA A O   1 
ATOM   848  C CB  . ALA A 1 117 ? -9.171  -10.066 -3.882  1.00 14.37 ? 105 ALA A CB  1 
ATOM   849  N N   . GLY A 1 118 ? -7.225  -11.424 -5.886  1.00 13.41 ? 106 GLY A N   1 
ATOM   850  C CA  . GLY A 1 118 ? -6.517  -12.616 -6.333  1.00 14.32 ? 106 GLY A CA  1 
ATOM   851  C C   . GLY A 1 118 ? -5.046  -12.416 -6.569  1.00 15.69 ? 106 GLY A C   1 
ATOM   852  O O   . GLY A 1 118 ? -4.281  -13.359 -6.596  1.00 17.15 ? 106 GLY A O   1 
ATOM   853  N N   . SER A 1 119 ? -4.639  -11.163 -6.761  1.00 12.39 ? 107 SER A N   1 
ATOM   854  C CA  . SER A 1 119 ? -3.215  -10.863 -7.005  1.00 14.90 ? 107 SER A CA  1 
ATOM   855  C C   . SER A 1 119 ? -2.497  -10.292 -5.793  1.00 12.75 ? 107 SER A C   1 
ATOM   856  O O   . SER A 1 119 ? -1.295  -10.099 -5.805  1.00 14.06 ? 107 SER A O   1 
ATOM   857  C CB  . SER A 1 119 ? -3.086  -9.881  -8.154  1.00 16.99 ? 107 SER A CB  1 
ATOM   858  O OG  . SER A 1 119 ? -3.721  -10.378 -9.333  1.00 20.84 ? 107 SER A OG  1 
ATOM   859  N N   . LYS A 1 120 ? -3.225  -10.057 -4.714  1.00 11.73 ? 108 LYS A N   1 
ATOM   860  C CA  . LYS A 1 120 ? -2.652  -9.449  -3.544  1.00 11.61 ? 108 LYS A CA  1 
ATOM   861  C C   . LYS A 1 120 ? -1.517  -10.254 -2.966  1.00 14.22 ? 108 LYS A C   1 
ATOM   862  O O   . LYS A 1 120 ? -0.463  -9.716  -2.632  1.00 14.54 ? 108 LYS A O   1 
ATOM   863  C CB  . LYS A 1 120 ? -3.744  -9.257  -2.508  1.00 11.69 ? 108 LYS A CB  1 
ATOM   864  C CG  . LYS A 1 120 ? -3.293  -8.526  -1.288  1.00 15.35 ? 108 LYS A CG  1 
ATOM   865  C CD  . LYS A 1 120 ? -4.336  -8.596  -0.190  1.00 16.88 ? 108 LYS A CD  1 
ATOM   866  C CE  . LYS A 1 120 ? -4.143  -9.931  0.540   1.00 26.61 ? 108 LYS A CE  1 
ATOM   867  N NZ  . LYS A 1 120 ? -5.147  -10.204 1.595   1.00 30.76 ? 108 LYS A NZ  1 
ATOM   868  N N   . ASN A 1 121 ? -1.762  -11.546 -2.778  1.00 13.50 ? 109 ASN A N   1 
ATOM   869  C CA  . ASN A 1 121 ? -0.732  -12.308 -2.061  1.00 14.11 ? 109 ASN A CA  1 
ATOM   870  C C   . ASN A 1 121 ? 0.597   -12.332 -2.811  1.00 12.82 ? 109 ASN A C   1 
ATOM   871  O O   . ASN A 1 121 ? 1.636   -12.212 -2.197  1.00 14.68 ? 109 ASN A O   1 
ATOM   872  C CB  . ASN A 1 121 ? -1.187  -13.732 -1.818  1.00 14.27 ? 109 ASN A CB  1 
ATOM   873  C CG  . ASN A 1 121 ? -2.323  -13.839 -0.825  1.00 16.67 ? 109 ASN A CG  1 
ATOM   874  O OD1 . ASN A 1 121 ? -2.428  -13.058 0.111   1.00 19.33 ? 109 ASN A OD1 1 
ATOM   875  N ND2 . ASN A 1 121 ? -3.136  -14.862 -1.003  1.00 17.60 ? 109 ASN A ND2 1 
ATOM   876  N N   . ARG A 1 122 ? 0.520   -12.506 -4.121  1.00 14.26 ? 110 ARG A N   1 
ATOM   877  C CA  . ARG A 1 122 ? 1.741   -12.541 -4.932  1.00 13.60 ? 110 ARG A CA  1 
ATOM   878  C C   . ARG A 1 122 ? 2.492   -11.225 -4.794  1.00 13.78 ? 110 ARG A C   1 
ATOM   879  O O   . ARG A 1 122 ? 3.711   -11.190 -4.679  1.00 14.58 ? 110 ARG A O   1 
ATOM   880  C CB  . ARG A 1 122 ? 1.402   -12.746 -6.402  1.00 15.72 ? 110 ARG A CB  1 
ATOM   881  C CG  . ARG A 1 122 ? 2.651   -12.830 -7.271  1.00 20.64 ? 110 ARG A CG  1 
ATOM   882  C CD  . ARG A 1 122 ? 2.415   -13.276 -8.677  1.00 21.74 ? 110 ARG A CD  1 
ATOM   883  N NE  . ARG A 1 122 ? 1.891   -14.639 -8.741  1.00 22.73 ? 110 ARG A NE  1 
ATOM   884  C CZ  . ARG A 1 122 ? 1.381   -15.208 -9.828  1.00 27.12 ? 110 ARG A CZ  1 
ATOM   885  N NH1 . ARG A 1 122 ? 1.327   -14.552 -10.982 1.00 28.28 ? 110 ARG A NH1 1 
ATOM   886  N NH2 . ARG A 1 122 ? 0.931   -16.461 -9.764  1.00 24.95 ? 110 ARG A NH2 1 
ATOM   887  N N   . LEU A 1 123 ? 1.760   -10.141 -4.802  1.00 13.79 ? 111 LEU A N   1 
ATOM   888  C CA  . LEU A 1 123 ? 2.374   -8.833  -4.676  1.00 11.15 ? 111 LEU A CA  1 
ATOM   889  C C   . LEU A 1 123 ? 3.004   -8.630  -3.313  1.00 12.91 ? 111 LEU A C   1 
ATOM   890  O O   . LEU A 1 123 ? 4.125   -8.140  -3.175  1.00 13.58 ? 111 LEU A O   1 
ATOM   891  C CB  . LEU A 1 123 ? 1.344   -7.755  -4.979  1.00 12.51 ? 111 LEU A CB  1 
ATOM   892  C CG  . LEU A 1 123 ? 1.835   -6.318  -4.787  1.00 12.08 ? 111 LEU A CG  1 
ATOM   893  C CD1 . LEU A 1 123 ? 2.969   -6.075  -5.765  1.00 14.96 ? 111 LEU A CD1 1 
ATOM   894  C CD2 . LEU A 1 123 ? 0.693   -5.371  -5.032  1.00 12.60 ? 111 LEU A CD2 1 
ATOM   895  N N   . VAL A 1 124 ? 2.294   -9.014  -2.263  1.00 13.36 ? 112 VAL A N   1 
ATOM   896  C CA  . VAL A 1 124 ? 2.800   -8.912  -0.925  1.00 13.91 ? 112 VAL A CA  1 
ATOM   897  C C   . VAL A 1 124 ? 4.080   -9.734  -0.764  1.00 12.10 ? 112 VAL A C   1 
ATOM   898  O O   . VAL A 1 124 ? 5.057   -9.282  -0.166  1.00 15.15 ? 112 VAL A O   1 
ATOM   899  C CB  . VAL A 1 124 ? 1.723   -9.357  0.064   1.00 14.71 ? 112 VAL A CB  1 
ATOM   900  C CG1 . VAL A 1 124 ? 2.290   -9.605  1.407   1.00 17.03 ? 112 VAL A CG1 1 
ATOM   901  C CG2 . VAL A 1 124 ? 0.636   -8.339  0.141   1.00 12.33 ? 112 VAL A CG2 1 
ATOM   902  N N   . GLN A 1 125 ? 4.059   -10.920 -1.311  1.00 13.45 ? 113 GLN A N   1 
ATOM   903  C CA  . GLN A 1 125 ? 5.223   -11.806 -1.206  1.00 18.11 ? 113 GLN A CA  1 
ATOM   904  C C   . GLN A 1 125 ? 6.394   -11.197 -1.955  1.00 18.03 ? 113 GLN A C   1 
ATOM   905  O O   . GLN A 1 125 ? 7.521   -11.213 -1.490  1.00 18.74 ? 113 GLN A O   1 
ATOM   906  C CB  . GLN A 1 125 ? 4.881   -13.125 -1.816  1.00 19.32 ? 113 GLN A CB  1 
ATOM   907  C CG  . GLN A 1 125 ? 4.011   -13.985 -0.989  1.00 27.26 ? 113 GLN A CG  1 
ATOM   908  N N   . THR A 1 126 ? 6.123   -10.672 -3.144  1.00 17.98 ? 114 THR A N   1 
ATOM   909  C CA  . THR A 1 126 ? 7.173   -10.033 -3.958  1.00 16.92 ? 114 THR A CA  1 
ATOM   910  C C   . THR A 1 126 ? 7.859   -8.926  -3.198  1.00 20.44 ? 114 THR A C   1 
ATOM   911  O O   . THR A 1 126 ? 9.101   -8.848  -3.187  1.00 21.81 ? 114 THR A O   1 
ATOM   912  C CB  . THR A 1 126 ? 6.560   -9.536  -5.267  1.00 16.66 ? 114 THR A CB  1 
ATOM   913  O OG1 . THR A 1 126 ? 6.070   -10.677 -5.991  1.00 21.46 ? 114 THR A OG1 1 
ATOM   914  C CG2 . THR A 1 126 ? 7.596   -8.928  -6.169  1.00 19.65 ? 114 THR A CG2 1 
ATOM   915  N N   . ALA A 1 127 ? 7.058   -8.115  -2.517  1.00 18.99 ? 115 ALA A N   1 
ATOM   916  C CA  . ALA A 1 127 ? 7.538   -6.965  -1.773  1.00 19.74 ? 115 ALA A CA  1 
ATOM   917  C C   . ALA A 1 127 ? 8.077   -7.402  -0.394  1.00 18.54 ? 115 ALA A C   1 
ATOM   918  O O   . ALA A 1 127 ? 8.581   -6.564  0.325   1.00 22.54 ? 115 ALA A O   1 
ATOM   919  C CB  . ALA A 1 127 ? 6.405   -5.968  -1.609  1.00 21.28 ? 115 ALA A CB  1 
ATOM   920  N N   . GLU A 1 128 ? 7.917   -8.679  -0.034  1.00 19.32 ? 116 GLU A N   1 
ATOM   921  C CA  . GLU A 1 128 ? 8.407   -9.252  1.244   1.00 23.24 ? 116 GLU A CA  1 
ATOM   922  C C   . GLU A 1 128 ? 7.805   -8.538  2.454   1.00 22.51 ? 116 GLU A C   1 
ATOM   923  O O   . GLU A 1 128 ? 8.414   -8.398  3.505   1.00 24.22 ? 116 GLU A O   1 
ATOM   924  C CB  . GLU A 1 128 ? 9.940   -9.265  1.307   1.00 24.46 ? 116 GLU A CB  1 
ATOM   925  C CG  . GLU A 1 128 ? 10.544  -10.040 0.137   1.00 25.09 ? 116 GLU A CG  1 
ATOM   926  C CD  . GLU A 1 128 ? 12.058  -10.163 0.164   1.00 29.05 ? 116 GLU A CD  1 
ATOM   927  O OE1 . GLU A 1 128 ? 12.735  -9.305  0.781   1.00 40.06 ? 116 GLU A OE1 1 
ATOM   928  O OE2 . GLU A 1 128 ? 12.568  -11.113 -0.465  1.00 45.15 ? 116 GLU A OE2 1 
ATOM   929  N N   . LEU A 1 129 ? 6.577   -8.087  2.291   1.00 16.48 ? 117 LEU A N   1 
ATOM   930  C CA  . LEU A 1 129 ? 5.933   -7.323  3.342   1.00 17.58 ? 117 LEU A CA  1 
ATOM   931  C C   . LEU A 1 129 ? 5.239   -8.241  4.324   1.00 16.86 ? 117 LEU A C   1 
ATOM   932  O O   . LEU A 1 129 ? 4.605   -9.203  3.932   1.00 20.23 ? 117 LEU A O   1 
ATOM   933  C CB  . LEU A 1 129 ? 4.921   -6.338  2.724   1.00 19.05 ? 117 LEU A CB  1 
ATOM   934  C CG  . LEU A 1 129 ? 5.602   -5.265  1.858   1.00 23.47 ? 117 LEU A CG  1 
ATOM   935  C CD1 . LEU A 1 129 ? 4.577   -4.522  1.006   1.00 28.91 ? 117 LEU A CD1 1 
ATOM   936  C CD2 . LEU A 1 129 ? 6.382   -4.292  2.706   1.00 30.66 ? 117 LEU A CD2 1 
ATOM   937  N N   . THR A 1 130 ? 5.344   -7.936  5.613   1.00 14.06 ? 118 THR A N   1 
ATOM   938  C CA  . THR A 1 130 ? 4.652   -8.726  6.625   1.00 15.43 ? 118 THR A CA  1 
ATOM   939  C C   . THR A 1 130 ? 3.485   -7.995  7.263   1.00 17.51 ? 118 THR A C   1 
ATOM   940  O O   . THR A 1 130 ? 2.690   -8.635  7.956   1.00 18.39 ? 118 THR A O   1 
ATOM   941  C CB  . THR A 1 130 ? 5.619   -9.149  7.747   1.00 17.97 ? 118 THR A CB  1 
ATOM   942  O OG1 . THR A 1 130 ? 6.195   -8.009  8.367   1.00 18.73 ? 118 THR A OG1 1 
ATOM   943  C CG2 . THR A 1 130 ? 6.811   -9.926  7.210   1.00 18.69 ? 118 THR A CG2 1 
ATOM   944  N N   . LYS A 1 131 ? 3.437   -6.676  7.104   1.00 13.22 ? 119 LYS A N   1 
ATOM   945  C CA  . LYS A 1 131 ? 2.364   -5.840  7.665   1.00 13.32 ? 119 LYS A CA  1 
ATOM   946  C C   . LYS A 1 131 ? 1.394   -5.507  6.571   1.00 14.38 ? 119 LYS A C   1 
ATOM   947  O O   . LYS A 1 131 ? 1.686   -4.638  5.727   1.00 16.45 ? 119 LYS A O   1 
ATOM   948  C CB  . LYS A 1 131 ? 2.912   -4.577  8.286   1.00 15.76 ? 119 LYS A CB  1 
ATOM   949  C CG  . LYS A 1 131 ? 3.997   -4.876  9.274   1.00 17.27 ? 119 LYS A CG  1 
ATOM   950  C CD  . LYS A 1 131 ? 4.683   -3.684  9.867   1.00 18.35 ? 119 LYS A CD  1 
ATOM   951  C CE  . LYS A 1 131 ? 5.790   -4.186  10.777  1.00 28.18 ? 119 LYS A CE  1 
ATOM   952  N NZ  . LYS A 1 131 ? 6.534   -3.098  11.343  1.00 33.43 ? 119 LYS A NZ  1 
ATOM   953  N N   . VAL A 1 132 ? 0.291   -6.231  6.567   1.00 14.11 ? 120 VAL A N   1 
ATOM   954  C CA  . VAL A 1 132 ? -0.625  -6.219  5.467   1.00 12.94 ? 120 VAL A CA  1 
ATOM   955  C C   . VAL A 1 132 ? -2.009  -5.856  5.951   1.00 12.63 ? 120 VAL A C   1 
ATOM   956  O O   . VAL A 1 132 ? -2.625  -6.617  6.750   1.00 12.72 ? 120 VAL A O   1 
ATOM   957  C CB  . VAL A 1 132 ? -0.674  -7.577  4.794   1.00 14.05 ? 120 VAL A CB  1 
ATOM   958  C CG1 . VAL A 1 132 ? -1.684  -7.544  3.648   1.00 18.61 ? 120 VAL A CG1 1 
ATOM   959  C CG2 . VAL A 1 132 ? 0.685   -7.987  4.276   1.00 15.90 ? 120 VAL A CG2 1 
ATOM   960  N N   . PHE A 1 133 ? -2.499  -4.705  5.512   1.00 11.86 ? 121 PHE A N   1 
ATOM   961  C CA  . PHE A 1 133 ? -3.750  -4.189  5.943   1.00 10.48 ? 121 PHE A CA  1 
ATOM   962  C C   . PHE A 1 133 ? -4.688  -4.013  4.789   1.00 13.38 ? 121 PHE A C   1 
ATOM   963  O O   . PHE A 1 133 ? -4.285  -4.021  3.625   1.00 13.77 ? 121 PHE A O   1 
ATOM   964  C CB  . PHE A 1 133 ? -3.550  -2.824  6.625   1.00 12.04 ? 121 PHE A CB  1 
ATOM   965  C CG  . PHE A 1 133 ? -2.438  -2.814  7.656   1.00 11.40 ? 121 PHE A CG  1 
ATOM   966  C CD1 . PHE A 1 133 ? -2.321  -3.830  8.601   1.00 13.97 ? 121 PHE A CD1 1 
ATOM   967  C CD2 . PHE A 1 133 ? -1.495  -1.813  7.684   1.00 12.97 ? 121 PHE A CD2 1 
ATOM   968  C CE1 . PHE A 1 133 ? -1.259  -3.851  9.512   1.00 13.24 ? 121 PHE A CE1 1 
ATOM   969  C CE2 . PHE A 1 133 ? -0.462  -1.820  8.609   1.00 16.13 ? 121 PHE A CE2 1 
ATOM   970  C CZ  . PHE A 1 133 ? -0.360  -2.845  9.530   1.00 12.33 ? 121 PHE A CZ  1 
ATOM   971  N N   . GLU A 1 134 ? -5.958  -3.869  5.122   1.00 12.83 ? 122 GLU A N   1 
ATOM   972  C CA  . GLU A 1 134 ? -7.005  -3.722  4.122   1.00 13.38 ? 122 GLU A CA  1 
ATOM   973  C C   . GLU A 1 134 ? -8.021  -2.732  4.634   1.00 14.40 ? 122 GLU A C   1 
ATOM   974  O O   . GLU A 1 134 ? -8.384  -2.726  5.807   1.00 14.73 ? 122 GLU A O   1 
ATOM   975  C CB  . GLU A 1 134 ? -7.605  -5.095  3.791   1.00 16.28 ? 122 GLU A CB  1 
ATOM   976  C CG  . GLU A 1 134 ? -8.705  -5.144  2.773   1.00 17.40 ? 122 GLU A CG  1 
ATOM   977  C CD  . GLU A 1 134 ? -9.102  -6.554  2.400   1.00 21.63 ? 122 GLU A CD  1 
ATOM   978  O OE1 . GLU A 1 134 ? -8.221  -7.462  2.362   1.00 23.92 ? 122 GLU A OE1 1 
ATOM   979  O OE2 . GLU A 1 134 ? -10.296 -6.720  2.123   1.00 33.34 ? 122 GLU A OE2 1 
ATOM   980  N N   . ILE A 1 135 ? -8.452  -1.864  3.749   1.00 11.26 ? 123 ILE A N   1 
ATOM   981  C CA  . ILE A 1 135 ? -9.531  -0.950  4.034   1.00 10.31 ? 123 ILE A CA  1 
ATOM   982  C C   . ILE A 1 135 ? -10.654 -1.132  3.036   1.00 12.01 ? 123 ILE A C   1 
ATOM   983  O O   . ILE A 1 135 ? -10.411 -1.388  1.837   1.00 11.61 ? 123 ILE A O   1 
ATOM   984  C CB  . ILE A 1 135 ? -9.069  0.490   4.073   1.00 12.36 ? 123 ILE A CB  1 
ATOM   985  C CG1 . ILE A 1 135 ? -8.449  0.918   2.771   1.00 12.14 ? 123 ILE A CG1 1 
ATOM   986  C CG2 . ILE A 1 135 ? -8.118  0.722   5.258   1.00 17.36 ? 123 ILE A CG2 1 
ATOM   987  C CD1 . ILE A 1 135 ? -7.989  2.378   2.779   1.00 15.27 ? 123 ILE A CD1 1 
ATOM   988  N N   . ARG A 1 136 ? -11.888 -0.988  3.504   1.00 10.60 ? 124 ARG A N   1 
ATOM   989  C CA  . ARG A 1 136 ? -13.052 -1.192  2.661   1.00 13.36 ? 124 ARG A CA  1 
ATOM   990  C C   . ARG A 1 136 ? -13.740 0.117   2.324   1.00 13.14 ? 124 ARG A C   1 
ATOM   991  O O   . ARG A 1 136 ? -14.785 0.136   1.673   1.00 13.54 ? 124 ARG A O   1 
ATOM   992  C CB  . ARG A 1 136 ? -14.023 -2.188  3.288   1.00 15.08 ? 124 ARG A CB  1 
ATOM   993  C CG  . ARG A 1 136 ? -13.405 -3.561  3.534   1.00 17.11 ? 124 ARG A CG  1 
ATOM   994  C CD  . ARG A 1 136 ? -12.782 -4.207  2.331   1.00 23.39 ? 124 ARG A CD  1 
ATOM   995  N NE  . ARG A 1 136 ? -13.688 -4.319  1.196   1.00 24.53 ? 124 ARG A NE  1 
ATOM   996  C CZ  . ARG A 1 136 ? -14.576 -5.298  1.051   1.00 30.23 ? 124 ARG A CZ  1 
ATOM   997  N NH1 . ARG A 1 136 ? -14.689 -6.245  1.978   1.00 27.16 ? 124 ARG A NH1 1 
ATOM   998  N NH2 . ARG A 1 136 ? -15.360 -5.340  -0.018  1.00 29.06 ? 124 ARG A NH2 1 
ATOM   999  N N   . THR A 1 137 ? -13.162 1.226   2.755   1.00 13.64 ? 125 THR A N   1 
ATOM   1000 C CA  . THR A 1 137 ? -13.457 2.530   2.226   1.00 14.34 ? 125 THR A CA  1 
ATOM   1001 C C   . THR A 1 137 ? -12.238 3.386   2.410   1.00 14.75 ? 125 THR A C   1 
ATOM   1002 O O   . THR A 1 137 ? -11.511 3.215   3.375   1.00 13.00 ? 125 THR A O   1 
ATOM   1003 C CB  . THR A 1 137 ? -14.654 3.173   2.943   1.00 15.47 ? 125 THR A CB  1 
ATOM   1004 O OG1 . THR A 1 137 ? -14.698 4.569   2.621   1.00 17.50 ? 125 THR A OG1 1 
ATOM   1005 C CG2 . THR A 1 137 ? -14.528 3.200   4.409   1.00 14.78 ? 125 THR A CG2 1 
ATOM   1006 N N   . THR A 1 138 ? -11.974 4.292   1.491   1.00 12.61 ? 126 THR A N   1 
ATOM   1007 C CA  . THR A 1 138 ? -10.815 5.128   1.655   1.00 13.03 ? 126 THR A CA  1 
ATOM   1008 C C   . THR A 1 138 ? -10.908 5.969   2.904   1.00 13.45 ? 126 THR A C   1 
ATOM   1009 O O   . THR A 1 138 ? -9.897  6.345   3.455   1.00 12.48 ? 126 THR A O   1 
ATOM   1010 C CB  . THR A 1 138 ? -10.547 6.027   0.461   1.00 15.24 ? 126 THR A CB  1 
ATOM   1011 O OG1 . THR A 1 138 ? -11.665 6.878   0.230   1.00 15.09 ? 126 THR A OG1 1 
ATOM   1012 C CG2 . THR A 1 138 ? -10.356 5.182   -0.800  1.00 14.54 ? 126 THR A CG2 1 
ATOM   1013 N N   . ASP A 1 139 ? -12.109 6.237   3.396   1.00 13.65 ? 127 ASP A N   1 
ATOM   1014 C CA  . ASP A 1 139 ? -12.270 7.045   4.610   1.00 12.97 ? 127 ASP A CA  1 
ATOM   1015 C C   . ASP A 1 139 ? -11.595 6.406   5.811   1.00 13.57 ? 127 ASP A C   1 
ATOM   1016 O O   . ASP A 1 139 ? -11.326 7.080   6.799   1.00 14.13 ? 127 ASP A O   1 
ATOM   1017 C CB  . ASP A 1 139 ? -13.733 7.202   5.002   1.00 14.34 ? 127 ASP A CB  1 
ATOM   1018 C CG  . ASP A 1 139 ? -14.521 8.091   4.070   1.00 23.81 ? 127 ASP A CG  1 
ATOM   1019 O OD1 . ASP A 1 139 ? -14.058 8.435   2.978   1.00 21.93 ? 127 ASP A OD1 1 
ATOM   1020 O OD2 . ASP A 1 139 ? -15.665 8.514   4.388   1.00 24.02 ? 127 ASP A OD2 1 
ATOM   1021 N N   . ASP A 1 140 ? -11.370 5.102   5.737   1.00 12.21 ? 128 ASP A N   1 
ATOM   1022 C CA  . ASP A 1 140 ? -10.823 4.406   6.885   1.00 13.96 ? 128 ASP A CA  1 
ATOM   1023 C C   . ASP A 1 140 ? -9.327  4.568   6.960   1.00 14.35 ? 128 ASP A C   1 
ATOM   1024 O O   . ASP A 1 140 ? -8.737  4.258   7.978   1.00 14.56 ? 128 ASP A O   1 
ATOM   1025 C CB  . ASP A 1 140 ? -11.215 2.939   6.827   1.00 15.52 ? 128 ASP A CB  1 
ATOM   1026 C CG  . ASP A 1 140 ? -12.623 2.701   7.296   1.00 17.19 ? 128 ASP A CG  1 
ATOM   1027 O OD1 . ASP A 1 140 ? -13.294 3.644   7.776   1.00 20.63 ? 128 ASP A OD1 1 
ATOM   1028 O OD2 . ASP A 1 140 ? -13.089 1.566   7.242   1.00 21.71 ? 128 ASP A OD2 1 
ATOM   1029 N N   . LEU A 1 141 ? -8.697  5.130   5.919   1.00 11.82 ? 129 LEU A N   1 
ATOM   1030 C CA  . LEU A 1 141 ? -7.256  5.343   5.983   1.00 13.14 ? 129 LEU A CA  1 
ATOM   1031 C C   . LEU A 1 141 ? -6.954  6.607   6.764   1.00 13.91 ? 129 LEU A C   1 
ATOM   1032 O O   . LEU A 1 141 ? -6.840  7.678   6.179   1.00 13.10 ? 129 LEU A O   1 
ATOM   1033 C CB  . LEU A 1 141 ? -6.660  5.424   4.569   1.00 11.36 ? 129 LEU A CB  1 
ATOM   1034 C CG  . LEU A 1 141 ? -5.217  4.941   4.483   1.00 14.35 ? 129 LEU A CG  1 
ATOM   1035 C CD1 . LEU A 1 141 ? -4.742  5.002   3.029   1.00 16.02 ? 129 LEU A CD1 1 
ATOM   1036 C CD2 . LEU A 1 141 ? -4.278  5.685   5.367   1.00 13.88 ? 129 LEU A CD2 1 
ATOM   1037 N N   . THR A 1 142 ? -6.811  6.462   8.077   1.00 12.67 ? 130 THR A N   1 
ATOM   1038 C CA  . THR A 1 142 ? -6.448  7.574   8.924   1.00 12.83 ? 130 THR A CA  1 
ATOM   1039 C C   . THR A 1 142 ? -5.179  7.275   9.650   1.00 12.48 ? 130 THR A C   1 
ATOM   1040 O O   . THR A 1 142 ? -4.770  6.129   9.777   1.00 13.41 ? 130 THR A O   1 
ATOM   1041 C CB  . THR A 1 142 ? -7.531  7.858   9.996   1.00 13.97 ? 130 THR A CB  1 
ATOM   1042 O OG1 . THR A 1 142 ? -7.646  6.775   10.928  1.00 15.66 ? 130 THR A OG1 1 
ATOM   1043 C CG2 . THR A 1 142 ? -8.887  8.018   9.393   1.00 13.47 ? 130 THR A CG2 1 
ATOM   1044 N N   . GLU A 1 143 ? -4.542  8.310   10.150  1.00 12.02 ? 131 GLU A N   1 
ATOM   1045 C CA  . GLU A 1 143 ? -3.325  8.066   10.883  1.00 13.30 ? 131 GLU A CA  1 
ATOM   1046 C C   . GLU A 1 143 ? -3.600  7.253   12.160  1.00 13.66 ? 131 GLU A C   1 
ATOM   1047 O O   . GLU A 1 143 ? -2.764  6.482   12.578  1.00 12.99 ? 131 GLU A O   1 
ATOM   1048 C CB  . GLU A 1 143 ? -2.652  9.385   11.200  1.00 14.01 ? 131 GLU A CB  1 
ATOM   1049 C CG  . GLU A 1 143 ? -1.294  9.181   11.809  1.00 14.66 ? 131 GLU A CG  1 
ATOM   1050 C CD  . GLU A 1 143 ? -0.431  10.398  11.711  1.00 17.80 ? 131 GLU A CD  1 
ATOM   1051 O OE1 . GLU A 1 143 ? -0.971  11.506  11.670  1.00 22.76 ? 131 GLU A OE1 1 
ATOM   1052 O OE2 . GLU A 1 143 ? 0.806   10.245  11.716  1.00 21.09 ? 131 GLU A OE2 1 
ATOM   1053 N N   . THR A 1 144 ? -4.728  7.478   12.797  1.00 13.19 ? 132 THR A N   1 
ATOM   1054 C CA  . THR A 1 144 ? -5.079  6.738   13.987  1.00 12.62 ? 132 THR A CA  1 
ATOM   1055 C C   . THR A 1 144 ? -5.232  5.289   13.705  1.00 14.00 ? 132 THR A C   1 
ATOM   1056 O O   . THR A 1 144 ? -4.692  4.475   14.437  1.00 14.75 ? 132 THR A O   1 
ATOM   1057 C CB  . THR A 1 144 ? -6.382  7.298   14.575  1.00 14.28 ? 132 THR A CB  1 
ATOM   1058 O OG1 . THR A 1 144 ? -6.108  8.608   15.065  1.00 19.46 ? 132 THR A OG1 1 
ATOM   1059 C CG2 . THR A 1 144 ? -6.825  6.501   15.830  1.00 18.42 ? 132 THR A CG2 1 
ATOM   1060 N N   . TRP A 1 145 ? -5.968  4.957   12.648  1.00 11.22 ? 133 TRP A N   1 
ATOM   1061 C CA  . TRP A 1 145 ? -6.141  3.579   12.233  1.00 11.91 ? 133 TRP A CA  1 
ATOM   1062 C C   . TRP A 1 145 ? -4.766  2.958   11.986  1.00 11.77 ? 133 TRP A C   1 
ATOM   1063 O O   . TRP A 1 145 ? -4.483  1.850   12.442  1.00 11.96 ? 133 TRP A O   1 
ATOM   1064 C CB  . TRP A 1 145 ? -7.015  3.556   10.965  1.00 14.30 ? 133 TRP A CB  1 
ATOM   1065 C CG  . TRP A 1 145 ? -6.989  2.259   10.241  1.00 12.82 ? 133 TRP A CG  1 
ATOM   1066 C CD1 . TRP A 1 145 ? -7.707  1.150   10.526  1.00 18.52 ? 133 TRP A CD1 1 
ATOM   1067 C CD2 . TRP A 1 145 ? -6.174  1.932   9.119   1.00 12.15 ? 133 TRP A CD2 1 
ATOM   1068 N NE1 . TRP A 1 145 ? -7.390  0.147   9.643   1.00 18.06 ? 133 TRP A NE1 1 
ATOM   1069 C CE2 . TRP A 1 145 ? -6.455  0.608   8.769   1.00 13.23 ? 133 TRP A CE2 1 
ATOM   1070 C CE3 . TRP A 1 145 ? -5.247  2.638   8.358   1.00 15.59 ? 133 TRP A CE3 1 
ATOM   1071 C CZ2 . TRP A 1 145 ? -5.835  -0.025  7.714   1.00 13.00 ? 133 TRP A CZ2 1 
ATOM   1072 C CZ3 . TRP A 1 145 ? -4.641  1.991   7.309   1.00 13.74 ? 133 TRP A CZ3 1 
ATOM   1073 C CH2 . TRP A 1 145 ? -4.951  0.691   6.998   1.00 12.67 ? 133 TRP A CH2 1 
ATOM   1074 N N   . LEU A 1 146 ? -3.939  3.680   11.232  1.00 11.32 ? 134 LEU A N   1 
ATOM   1075 C CA  . LEU A 1 146 ? -2.650  3.114   10.850  1.00 10.23 ? 134 LEU A CA  1 
ATOM   1076 C C   . LEU A 1 146 ? -1.822  2.858   12.056  1.00 11.03 ? 134 LEU A C   1 
ATOM   1077 O O   . LEU A 1 146 ? -1.155  1.834   12.135  1.00 11.47 ? 134 LEU A O   1 
ATOM   1078 C CB  . LEU A 1 146 ? -1.914  4.068   9.910   1.00 10.75 ? 134 LEU A CB  1 
ATOM   1079 C CG  . LEU A 1 146 ? -0.591  3.563   9.356   1.00 12.02 ? 134 LEU A CG  1 
ATOM   1080 C CD1 . LEU A 1 146 ? -0.779  2.278   8.532   1.00 15.44 ? 134 LEU A CD1 1 
ATOM   1081 C CD2 . LEU A 1 146 ? 0.053   4.653   8.523   1.00 12.90 ? 134 LEU A CD2 1 
ATOM   1082 N N   . LYS A 1 147 ? -1.741  3.829   12.947  1.00 11.20 ? 135 LYS A N   1 
ATOM   1083 C CA  . LYS A 1 147 ? -0.936  3.637   14.152  1.00 12.30 ? 135 LYS A CA  1 
ATOM   1084 C C   . LYS A 1 147 ? -1.412  2.478   14.981  1.00 12.63 ? 135 LYS A C   1 
ATOM   1085 O O   . LYS A 1 147 ? -0.586  1.729   15.529  1.00 16.54 ? 135 LYS A O   1 
ATOM   1086 C CB  . LYS A 1 147 ? -0.834  4.915   14.968  1.00 12.20 ? 135 LYS A CB  1 
ATOM   1087 C CG  . LYS A 1 147 ? -0.002  5.941   14.273  1.00 14.23 ? 135 LYS A CG  1 
ATOM   1088 C CD  . LYS A 1 147 ? 0.272   7.179   15.119  1.00 19.10 ? 135 LYS A CD  1 
ATOM   1089 C CE  . LYS A 1 147 ? 1.504   6.935   16.002  1.00 26.20 ? 135 LYS A CE  1 
ATOM   1090 N NZ  . LYS A 1 147 ? 1.937   8.115   16.812  1.00 28.38 ? 135 LYS A NZ  1 
ATOM   1091 N N   . GLU A 1 148 ? -2.711  2.288   15.060  1.00 12.26 ? 136 GLU A N   1 
ATOM   1092 C CA  . GLU A 1 148 ? -3.238  1.195   15.844  1.00 15.29 ? 136 GLU A CA  1 
ATOM   1093 C C   . GLU A 1 148 ? -2.904  -0.107  15.199  1.00 15.48 ? 136 GLU A C   1 
ATOM   1094 O O   . GLU A 1 148 ? -2.545  -1.056  15.862  1.00 16.36 ? 136 GLU A O   1 
ATOM   1095 C CB  . GLU A 1 148 ? -4.727  1.312   15.995  1.00 18.38 ? 136 GLU A CB  1 
ATOM   1096 C CG  . GLU A 1 148 ? -5.107  2.432   16.923  1.00 22.09 ? 136 GLU A CG  1 
ATOM   1097 C CD  . GLU A 1 148 ? -6.596  2.582   17.107  1.00 26.35 ? 136 GLU A CD  1 
ATOM   1098 O OE1 . GLU A 1 148 ? -7.372  1.819   16.493  1.00 33.24 ? 136 GLU A OE1 1 
ATOM   1099 O OE2 . GLU A 1 148 ? -6.973  3.480   17.872  1.00 29.05 ? 136 GLU A OE2 1 
ATOM   1100 N N   . LYS A 1 149 ? -3.026  -0.153  13.877  1.00 12.92 ? 137 LYS A N   1 
ATOM   1101 C CA  . LYS A 1 149 ? -2.620  -1.359  13.176  1.00 12.35 ? 137 LYS A CA  1 
ATOM   1102 C C   . LYS A 1 149 ? -1.168  -1.709  13.424  1.00 14.48 ? 137 LYS A C   1 
ATOM   1103 O O   . LYS A 1 149 ? -0.815  -2.853  13.605  1.00 15.65 ? 137 LYS A O   1 
ATOM   1104 C CB  . LYS A 1 149 ? -2.843  -1.245  11.664  1.00 12.09 ? 137 LYS A CB  1 
ATOM   1105 C CG  . LYS A 1 149 ? -4.279  -1.137  11.197  1.00 15.22 ? 137 LYS A CG  1 
ATOM   1106 C CD  . LYS A 1 149 ? -5.120  -2.281  11.652  1.00 19.13 ? 137 LYS A CD  1 
ATOM   1107 C CE  . LYS A 1 149 ? -4.986  -3.520  10.851  1.00 22.27 ? 137 LYS A CE  1 
ATOM   1108 N NZ  . LYS A 1 149 ? -6.082  -4.480  11.335  1.00 23.63 ? 137 LYS A NZ  1 
ATOM   1109 N N   . LEU A 1 150 ? -0.299  -0.699  13.316  1.00 14.00 ? 138 LEU A N   1 
ATOM   1110 C CA  . LEU A 1 150 ? 1.125   -0.923  13.429  1.00 16.29 ? 138 LEU A CA  1 
ATOM   1111 C C   . LEU A 1 150 ? 1.558   -1.306  14.803  1.00 21.22 ? 138 LEU A C   1 
ATOM   1112 O O   . LEU A 1 150 ? 2.555   -2.012  14.958  1.00 20.14 ? 138 LEU A O   1 
ATOM   1113 C CB  . LEU A 1 150 ? 1.852   0.353   13.006  1.00 17.97 ? 138 LEU A CB  1 
ATOM   1114 C CG  . LEU A 1 150 ? 1.752   0.604   11.534  1.00 17.03 ? 138 LEU A CG  1 
ATOM   1115 C CD1 . LEU A 1 150 ? 2.260   2.000   11.180  1.00 17.59 ? 138 LEU A CD1 1 
ATOM   1116 C CD2 . LEU A 1 150 ? 2.551   -0.474  10.810  1.00 20.03 ? 138 LEU A CD2 1 
ATOM   1117 N N   . ALA A 1 151 ? 0.830   -0.840  15.797  1.00 18.23 ? 139 ALA A N   1 
ATOM   1118 C CA  . ALA A 1 151 ? 1.148   -1.149  17.211  1.00 21.37 ? 139 ALA A CA  1 
ATOM   1119 C C   . ALA A 1 151 ? 1.094   -2.647  17.512  1.00 19.33 ? 139 ALA A C   1 
ATOM   1120 O O   . ALA A 1 151 ? 1.759   -3.120  18.427  1.00 19.72 ? 139 ALA A O   1 
ATOM   1121 C CB  . ALA A 1 151 ? 0.235   -0.418  18.118  1.00 22.36 ? 139 ALA A CB  1 
ATOM   1122 N N   . PHE A 1 152 ? 0.355   -3.411  16.712  1.00 14.71 ? 140 PHE A N   1 
ATOM   1123 C CA  . PHE A 1 152 ? 0.349   -4.860  16.869  1.00 14.40 ? 140 PHE A CA  1 
ATOM   1124 C C   . PHE A 1 152 ? 1.733   -5.444  16.673  1.00 14.00 ? 140 PHE A C   1 
ATOM   1125 O O   . PHE A 1 152 ? 2.050   -6.487  17.247  1.00 17.16 ? 140 PHE A O   1 
ATOM   1126 C CB  . PHE A 1 152 ? -0.577  -5.454  15.831  1.00 13.15 ? 140 PHE A CB  1 
ATOM   1127 C CG  . PHE A 1 152 ? -0.675  -6.941  15.880  1.00 12.14 ? 140 PHE A CG  1 
ATOM   1128 C CD1 . PHE A 1 152 ? -1.293  -7.582  16.902  1.00 11.66 ? 140 PHE A CD1 1 
ATOM   1129 C CD2 . PHE A 1 152 ? -0.199  -7.705  14.811  1.00 19.20 ? 140 PHE A CD2 1 
ATOM   1130 C CE1 . PHE A 1 152 ? -1.406  -8.949  16.907  1.00 13.33 ? 140 PHE A CE1 1 
ATOM   1131 C CE2 . PHE A 1 152 ? -0.302  -9.072  14.820  1.00 19.28 ? 140 PHE A CE2 1 
ATOM   1132 C CZ  . PHE A 1 152 ? -0.916  -9.692  15.839  1.00 16.81 ? 140 PHE A CZ  1 
ATOM   1133 N N   . PHE A 1 153 ? 2.559   -4.761  15.890  1.00 15.43 ? 141 PHE A N   1 
ATOM   1134 C CA  . PHE A 1 153 ? 3.894   -5.246  15.576  1.00 19.17 ? 141 PHE A CA  1 
ATOM   1135 C C   . PHE A 1 153 ? 4.930   -4.659  16.550  1.00 25.33 ? 141 PHE A C   1 
ATOM   1136 O O   . PHE A 1 153 ? 6.102   -5.009  16.472  1.00 30.56 ? 141 PHE A O   1 
ATOM   1137 C CB  . PHE A 1 153 ? 4.216   -4.946  14.109  1.00 19.76 ? 141 PHE A CB  1 
ATOM   1138 C CG  . PHE A 1 153 ? 3.238   -5.557  13.147  1.00 15.93 ? 141 PHE A CG  1 
ATOM   1139 C CD1 . PHE A 1 153 ? 3.382   -6.848  12.692  1.00 16.83 ? 141 PHE A CD1 1 
ATOM   1140 C CD2 . PHE A 1 153 ? 2.107   -4.850  12.761  1.00 16.32 ? 141 PHE A CD2 1 
ATOM   1141 C CE1 . PHE A 1 153 ? 2.452   -7.382  11.843  1.00 18.47 ? 141 PHE A CE1 1 
ATOM   1142 C CE2 . PHE A 1 153 ? 1.191   -5.381  11.919  1.00 16.38 ? 141 PHE A CE2 1 
ATOM   1143 C CZ  . PHE A 1 153 ? 1.349   -6.631  11.442  1.00 17.53 ? 141 PHE A CZ  1 
ATOM   1144 N N   . ARG A 1 154 ? 4.466   -3.824  17.486  1.00 30.20 ? 142 ARG A N   1 
ATOM   1145 C CA  . ARG A 1 154 ? 5.276   -3.252  18.573  1.00 33.03 ? 142 ARG A CA  1 
ATOM   1146 C C   . ARG A 1 154 ? 5.337   -4.182  19.788  1.00 35.40 ? 142 ARG A C   1 
ATOM   1147 O O   . ARG A 1 154 ? 4.331   -4.415  20.467  1.00 33.76 ? 142 ARG A O   1 
ATOM   1148 C CB  . ARG A 1 154 ? 4.706   -1.889  19.010  1.00 34.05 ? 142 ARG A CB  1 
ATOM   1149 C CG  . ARG A 1 154 ? 5.422   -0.646  18.457  1.00 41.71 ? 142 ARG A CG  1 
ATOM   1150 C CD  . ARG A 1 154 ? 4.960   -0.165  17.074  1.00 44.73 ? 142 ARG A CD  1 
ATOM   1151 N NE  . ARG A 1 154 ? 5.945   -0.408  16.019  1.00 48.08 ? 142 ARG A NE  1 
ATOM   1152 C CZ  . ARG A 1 154 ? 5.905   0.143   14.804  1.00 49.37 ? 142 ARG A CZ  1 
ATOM   1153 N NH1 . ARG A 1 154 ? 4.935   0.978   14.473  1.00 55.58 ? 142 ARG A NH1 1 
ATOM   1154 N NH2 . ARG A 1 154 ? 6.847   -0.138  13.913  1.00 44.96 ? 142 ARG A NH2 1 
HETATM 1155 P P   . PO4 B 2 .   ? 8.868   -6.269  6.791   1.00 34.93 ? 143 PO4 A P   1 
HETATM 1156 O O1  . PO4 B 2 .   ? 8.573   -6.968  8.113   1.00 33.38 ? 143 PO4 A O1  1 
HETATM 1157 O O2  . PO4 B 2 .   ? 8.853   -4.763  6.904   1.00 36.50 ? 143 PO4 A O2  1 
HETATM 1158 O O3  . PO4 B 2 .   ? 10.242  -6.725  6.342   1.00 34.53 ? 143 PO4 A O3  1 
HETATM 1159 O O4  . PO4 B 2 .   ? 7.827   -6.645  5.770   1.00 35.41 ? 143 PO4 A O4  1 
HETATM 1160 O O   . HOH C 3 .   ? -8.836  2.836   -3.623  1.00 10.78 ? 144 HOH A O   1 
HETATM 1161 O O   . HOH C 3 .   ? 12.000  0.035   -12.157 1.00 12.36 ? 145 HOH A O   1 
HETATM 1162 O O   . HOH C 3 .   ? -14.054 4.572   -0.598  1.00 13.66 ? 146 HOH A O   1 
HETATM 1163 O O   . HOH C 3 .   ? 5.482   -0.620  -13.038 1.00 13.87 ? 147 HOH A O   1 
HETATM 1164 O O   . HOH C 3 .   ? -2.425  -4.934  12.833  1.00 14.99 ? 148 HOH A O   1 
HETATM 1165 O O   . HOH C 3 .   ? 11.143  1.551   -14.299 1.00 15.93 ? 149 HOH A O   1 
HETATM 1166 O O   . HOH C 3 .   ? -19.896 -2.744  -5.367  1.00 16.48 ? 150 HOH A O   1 
HETATM 1167 O O   . HOH C 3 .   ? -2.648  12.826  8.242   1.00 16.74 ? 151 HOH A O   1 
HETATM 1168 O O   . HOH C 3 .   ? -16.145 2.997   -0.031  1.00 16.77 ? 152 HOH A O   1 
HETATM 1169 O O   . HOH C 3 .   ? -16.724 2.999   -2.773  1.00 16.99 ? 153 HOH A O   1 
HETATM 1170 O O   . HOH C 3 .   ? 12.740  -6.686  -11.375 1.00 17.61 ? 154 HOH A O   1 
HETATM 1171 O O   . HOH C 3 .   ? 17.209  1.999   -2.172  1.00 18.22 ? 155 HOH A O   1 
HETATM 1172 O O   . HOH C 3 .   ? 7.760   0.489   -11.790 1.00 18.19 ? 156 HOH A O   1 
HETATM 1173 O O   . HOH C 3 .   ? 13.466  1.255   -10.278 1.00 18.39 ? 157 HOH A O   1 
HETATM 1174 O O   . HOH C 3 .   ? -13.056 6.059   -7.903  1.00 18.58 ? 158 HOH A O   1 
HETATM 1175 O O   . HOH C 3 .   ? 19.082  2.221   -0.159  1.00 19.08 ? 159 HOH A O   1 
HETATM 1176 O O   . HOH C 3 .   ? -1.765  -13.663 -5.290  1.00 19.28 ? 160 HOH A O   1 
HETATM 1177 O O   . HOH C 3 .   ? -9.891  8.858   -1.468  1.00 19.51 ? 161 HOH A O   1 
HETATM 1178 O O   . HOH C 3 .   ? 5.058   10.405  10.478  1.00 19.54 ? 162 HOH A O   1 
HETATM 1179 O O   . HOH C 3 .   ? -6.484  -4.497  7.897   1.00 19.21 ? 163 HOH A O   1 
HETATM 1180 O O   . HOH C 3 .   ? -4.219  -12.988 -3.236  1.00 18.86 ? 164 HOH A O   1 
HETATM 1181 O O   . HOH C 3 .   ? 5.805   -5.045  6.220   1.00 19.24 ? 165 HOH A O   1 
HETATM 1182 O O   . HOH C 3 .   ? -6.911  10.354  6.783   1.00 19.69 ? 166 HOH A O   1 
HETATM 1183 O O   . HOH C 3 .   ? 1.625   -1.430  -18.217 1.00 19.72 ? 167 HOH A O   1 
HETATM 1184 O O   . HOH C 3 .   ? -18.009 3.427   1.985   1.00 20.65 ? 168 HOH A O   1 
HETATM 1185 O O   . HOH C 3 .   ? 6.128   -12.628 -16.977 1.00 20.26 ? 169 HOH A O   1 
HETATM 1186 O O   . HOH C 3 .   ? -11.025 1.389   0.321   1.00 20.69 ? 170 HOH A O   1 
HETATM 1187 O O   . HOH C 3 .   ? -12.218 8.665   -6.693  1.00 20.56 ? 171 HOH A O   1 
HETATM 1188 O O   . HOH C 3 .   ? 10.010  2.028   5.664   1.00 21.44 ? 172 HOH A O   1 
HETATM 1189 O O   . HOH C 3 .   ? -16.349 -4.741  -4.048  1.00 21.49 ? 173 HOH A O   1 
HETATM 1190 O O   . HOH C 3 .   ? -19.650 2.679   -7.175  1.00 21.57 ? 174 HOH A O   1 
HETATM 1191 O O   . HOH C 3 .   ? 6.807   12.962  5.698   1.00 21.09 ? 175 HOH A O   1 
HETATM 1192 O O   . HOH C 3 .   ? 3.986   13.367  5.929   1.00 21.57 ? 176 HOH A O   1 
HETATM 1193 O O   . HOH C 3 .   ? 14.542  5.996   17.654  1.00 21.99 ? 177 HOH A O   1 
HETATM 1194 O O   . HOH C 3 .   ? 14.152  10.315  18.161  1.00 21.95 ? 178 HOH A O   1 
HETATM 1195 O O   . HOH C 3 .   ? 0.588   -9.743  -8.081  1.00 22.11 ? 179 HOH A O   1 
HETATM 1196 O O   . HOH C 3 .   ? 5.164   -11.645 -10.221 1.00 22.11 ? 180 HOH A O   1 
HETATM 1197 O O   . HOH C 3 .   ? 8.645   -1.986  -0.809  1.00 22.20 ? 181 HOH A O   1 
HETATM 1198 O O   . HOH C 3 .   ? -12.191 -0.695  6.246   1.00 22.61 ? 182 HOH A O   1 
HETATM 1199 O O   . HOH C 3 .   ? -10.252 4.056   10.242  1.00 22.41 ? 183 HOH A O   1 
HETATM 1200 O O   . HOH C 3 .   ? -18.732 -4.416  -2.239  1.00 22.20 ? 184 HOH A O   1 
HETATM 1201 O O   . HOH C 3 .   ? 3.817   8.797   14.137  1.00 23.46 ? 185 HOH A O   1 
HETATM 1202 O O   . HOH C 3 .   ? -14.483 -4.024  -2.112  1.00 23.64 ? 186 HOH A O   1 
HETATM 1203 O O   . HOH C 3 .   ? 10.492  -6.123  -4.805  1.00 23.34 ? 187 HOH A O   1 
HETATM 1204 O O   . HOH C 3 .   ? 8.661   2.631   -13.241 1.00 23.52 ? 188 HOH A O   1 
HETATM 1205 O O   . HOH C 3 .   ? 13.799  -6.469  -8.760  1.00 24.12 ? 189 HOH A O   1 
HETATM 1206 O O   . HOH C 3 .   ? 2.994   15.700  4.530   1.00 24.21 ? 190 HOH A O   1 
HETATM 1207 O O   . HOH C 3 .   ? 11.635  3.144   -5.565  1.00 24.19 ? 191 HOH A O   1 
HETATM 1208 O O   . HOH C 3 .   ? -21.506 -4.955  -5.390  1.00 23.91 ? 192 HOH A O   1 
HETATM 1209 O O   . HOH C 3 .   ? 9.492   6.381   6.434   1.00 24.89 ? 193 HOH A O   1 
HETATM 1210 O O   . HOH C 3 .   ? 8.388   -2.907  8.513   1.00 24.73 ? 194 HOH A O   1 
HETATM 1211 O O   . HOH C 3 .   ? -8.001  -0.893  -11.721 1.00 23.93 ? 195 HOH A O   1 
HETATM 1212 O O   . HOH C 3 .   ? -0.290  13.003  9.578   1.00 24.98 ? 196 HOH A O   1 
HETATM 1213 O O   . HOH C 3 .   ? 0.461   12.046  -8.224  1.00 23.91 ? 197 HOH A O   1 
HETATM 1214 O O   . HOH C 3 .   ? -0.222  -13.967 -14.743 1.00 24.59 ? 198 HOH A O   1 
HETATM 1215 O O   . HOH C 3 .   ? -11.502 9.865   7.023   1.00 24.80 ? 199 HOH A O   1 
HETATM 1216 O O   . HOH C 3 .   ? -0.115  -8.509  8.449   1.00 24.69 ? 200 HOH A O   1 
HETATM 1217 O O   . HOH C 3 .   ? -18.615 -7.194  -11.050 1.00 25.42 ? 201 HOH A O   1 
HETATM 1218 O O   . HOH C 3 .   ? -3.453  15.568  7.827   1.00 25.36 ? 202 HOH A O   1 
HETATM 1219 O O   . HOH C 3 .   ? 0.914   -11.950 -16.319 1.00 25.16 ? 203 HOH A O   1 
HETATM 1220 O O   . HOH C 3 .   ? -22.633 -6.201  -7.350  1.00 25.86 ? 204 HOH A O   1 
HETATM 1221 O O   . HOH C 3 .   ? 6.866   -11.827 -8.272  1.00 26.75 ? 205 HOH A O   1 
HETATM 1222 O O   . HOH C 3 .   ? -17.105 5.430   3.675   1.00 25.83 ? 206 HOH A O   1 
HETATM 1223 O O   . HOH C 3 .   ? 10.830  2.430   2.861   1.00 25.61 ? 207 HOH A O   1 
HETATM 1224 O O   . HOH C 3 .   ? 12.126  5.508   5.647   1.00 26.36 ? 208 HOH A O   1 
HETATM 1225 O O   . HOH C 3 .   ? -3.087  13.970  -1.612  1.00 26.26 ? 209 HOH A O   1 
HETATM 1226 O O   . HOH C 3 .   ? -9.740  13.910  6.035   1.00 27.43 ? 210 HOH A O   1 
HETATM 1227 O O   . HOH C 3 .   ? -15.884 1.484   -9.777  1.00 27.27 ? 211 HOH A O   1 
HETATM 1228 O O   . HOH C 3 .   ? 16.977  4.212   -9.436  1.00 26.70 ? 212 HOH A O   1 
HETATM 1229 O O   . HOH C 3 .   ? -7.439  -2.511  -13.886 1.00 28.18 ? 213 HOH A O   1 
HETATM 1230 O O   . HOH C 3 .   ? 11.881  -6.784  -17.991 1.00 27.05 ? 214 HOH A O   1 
HETATM 1231 O O   . HOH C 3 .   ? 8.104   -4.454  -17.544 1.00 28.36 ? 215 HOH A O   1 
HETATM 1232 O O   . HOH C 3 .   ? -3.611  5.458   17.082  1.00 26.99 ? 216 HOH A O   1 
HETATM 1233 O O   . HOH C 3 .   ? 11.372  11.729  25.242  1.00 28.34 ? 217 HOH A O   1 
HETATM 1234 O O   . HOH C 3 .   ? 2.631   17.532  2.010   1.00 28.29 ? 218 HOH A O   1 
HETATM 1235 O O   . HOH C 3 .   ? -5.061  -7.555  5.543   1.00 28.94 ? 219 HOH A O   1 
HETATM 1236 O O   . HOH C 3 .   ? 11.037  -5.637  -2.355  1.00 28.50 ? 220 HOH A O   1 
HETATM 1237 O O   . HOH C 3 .   ? -15.181 -1.074  -10.294 1.00 28.48 ? 221 HOH A O   1 
HETATM 1238 O O   . HOH C 3 .   ? 2.625   -6.045  19.868  1.00 28.99 ? 222 HOH A O   1 
HETATM 1239 O O   . HOH C 3 .   ? 0.509   -11.374 18.388  1.00 29.02 ? 223 HOH A O   1 
HETATM 1240 O O   . HOH C 3 .   ? 8.623   -13.809 -11.227 1.00 29.13 ? 224 HOH A O   1 
HETATM 1241 O O   . HOH C 3 .   ? 6.080   -1.655  -17.011 1.00 29.28 ? 225 HOH A O   1 
HETATM 1242 O O   . HOH C 3 .   ? 13.179  11.114  11.442  1.00 30.01 ? 226 HOH A O   1 
HETATM 1243 O O   . HOH C 3 .   ? -2.538  -7.361  11.752  1.00 30.28 ? 227 HOH A O   1 
HETATM 1244 O O   . HOH C 3 .   ? -7.190  17.821  3.569   1.00 29.81 ? 228 HOH A O   1 
HETATM 1245 O O   . HOH C 3 .   ? -6.920  -11.256 -1.089  1.00 30.27 ? 229 HOH A O   1 
HETATM 1246 O O   . HOH C 3 .   ? -1.467  16.122  5.861   1.00 29.70 ? 230 HOH A O   1 
HETATM 1247 O O   . HOH C 3 .   ? -5.068  -15.782 -5.745  1.00 29.61 ? 231 HOH A O   1 
HETATM 1248 O O   . HOH C 3 .   ? -2.407  13.299  -7.550  1.00 30.52 ? 232 HOH A O   1 
HETATM 1249 O O   . HOH C 3 .   ? 17.695  1.658   4.485   1.00 30.32 ? 233 HOH A O   1 
HETATM 1250 O O   . HOH C 3 .   ? -6.028  -11.843 -9.487  1.00 30.64 ? 234 HOH A O   1 
HETATM 1251 O O   . HOH C 3 .   ? -12.108 -11.121 -2.201  1.00 31.72 ? 235 HOH A O   1 
HETATM 1252 O O   . HOH C 3 .   ? 8.646   6.297   -9.595  1.00 31.42 ? 236 HOH A O   1 
HETATM 1253 O O   . HOH C 3 .   ? -3.737  5.581   -13.464 1.00 30.82 ? 237 HOH A O   1 
HETATM 1254 O O   . HOH C 3 .   ? 1.995   -12.945 0.929   1.00 31.82 ? 238 HOH A O   1 
HETATM 1255 O O   . HOH C 3 .   ? 9.602   -4.529  -0.517  1.00 32.48 ? 239 HOH A O   1 
HETATM 1256 O O   . HOH C 3 .   ? 2.076   -9.026  17.889  1.00 32.94 ? 240 HOH A O   1 
HETATM 1257 O O   . HOH C 3 .   ? 1.514   14.901  -0.374  1.00 31.84 ? 241 HOH A O   1 
HETATM 1258 O O   . HOH C 3 .   ? 14.646  1.541   4.425   1.00 31.88 ? 242 HOH A O   1 
HETATM 1259 O O   . HOH C 3 .   ? 6.372   12.601  9.683   1.00 32.37 ? 243 HOH A O   1 
HETATM 1260 O O   . HOH C 3 .   ? -17.890 7.006   -3.580  1.00 32.72 ? 244 HOH A O   1 
HETATM 1261 O O   . HOH C 3 .   ? 16.255  4.291   -2.797  1.00 32.54 ? 245 HOH A O   1 
HETATM 1262 O O   . HOH C 3 .   ? -18.214 -7.228  -13.775 1.00 33.56 ? 246 HOH A O   1 
HETATM 1263 O O   . HOH C 3 .   ? -6.684  0.226   13.461  1.00 32.56 ? 247 HOH A O   1 
HETATM 1264 O O   . HOH C 3 .   ? 2.351   -11.386 9.081   1.00 31.95 ? 248 HOH A O   1 
HETATM 1265 O O   . HOH C 3 .   ? 6.822   -12.297 -12.365 1.00 32.01 ? 249 HOH A O   1 
HETATM 1266 O O   . HOH C 3 .   ? 2.187   12.698  12.708  1.00 32.66 ? 250 HOH A O   1 
HETATM 1267 O O   . HOH C 3 .   ? -8.295  -2.617  8.687   1.00 32.46 ? 251 HOH A O   1 
HETATM 1268 O O   . HOH C 3 .   ? -6.177  -2.078  -17.097 1.00 33.03 ? 252 HOH A O   1 
HETATM 1269 O O   . HOH C 3 .   ? 9.456   4.518   -11.731 1.00 32.50 ? 253 HOH A O   1 
HETATM 1270 O O   . HOH C 3 .   ? -2.790  7.776   17.143  1.00 32.54 ? 254 HOH A O   1 
HETATM 1271 O O   . HOH C 3 .   ? 12.419  3.162   -8.804  1.00 32.63 ? 255 HOH A O   1 
HETATM 1272 O O   . HOH C 3 .   ? -9.498  5.321   -10.612 1.00 33.49 ? 256 HOH A O   1 
HETATM 1273 O O   . HOH C 3 .   ? -5.671  -8.069  2.988   1.00 32.50 ? 257 HOH A O   1 
HETATM 1274 O O   . HOH C 3 .   ? 13.197  -6.752  -1.401  1.00 32.80 ? 258 HOH A O   1 
HETATM 1275 O O   . HOH C 3 .   ? -9.618  10.297  -4.993  1.00 33.27 ? 259 HOH A O   1 
HETATM 1276 O O   . HOH C 3 .   ? 11.061  -10.263 -3.725  1.00 33.97 ? 260 HOH A O   1 
HETATM 1277 O O   . HOH C 3 .   ? 12.373  1.100   11.745  1.00 32.69 ? 261 HOH A O   1 
HETATM 1278 O O   . HOH C 3 .   ? 2.437   -15.355 0.366   1.00 31.99 ? 262 HOH A O   1 
HETATM 1279 O O   . HOH C 3 .   ? 10.995  -4.377  -17.571 1.00 33.96 ? 263 HOH A O   1 
HETATM 1280 O O   . HOH C 3 .   ? 14.600  12.001  4.757   1.00 34.74 ? 264 HOH A O   1 
HETATM 1281 O O   . HOH C 3 .   ? -3.878  -13.177 2.702   1.00 34.37 ? 265 HOH A O   1 
HETATM 1282 O O   . HOH C 3 .   ? 4.098   12.455  22.326  1.00 34.48 ? 266 HOH A O   1 
HETATM 1283 O O   . HOH C 3 .   ? 7.826   -4.362  13.311  1.00 34.57 ? 267 HOH A O   1 
HETATM 1284 O O   . HOH C 3 .   ? -0.705  -9.163  10.727  1.00 33.91 ? 268 HOH A O   1 
HETATM 1285 O O   . HOH C 3 .   ? -7.276  -7.118  7.109   1.00 35.06 ? 269 HOH A O   1 
HETATM 1286 O O   . HOH C 3 .   ? -18.296 1.523   3.935   1.00 34.97 ? 270 HOH A O   1 
HETATM 1287 O O   . HOH C 3 .   ? 3.003   -11.060 4.536   1.00 34.28 ? 271 HOH A O   1 
HETATM 1288 O O   . HOH C 3 .   ? 7.751   -3.601  -20.063 1.00 35.34 ? 272 HOH A O   1 
HETATM 1289 O O   . HOH C 3 .   ? 0.335   6.771   -13.441 1.00 34.31 ? 273 HOH A O   1 
HETATM 1290 O O   . HOH C 3 .   ? 4.449   11.615  13.620  1.00 35.55 ? 274 HOH A O   1 
HETATM 1291 O O   . HOH C 3 .   ? -0.976  -2.312  -21.252 1.00 35.30 ? 275 HOH A O   1 
HETATM 1292 O O   . HOH C 3 .   ? 7.096   -10.276 -13.559 1.00 35.71 ? 276 HOH A O   1 
HETATM 1293 O O   . HOH C 3 .   ? -4.364  10.104  -7.450  1.00 35.81 ? 277 HOH A O   1 
HETATM 1294 O O   . HOH C 3 .   ? -9.543  14.934  3.768   1.00 35.89 ? 278 HOH A O   1 
HETATM 1295 O O   . HOH C 3 .   ? -2.003  3.899   18.261  1.00 37.31 ? 279 HOH A O   1 
HETATM 1296 O O   . HOH C 3 .   ? 3.402   13.495  -2.161  1.00 35.65 ? 280 HOH A O   1 
HETATM 1297 O O   . HOH C 3 .   ? 1.791   0.709   -16.819 1.00 35.81 ? 281 HOH A O   1 
HETATM 1298 O O   . HOH C 3 .   ? -5.131  4.822   19.110  1.00 36.13 ? 282 HOH A O   1 
HETATM 1299 O O   . HOH C 3 .   ? -19.807 6.297   -10.286 1.00 36.31 ? 283 HOH A O   1 
HETATM 1300 O O   . HOH C 3 .   ? 12.701  -8.419  -16.482 1.00 36.05 ? 284 HOH A O   1 
HETATM 1301 O O   . HOH C 3 .   ? -5.412  9.021   17.697  1.00 37.11 ? 285 HOH A O   1 
HETATM 1302 O O   . HOH C 3 .   ? 7.305   -7.378  13.208  1.00 36.83 ? 286 HOH A O   1 
HETATM 1303 O O   . HOH C 3 .   ? 5.812   -3.563  -21.768 1.00 37.21 ? 287 HOH A O   1 
HETATM 1304 O O   . HOH C 3 .   ? -9.803  5.606   12.397  1.00 37.17 ? 288 HOH A O   1 
HETATM 1305 O O   . HOH C 3 .   ? -16.669 -0.174  4.393   1.00 39.04 ? 289 HOH A O   1 
HETATM 1306 O O   . HOH C 3 .   ? -16.938 -7.469  -4.050  1.00 37.38 ? 290 HOH A O   1 
HETATM 1307 O O   . HOH C 3 .   ? -1.713  1.710   19.761  1.00 35.85 ? 291 HOH A O   1 
HETATM 1308 O O   . HOH C 3 .   ? -11.220 1.176   10.848  1.00 36.94 ? 292 HOH A O   1 
HETATM 1309 O O   . HOH C 3 .   ? 0.043   3.013   18.166  1.00 37.30 ? 293 HOH A O   1 
HETATM 1310 O O   . HOH C 3 .   ? 17.480  5.988   -0.582  1.00 36.36 ? 294 HOH A O   1 
HETATM 1311 O O   . HOH C 3 .   ? -20.887 -8.547  -10.222 1.00 38.08 ? 295 HOH A O   1 
HETATM 1312 O O   . HOH C 3 .   ? 10.267  -8.801  5.324   1.00 37.78 ? 296 HOH A O   1 
HETATM 1313 O O   . HOH C 3 .   ? 6.162   13.557  14.179  1.00 37.43 ? 297 HOH A O   1 
HETATM 1314 O O   . HOH C 3 .   ? -2.630  6.850   -7.341  1.00 36.61 ? 298 HOH A O   1 
HETATM 1315 O O   . HOH C 3 .   ? -5.157  -6.587  9.945   1.00 37.85 ? 299 HOH A O   1 
HETATM 1316 O O   . HOH C 3 .   ? 11.691  4.641   -7.296  1.00 37.55 ? 300 HOH A O   1 
HETATM 1317 O O   . HOH C 3 .   ? 16.513  -0.525  5.077   1.00 39.19 ? 301 HOH A O   1 
HETATM 1318 O O   . HOH C 3 .   ? 6.973   5.436   24.014  1.00 37.20 ? 302 HOH A O   1 
HETATM 1319 O O   . HOH C 3 .   ? -6.039  7.273   19.547  1.00 38.43 ? 303 HOH A O   1 
HETATM 1320 O O   . HOH C 3 .   ? -18.912 3.744   -9.517  1.00 39.76 ? 304 HOH A O   1 
HETATM 1321 O O   . HOH C 3 .   ? 8.244   11.121  8.265   1.00 38.67 ? 305 HOH A O   1 
HETATM 1322 O O   . HOH C 3 .   ? -11.808 -10.871 -14.350 1.00 38.86 ? 306 HOH A O   1 
HETATM 1323 O O   . HOH C 3 .   ? 2.501   7.193   19.256  1.00 40.22 ? 307 HOH A O   1 
HETATM 1324 O O   . HOH C 3 .   ? 13.207  4.299   -3.362  1.00 40.39 ? 308 HOH A O   1 
HETATM 1325 O O   . HOH C 3 .   ? -2.928  17.866  4.496   1.00 40.54 ? 309 HOH A O   1 
HETATM 1326 O O   . HOH C 3 .   ? 2.564   12.487  -10.223 1.00 39.65 ? 310 HOH A O   1 
HETATM 1327 O O   . HOH C 3 .   ? -1.710  0.270   -16.868 1.00 38.31 ? 311 HOH A O   1 
HETATM 1328 O O   . HOH C 3 .   ? -9.318  7.869   12.609  1.00 40.89 ? 312 HOH A O   1 
HETATM 1329 O O   . HOH C 3 .   ? -10.673 -0.429  8.698   1.00 40.13 ? 313 HOH A O   1 
HETATM 1330 O O   . HOH C 3 .   ? -16.918 10.032  2.620   1.00 41.05 ? 314 HOH A O   1 
HETATM 1331 O O   . HOH C 3 .   ? -0.777  -13.525 16.649  1.00 41.89 ? 315 HOH A O   1 
HETATM 1332 O O   . HOH C 3 .   ? 0.175   2.990   -14.030 1.00 43.05 ? 316 HOH A O   1 
HETATM 1333 O O   . HOH C 3 .   ? 9.611   -12.298 -7.619  1.00 40.33 ? 317 HOH A O   1 
HETATM 1334 O O   . HOH C 3 .   ? -13.573 -6.712  4.540   1.00 43.19 ? 318 HOH A O   1 
HETATM 1335 O O   . HOH C 3 .   ? -10.104 1.463   18.160  1.00 42.25 ? 319 HOH A O   1 
HETATM 1336 O O   . HOH C 3 .   ? -15.503 0.863   7.677   1.00 40.95 ? 320 HOH A O   1 
HETATM 1337 O O   . HOH C 3 .   ? -8.095  -9.633  0.569   1.00 45.58 ? 321 HOH A O   1 
HETATM 1338 O O   . HOH C 3 .   ? -11.001 -5.608  5.169   1.00 43.80 ? 322 HOH A O   1 
HETATM 1339 O O   . HOH C 3 .   ? 12.878  4.819   25.216  1.00 42.47 ? 323 HOH A O   1 
HETATM 1340 O O   . HOH C 3 .   ? -5.081  -2.734  -19.568 1.00 43.35 ? 324 HOH A O   1 
HETATM 1341 O O   . HOH C 3 .   ? 5.587   3.072   21.906  1.00 44.70 ? 325 HOH A O   1 
HETATM 1342 O O   . HOH C 3 .   ? 5.935   -8.077  15.454  1.00 43.72 ? 326 HOH A O   1 
# 
loop_
_pdbx_poly_seq_scheme.asym_id 
_pdbx_poly_seq_scheme.entity_id 
_pdbx_poly_seq_scheme.seq_id 
_pdbx_poly_seq_scheme.mon_id 
_pdbx_poly_seq_scheme.ndb_seq_num 
_pdbx_poly_seq_scheme.pdb_seq_num 
_pdbx_poly_seq_scheme.auth_seq_num 
_pdbx_poly_seq_scheme.pdb_mon_id 
_pdbx_poly_seq_scheme.auth_mon_id 
_pdbx_poly_seq_scheme.pdb_strand_id 
_pdbx_poly_seq_scheme.pdb_ins_code 
_pdbx_poly_seq_scheme.hetero 
A 1 1   MET 1   -11 ?   ?   ?   A . n 
A 1 2   GLY 2   -10 ?   ?   ?   A . n 
A 1 3   SER 3   -9  ?   ?   ?   A . n 
A 1 4   ASP 4   -8  ?   ?   ?   A . n 
A 1 5   LYS 5   -7  ?   ?   ?   A . n 
A 1 6   ILE 6   -6  ?   ?   ?   A . n 
A 1 7   HIS 7   -5  ?   ?   ?   A . n 
A 1 8   HIS 8   -4  ?   ?   ?   A . n 
A 1 9   HIS 9   -3  ?   ?   ?   A . n 
A 1 10  HIS 10  -2  ?   ?   ?   A . n 
A 1 11  HIS 11  -1  ?   ?   ?   A . n 
A 1 12  HIS 12  0   ?   ?   ?   A . n 
A 1 13  MET 13  1   ?   ?   ?   A . n 
A 1 14  SER 14  2   ?   ?   ?   A . n 
A 1 15  ASP 15  3   ?   ?   ?   A . n 
A 1 16  SER 16  4   ?   ?   ?   A . n 
A 1 17  LEU 17  5   ?   ?   ?   A . n 
A 1 18  VAL 18  6   6   VAL VAL A . n 
A 1 19  VAL 19  7   7   VAL VAL A . n 
A 1 20  CYS 20  8   8   CYS CYS A . n 
A 1 21  GLU 21  9   9   GLU GLU A . n 
A 1 22  VAL 22  10  10  VAL VAL A . n 
A 1 23  ASP 23  11  11  ASP ASP A . n 
A 1 24  PRO 24  12  12  PRO PRO A . n 
A 1 25  GLU 25  13  13  GLU GLU A . n 
A 1 26  LEU 26  14  14  LEU LEU A . n 
A 1 27  LYS 27  15  15  LYS LYS A . n 
A 1 28  GLU 28  16  16  GLU GLU A . n 
A 1 29  THR 29  17  17  THR THR A . n 
A 1 30  LEU 30  18  18  LEU LEU A . n 
A 1 31  ARG 31  19  19  ARG ARG A . n 
A 1 32  LYS 32  20  20  LYS LYS A . n 
A 1 33  PHE 33  21  21  PHE PHE A . n 
A 1 34  ARG 34  22  22  ARG ARG A . n 
A 1 35  PHE 35  23  23  PHE PHE A . n 
A 1 36  ARG 36  24  24  ARG ARG A . n 
A 1 37  LYS 37  25  25  LYS LYS A . n 
A 1 38  GLU 38  26  26  GLU GLU A . n 
A 1 39  THR 39  27  27  THR THR A . n 
A 1 40  ASN 40  28  28  ASN ASN A . n 
A 1 41  ASN 41  29  29  ASN ASN A . n 
A 1 42  ALA 42  30  30  ALA ALA A . n 
A 1 43  ALA 43  31  31  ALA ALA A . n 
A 1 44  ILE 44  32  32  ILE ILE A . n 
A 1 45  ILE 45  33  33  ILE ILE A . n 
A 1 46  MET 46  34  34  MET MET A . n 
A 1 47  LYS 47  35  35  LYS LYS A . n 
A 1 48  VAL 48  36  36  VAL VAL A . n 
A 1 49  ASP 49  37  37  ASP ASP A . n 
A 1 50  LYS 50  38  38  LYS LYS A . n 
A 1 51  ASP 51  39  39  ASP ASP A . n 
A 1 52  ARG 52  40  40  ARG ARG A . n 
A 1 53  GLN 53  41  41  GLN GLN A . n 
A 1 54  MET 54  42  42  MET MET A . n 
A 1 55  VAL 55  43  43  VAL VAL A . n 
A 1 56  VAL 56  44  44  VAL VAL A . n 
A 1 57  LEU 57  45  45  LEU LEU A . n 
A 1 58  GLU 58  46  46  GLU GLU A . n 
A 1 59  ASP 59  47  47  ASP ASP A . n 
A 1 60  GLU 60  48  48  GLU GLU A . n 
A 1 61  LEU 61  49  49  LEU LEU A . n 
A 1 62  GLN 62  50  50  GLN GLN A . n 
A 1 63  ASN 63  51  51  ASN ASN A . n 
A 1 64  ILE 64  52  52  ILE ILE A . n 
A 1 65  SER 65  53  53  SER SER A . n 
A 1 66  PRO 66  54  54  PRO PRO A . n 
A 1 67  GLU 67  55  55  GLU GLU A . n 
A 1 68  GLU 68  56  56  GLU GLU A . n 
A 1 69  LEU 69  57  57  LEU LEU A . n 
A 1 70  LYS 70  58  58  LYS LYS A . n 
A 1 71  LEU 71  59  59  LEU LEU A . n 
A 1 72  GLU 72  60  60  GLU GLU A . n 
A 1 73  LEU 73  61  61  LEU LEU A . n 
A 1 74  PRO 74  62  62  PRO PRO A . n 
A 1 75  GLU 75  63  63  GLU GLU A . n 
A 1 76  ARG 76  64  64  ARG ARG A . n 
A 1 77  GLN 77  65  65  GLN GLN A . n 
A 1 78  PRO 78  66  66  PRO PRO A . n 
A 1 79  ARG 79  67  67  ARG ARG A . n 
A 1 80  PHE 80  68  68  PHE PHE A . n 
A 1 81  VAL 81  69  69  VAL VAL A . n 
A 1 82  VAL 82  70  70  VAL VAL A . n 
A 1 83  TYR 83  71  71  TYR TYR A . n 
A 1 84  SER 84  72  72  SER SER A . n 
A 1 85  TYR 85  73  73  TYR TYR A . n 
A 1 86  LYS 86  74  74  LYS LYS A . n 
A 1 87  TYR 87  75  75  TYR TYR A . n 
A 1 88  VAL 88  76  76  VAL VAL A . n 
A 1 89  HIS 89  77  77  HIS HIS A . n 
A 1 90  ASP 90  78  78  ASP ASP A . n 
A 1 91  ASP 91  79  79  ASP ASP A . n 
A 1 92  GLY 92  80  80  GLY GLY A . n 
A 1 93  ARG 93  81  81  ARG ARG A . n 
A 1 94  VAL 94  82  82  VAL VAL A . n 
A 1 95  SER 95  83  83  SER SER A . n 
A 1 96  TYR 96  84  84  TYR TYR A . n 
A 1 97  PRO 97  85  85  PRO PRO A . n 
A 1 98  LEU 98  86  86  LEU LEU A . n 
A 1 99  CYS 99  87  87  CYS CYS A . n 
A 1 100 PHE 100 88  88  PHE PHE A . n 
A 1 101 ILE 101 89  89  ILE ILE A . n 
A 1 102 PHE 102 90  90  PHE PHE A . n 
A 1 103 SER 103 91  91  SER SER A . n 
A 1 104 SER 104 92  92  SER SER A . n 
A 1 105 PRO 105 93  93  PRO PRO A . n 
A 1 106 VAL 106 94  94  VAL VAL A . n 
A 1 107 GLY 107 95  95  GLY GLY A . n 
A 1 108 CYS 108 96  96  CYS CYS A . n 
A 1 109 LYS 109 97  97  LYS LYS A . n 
A 1 110 PRO 110 98  98  PRO PRO A . n 
A 1 111 GLU 111 99  99  GLU GLU A . n 
A 1 112 GLN 112 100 100 GLN GLN A . n 
A 1 113 GLN 113 101 101 GLN GLN A . n 
A 1 114 MET 114 102 102 MET MET A . n 
A 1 115 MET 115 103 103 MET MET A . n 
A 1 116 TYR 116 104 104 TYR TYR A . n 
A 1 117 ALA 117 105 105 ALA ALA A . n 
A 1 118 GLY 118 106 106 GLY GLY A . n 
A 1 119 SER 119 107 107 SER SER A . n 
A 1 120 LYS 120 108 108 LYS LYS A . n 
A 1 121 ASN 121 109 109 ASN ASN A . n 
A 1 122 ARG 122 110 110 ARG ARG A . n 
A 1 123 LEU 123 111 111 LEU LEU A . n 
A 1 124 VAL 124 112 112 VAL VAL A . n 
A 1 125 GLN 125 113 113 GLN GLN A . n 
A 1 126 THR 126 114 114 THR THR A . n 
A 1 127 ALA 127 115 115 ALA ALA A . n 
A 1 128 GLU 128 116 116 GLU GLU A . n 
A 1 129 LEU 129 117 117 LEU LEU A . n 
A 1 130 THR 130 118 118 THR THR A . n 
A 1 131 LYS 131 119 119 LYS LYS A . n 
A 1 132 VAL 132 120 120 VAL VAL A . n 
A 1 133 PHE 133 121 121 PHE PHE A . n 
A 1 134 GLU 134 122 122 GLU GLU A . n 
A 1 135 ILE 135 123 123 ILE ILE A . n 
A 1 136 ARG 136 124 124 ARG ARG A . n 
A 1 137 THR 137 125 125 THR THR A . n 
A 1 138 THR 138 126 126 THR THR A . n 
A 1 139 ASP 139 127 127 ASP ASP A . n 
A 1 140 ASP 140 128 128 ASP ASP A . n 
A 1 141 LEU 141 129 129 LEU LEU A . n 
A 1 142 THR 142 130 130 THR THR A . n 
A 1 143 GLU 143 131 131 GLU GLU A . n 
A 1 144 THR 144 132 132 THR THR A . n 
A 1 145 TRP 145 133 133 TRP TRP A . n 
A 1 146 LEU 146 134 134 LEU LEU A . n 
A 1 147 LYS 147 135 135 LYS LYS A . n 
A 1 148 GLU 148 136 136 GLU GLU A . n 
A 1 149 LYS 149 137 137 LYS LYS A . n 
A 1 150 LEU 150 138 138 LEU LEU A . n 
A 1 151 ALA 151 139 139 ALA ALA A . n 
A 1 152 PHE 152 140 140 PHE PHE A . n 
A 1 153 PHE 153 141 141 PHE PHE A . n 
A 1 154 ARG 154 142 142 ARG ARG A . n 
# 
_pdbx_SG_project.id                    1 
_pdbx_SG_project.project_name          'PSI, Protein Structure Initiative' 
_pdbx_SG_project.full_name_of_center   'Joint Center for Structural Genomics' 
_pdbx_SG_project.initial_of_center     JCSG 
# 
loop_
_pdbx_nonpoly_scheme.asym_id 
_pdbx_nonpoly_scheme.entity_id 
_pdbx_nonpoly_scheme.mon_id 
_pdbx_nonpoly_scheme.ndb_seq_num 
_pdbx_nonpoly_scheme.pdb_seq_num 
_pdbx_nonpoly_scheme.auth_seq_num 
_pdbx_nonpoly_scheme.pdb_mon_id 
_pdbx_nonpoly_scheme.auth_mon_id 
_pdbx_nonpoly_scheme.pdb_strand_id 
_pdbx_nonpoly_scheme.pdb_ins_code 
B 2 PO4 1   143 1   PO4 PO4 A . 
C 3 HOH 1   144 2   HOH HOH A . 
C 3 HOH 2   145 3   HOH HOH A . 
C 3 HOH 3   146 4   HOH HOH A . 
C 3 HOH 4   147 5   HOH HOH A . 
C 3 HOH 5   148 6   HOH HOH A . 
C 3 HOH 6   149 7   HOH HOH A . 
C 3 HOH 7   150 8   HOH HOH A . 
C 3 HOH 8   151 9   HOH HOH A . 
C 3 HOH 9   152 10  HOH HOH A . 
C 3 HOH 10  153 11  HOH HOH A . 
C 3 HOH 11  154 12  HOH HOH A . 
C 3 HOH 12  155 13  HOH HOH A . 
C 3 HOH 13  156 14  HOH HOH A . 
C 3 HOH 14  157 15  HOH HOH A . 
C 3 HOH 15  158 16  HOH HOH A . 
C 3 HOH 16  159 17  HOH HOH A . 
C 3 HOH 17  160 18  HOH HOH A . 
C 3 HOH 18  161 19  HOH HOH A . 
C 3 HOH 19  162 20  HOH HOH A . 
C 3 HOH 20  163 21  HOH HOH A . 
C 3 HOH 21  164 22  HOH HOH A . 
C 3 HOH 22  165 23  HOH HOH A . 
C 3 HOH 23  166 24  HOH HOH A . 
C 3 HOH 24  167 25  HOH HOH A . 
C 3 HOH 25  168 26  HOH HOH A . 
C 3 HOH 26  169 27  HOH HOH A . 
C 3 HOH 27  170 28  HOH HOH A . 
C 3 HOH 28  171 29  HOH HOH A . 
C 3 HOH 29  172 30  HOH HOH A . 
C 3 HOH 30  173 31  HOH HOH A . 
C 3 HOH 31  174 32  HOH HOH A . 
C 3 HOH 32  175 33  HOH HOH A . 
C 3 HOH 33  176 34  HOH HOH A . 
C 3 HOH 34  177 35  HOH HOH A . 
C 3 HOH 35  178 36  HOH HOH A . 
C 3 HOH 36  179 37  HOH HOH A . 
C 3 HOH 37  180 38  HOH HOH A . 
C 3 HOH 38  181 39  HOH HOH A . 
C 3 HOH 39  182 40  HOH HOH A . 
C 3 HOH 40  183 41  HOH HOH A . 
C 3 HOH 41  184 42  HOH HOH A . 
C 3 HOH 42  185 43  HOH HOH A . 
C 3 HOH 43  186 44  HOH HOH A . 
C 3 HOH 44  187 45  HOH HOH A . 
C 3 HOH 45  188 46  HOH HOH A . 
C 3 HOH 46  189 47  HOH HOH A . 
C 3 HOH 47  190 48  HOH HOH A . 
C 3 HOH 48  191 49  HOH HOH A . 
C 3 HOH 49  192 50  HOH HOH A . 
C 3 HOH 50  193 51  HOH HOH A . 
C 3 HOH 51  194 52  HOH HOH A . 
C 3 HOH 52  195 53  HOH HOH A . 
C 3 HOH 53  196 54  HOH HOH A . 
C 3 HOH 54  197 55  HOH HOH A . 
C 3 HOH 55  198 56  HOH HOH A . 
C 3 HOH 56  199 57  HOH HOH A . 
C 3 HOH 57  200 58  HOH HOH A . 
C 3 HOH 58  201 59  HOH HOH A . 
C 3 HOH 59  202 60  HOH HOH A . 
C 3 HOH 60  203 61  HOH HOH A . 
C 3 HOH 61  204 62  HOH HOH A . 
C 3 HOH 62  205 63  HOH HOH A . 
C 3 HOH 63  206 64  HOH HOH A . 
C 3 HOH 64  207 65  HOH HOH A . 
C 3 HOH 65  208 66  HOH HOH A . 
C 3 HOH 66  209 67  HOH HOH A . 
C 3 HOH 67  210 68  HOH HOH A . 
C 3 HOH 68  211 69  HOH HOH A . 
C 3 HOH 69  212 70  HOH HOH A . 
C 3 HOH 70  213 71  HOH HOH A . 
C 3 HOH 71  214 72  HOH HOH A . 
C 3 HOH 72  215 73  HOH HOH A . 
C 3 HOH 73  216 74  HOH HOH A . 
C 3 HOH 74  217 75  HOH HOH A . 
C 3 HOH 75  218 76  HOH HOH A . 
C 3 HOH 76  219 77  HOH HOH A . 
C 3 HOH 77  220 78  HOH HOH A . 
C 3 HOH 78  221 79  HOH HOH A . 
C 3 HOH 79  222 80  HOH HOH A . 
C 3 HOH 80  223 81  HOH HOH A . 
C 3 HOH 81  224 82  HOH HOH A . 
C 3 HOH 82  225 83  HOH HOH A . 
C 3 HOH 83  226 84  HOH HOH A . 
C 3 HOH 84  227 85  HOH HOH A . 
C 3 HOH 85  228 86  HOH HOH A . 
C 3 HOH 86  229 87  HOH HOH A . 
C 3 HOH 87  230 88  HOH HOH A . 
C 3 HOH 88  231 89  HOH HOH A . 
C 3 HOH 89  232 90  HOH HOH A . 
C 3 HOH 90  233 91  HOH HOH A . 
C 3 HOH 91  234 92  HOH HOH A . 
C 3 HOH 92  235 93  HOH HOH A . 
C 3 HOH 93  236 94  HOH HOH A . 
C 3 HOH 94  237 95  HOH HOH A . 
C 3 HOH 95  238 96  HOH HOH A . 
C 3 HOH 96  239 97  HOH HOH A . 
C 3 HOH 97  240 98  HOH HOH A . 
C 3 HOH 98  241 99  HOH HOH A . 
C 3 HOH 99  242 100 HOH HOH A . 
C 3 HOH 100 243 101 HOH HOH A . 
C 3 HOH 101 244 102 HOH HOH A . 
C 3 HOH 102 245 103 HOH HOH A . 
C 3 HOH 103 246 104 HOH HOH A . 
C 3 HOH 104 247 105 HOH HOH A . 
C 3 HOH 105 248 106 HOH HOH A . 
C 3 HOH 106 249 107 HOH HOH A . 
C 3 HOH 107 250 108 HOH HOH A . 
C 3 HOH 108 251 109 HOH HOH A . 
C 3 HOH 109 252 110 HOH HOH A . 
C 3 HOH 110 253 111 HOH HOH A . 
C 3 HOH 111 254 112 HOH HOH A . 
C 3 HOH 112 255 113 HOH HOH A . 
C 3 HOH 113 256 114 HOH HOH A . 
C 3 HOH 114 257 115 HOH HOH A . 
C 3 HOH 115 258 116 HOH HOH A . 
C 3 HOH 116 259 117 HOH HOH A . 
C 3 HOH 117 260 118 HOH HOH A . 
C 3 HOH 118 261 119 HOH HOH A . 
C 3 HOH 119 262 120 HOH HOH A . 
C 3 HOH 120 263 121 HOH HOH A . 
C 3 HOH 121 264 122 HOH HOH A . 
C 3 HOH 122 265 123 HOH HOH A . 
C 3 HOH 123 266 124 HOH HOH A . 
C 3 HOH 124 267 125 HOH HOH A . 
C 3 HOH 125 268 126 HOH HOH A . 
C 3 HOH 126 269 127 HOH HOH A . 
C 3 HOH 127 270 128 HOH HOH A . 
C 3 HOH 128 271 129 HOH HOH A . 
C 3 HOH 129 272 130 HOH HOH A . 
C 3 HOH 130 273 131 HOH HOH A . 
C 3 HOH 131 274 132 HOH HOH A . 
C 3 HOH 132 275 133 HOH HOH A . 
C 3 HOH 133 276 134 HOH HOH A . 
C 3 HOH 134 277 135 HOH HOH A . 
C 3 HOH 135 278 136 HOH HOH A . 
C 3 HOH 136 279 137 HOH HOH A . 
C 3 HOH 137 280 138 HOH HOH A . 
C 3 HOH 138 281 139 HOH HOH A . 
C 3 HOH 139 282 140 HOH HOH A . 
C 3 HOH 140 283 141 HOH HOH A . 
C 3 HOH 141 284 142 HOH HOH A . 
C 3 HOH 142 285 143 HOH HOH A . 
C 3 HOH 143 286 144 HOH HOH A . 
C 3 HOH 144 287 145 HOH HOH A . 
C 3 HOH 145 288 146 HOH HOH A . 
C 3 HOH 146 289 147 HOH HOH A . 
C 3 HOH 147 290 148 HOH HOH A . 
C 3 HOH 148 291 149 HOH HOH A . 
C 3 HOH 149 292 150 HOH HOH A . 
C 3 HOH 150 293 151 HOH HOH A . 
C 3 HOH 151 294 152 HOH HOH A . 
C 3 HOH 152 295 153 HOH HOH A . 
C 3 HOH 153 296 154 HOH HOH A . 
C 3 HOH 154 297 155 HOH HOH A . 
C 3 HOH 155 298 156 HOH HOH A . 
C 3 HOH 156 299 157 HOH HOH A . 
C 3 HOH 157 300 158 HOH HOH A . 
C 3 HOH 158 301 159 HOH HOH A . 
C 3 HOH 159 302 160 HOH HOH A . 
C 3 HOH 160 303 161 HOH HOH A . 
C 3 HOH 161 304 162 HOH HOH A . 
C 3 HOH 162 305 163 HOH HOH A . 
C 3 HOH 163 306 164 HOH HOH A . 
C 3 HOH 164 307 165 HOH HOH A . 
C 3 HOH 165 308 166 HOH HOH A . 
C 3 HOH 166 309 167 HOH HOH A . 
C 3 HOH 167 310 168 HOH HOH A . 
C 3 HOH 168 311 169 HOH HOH A . 
C 3 HOH 169 312 170 HOH HOH A . 
C 3 HOH 170 313 171 HOH HOH A . 
C 3 HOH 171 314 172 HOH HOH A . 
C 3 HOH 172 315 173 HOH HOH A . 
C 3 HOH 173 316 174 HOH HOH A . 
C 3 HOH 174 317 175 HOH HOH A . 
C 3 HOH 175 318 176 HOH HOH A . 
C 3 HOH 176 319 177 HOH HOH A . 
C 3 HOH 177 320 178 HOH HOH A . 
C 3 HOH 178 321 179 HOH HOH A . 
C 3 HOH 179 322 180 HOH HOH A . 
C 3 HOH 180 323 181 HOH HOH A . 
C 3 HOH 181 324 182 HOH HOH A . 
C 3 HOH 182 325 183 HOH HOH A . 
C 3 HOH 183 326 184 HOH HOH A . 
# 
_pdbx_struct_assembly.id                   1 
_pdbx_struct_assembly.details              author_and_software_defined_assembly 
_pdbx_struct_assembly.method_details       PISA 
_pdbx_struct_assembly.oligomeric_details   monomeric 
_pdbx_struct_assembly.oligomeric_count     1 
# 
_pdbx_struct_assembly_gen.assembly_id       1 
_pdbx_struct_assembly_gen.oper_expression   1 
_pdbx_struct_assembly_gen.asym_id_list      A,B,C 
# 
_pdbx_struct_oper_list.id                   1 
_pdbx_struct_oper_list.type                 'identity operation' 
_pdbx_struct_oper_list.name                 1_555 
_pdbx_struct_oper_list.symmetry_operation   x,y,z 
_pdbx_struct_oper_list.matrix[1][1]         1.0000000000 
_pdbx_struct_oper_list.matrix[1][2]         0.0000000000 
_pdbx_struct_oper_list.matrix[1][3]         0.0000000000 
_pdbx_struct_oper_list.vector[1]            0.0000000000 
_pdbx_struct_oper_list.matrix[2][1]         0.0000000000 
_pdbx_struct_oper_list.matrix[2][2]         1.0000000000 
_pdbx_struct_oper_list.matrix[2][3]         0.0000000000 
_pdbx_struct_oper_list.vector[2]            0.0000000000 
_pdbx_struct_oper_list.matrix[3][1]         0.0000000000 
_pdbx_struct_oper_list.matrix[3][2]         0.0000000000 
_pdbx_struct_oper_list.matrix[3][3]         1.0000000000 
_pdbx_struct_oper_list.vector[3]            0.0000000000 
# 
loop_
_pdbx_audit_revision_history.ordinal 
_pdbx_audit_revision_history.data_content_type 
_pdbx_audit_revision_history.major_revision 
_pdbx_audit_revision_history.minor_revision 
_pdbx_audit_revision_history.revision_date 
1 'Structure model' 1 0 2004-08-17 
2 'Structure model' 1 1 2008-04-26 
3 'Structure model' 1 2 2011-07-13 
4 'Structure model' 1 3 2023-01-25 
5 'Structure model' 1 4 2023-09-20 
# 
_pdbx_audit_revision_details.ordinal             1 
_pdbx_audit_revision_details.revision_ordinal    1 
_pdbx_audit_revision_details.data_content_type   'Structure model' 
_pdbx_audit_revision_details.provider            repository 
_pdbx_audit_revision_details.type                'Initial release' 
_pdbx_audit_revision_details.description         ? 
_pdbx_audit_revision_details.details             ? 
# 
loop_
_pdbx_audit_revision_group.ordinal 
_pdbx_audit_revision_group.revision_ordinal 
_pdbx_audit_revision_group.data_content_type 
_pdbx_audit_revision_group.group 
1 2 'Structure model' 'Version format compliance' 
2 3 'Structure model' Advisory                    
3 3 'Structure model' 'Version format compliance' 
4 4 'Structure model' 'Database references'       
5 4 'Structure model' 'Derived calculations'      
6 5 'Structure model' 'Data collection'           
7 5 'Structure model' 'Refinement description'    
# 
loop_
_pdbx_audit_revision_category.ordinal 
_pdbx_audit_revision_category.revision_ordinal 
_pdbx_audit_revision_category.data_content_type 
_pdbx_audit_revision_category.category 
1 4 'Structure model' database_2                    
2 4 'Structure model' struct_ref_seq_dif            
3 4 'Structure model' struct_site                   
4 5 'Structure model' chem_comp_atom                
5 5 'Structure model' chem_comp_bond                
6 5 'Structure model' pdbx_initial_refinement_model 
# 
loop_
_pdbx_audit_revision_item.ordinal 
_pdbx_audit_revision_item.revision_ordinal 
_pdbx_audit_revision_item.data_content_type 
_pdbx_audit_revision_item.item 
1 4 'Structure model' '_database_2.pdbx_DOI'                
2 4 'Structure model' '_database_2.pdbx_database_accession' 
3 4 'Structure model' '_struct_ref_seq_dif.details'         
4 4 'Structure model' '_struct_site.pdbx_auth_asym_id'      
5 4 'Structure model' '_struct_site.pdbx_auth_comp_id'      
6 4 'Structure model' '_struct_site.pdbx_auth_seq_id'       
# 
_pdbx_refine_tls.id               1 
_pdbx_refine_tls.details          . 
_pdbx_refine_tls.method           refined 
_pdbx_refine_tls.origin_x         0.1996 
_pdbx_refine_tls.origin_y         0.0654 
_pdbx_refine_tls.origin_z         -0.1000 
_pdbx_refine_tls.T[1][1]          -0.0389 
_pdbx_refine_tls.T[2][2]          -0.0321 
_pdbx_refine_tls.T[3][3]          -0.0286 
_pdbx_refine_tls.T[1][2]          -0.0114 
_pdbx_refine_tls.T[1][3]          0.0045 
_pdbx_refine_tls.T[2][3]          0.0039 
_pdbx_refine_tls.L[1][1]          1.3067 
_pdbx_refine_tls.L[2][2]          0.6472 
_pdbx_refine_tls.L[3][3]          1.3459 
_pdbx_refine_tls.L[1][2]          -0.1955 
_pdbx_refine_tls.L[1][3]          0.3133 
_pdbx_refine_tls.L[2][3]          0.1917 
_pdbx_refine_tls.S[1][1]          -0.0068 
_pdbx_refine_tls.S[2][2]          0.0109 
_pdbx_refine_tls.S[3][3]          -0.0041 
_pdbx_refine_tls.S[1][2]          -0.0090 
_pdbx_refine_tls.S[1][3]          -0.0053 
_pdbx_refine_tls.S[2][3]          0.0012 
_pdbx_refine_tls.S[2][1]          0.0036 
_pdbx_refine_tls.S[3][1]          -0.0431 
_pdbx_refine_tls.S[3][2]          0.0278 
_pdbx_refine_tls.pdbx_refine_id   'X-RAY DIFFRACTION' 
# 
_pdbx_refine_tls_group.id                  1 
_pdbx_refine_tls_group.refine_tls_id       1 
_pdbx_refine_tls_group.beg_label_asym_id   A 
_pdbx_refine_tls_group.beg_label_seq_id    18 
_pdbx_refine_tls_group.end_label_asym_id   A 
_pdbx_refine_tls_group.end_label_seq_id    154 
_pdbx_refine_tls_group.selection           ALL 
_pdbx_refine_tls_group.beg_auth_asym_id    A 
_pdbx_refine_tls_group.beg_auth_seq_id     6 
_pdbx_refine_tls_group.end_auth_asym_id    A 
_pdbx_refine_tls_group.end_auth_seq_id     142 
_pdbx_refine_tls_group.pdbx_refine_id      'X-RAY DIFFRACTION' 
_pdbx_refine_tls_group.selection_details   ? 
# 
loop_
_software.name 
_software.classification 
_software.version 
_software.citation_id 
_software.pdbx_ordinal 
MOSFLM 'data reduction' .         ? 1 
SCALA  'data scaling'   '4.2)'    ? 2 
MOLREP phasing          .         ? 3 
REFMAC refinement       5.2.0001  ? 4 
CCP4   'data scaling'   '(SCALA)' ? 5 
# 
_pdbx_validate_rmsd_angle.id                         1 
_pdbx_validate_rmsd_angle.PDB_model_num              1 
_pdbx_validate_rmsd_angle.auth_atom_id_1             NE 
_pdbx_validate_rmsd_angle.auth_asym_id_1             A 
_pdbx_validate_rmsd_angle.auth_comp_id_1             ARG 
_pdbx_validate_rmsd_angle.auth_seq_id_1              24 
_pdbx_validate_rmsd_angle.PDB_ins_code_1             ? 
_pdbx_validate_rmsd_angle.label_alt_id_1             ? 
_pdbx_validate_rmsd_angle.auth_atom_id_2             CZ 
_pdbx_validate_rmsd_angle.auth_asym_id_2             A 
_pdbx_validate_rmsd_angle.auth_comp_id_2             ARG 
_pdbx_validate_rmsd_angle.auth_seq_id_2              24 
_pdbx_validate_rmsd_angle.PDB_ins_code_2             ? 
_pdbx_validate_rmsd_angle.label_alt_id_2             ? 
_pdbx_validate_rmsd_angle.auth_atom_id_3             NH2 
_pdbx_validate_rmsd_angle.auth_asym_id_3             A 
_pdbx_validate_rmsd_angle.auth_comp_id_3             ARG 
_pdbx_validate_rmsd_angle.auth_seq_id_3              24 
_pdbx_validate_rmsd_angle.PDB_ins_code_3             ? 
_pdbx_validate_rmsd_angle.label_alt_id_3             ? 
_pdbx_validate_rmsd_angle.angle_value                116.28 
_pdbx_validate_rmsd_angle.angle_target_value         120.30 
_pdbx_validate_rmsd_angle.angle_deviation            -4.02 
_pdbx_validate_rmsd_angle.angle_standard_deviation   0.50 
_pdbx_validate_rmsd_angle.linker_flag                N 
# 
loop_
_pdbx_unobs_or_zero_occ_atoms.id 
_pdbx_unobs_or_zero_occ_atoms.PDB_model_num 
_pdbx_unobs_or_zero_occ_atoms.polymer_flag 
_pdbx_unobs_or_zero_occ_atoms.occupancy_flag 
_pdbx_unobs_or_zero_occ_atoms.auth_asym_id 
_pdbx_unobs_or_zero_occ_atoms.auth_comp_id 
_pdbx_unobs_or_zero_occ_atoms.auth_seq_id 
_pdbx_unobs_or_zero_occ_atoms.PDB_ins_code 
_pdbx_unobs_or_zero_occ_atoms.auth_atom_id 
_pdbx_unobs_or_zero_occ_atoms.label_alt_id 
_pdbx_unobs_or_zero_occ_atoms.label_asym_id 
_pdbx_unobs_or_zero_occ_atoms.label_comp_id 
_pdbx_unobs_or_zero_occ_atoms.label_seq_id 
_pdbx_unobs_or_zero_occ_atoms.label_atom_id 
1 1 Y 1 A VAL 6   ? CG1 ? A VAL 18  CG1 
2 1 Y 1 A VAL 6   ? CG2 ? A VAL 18  CG2 
3 1 Y 1 A GLN 113 ? CD  ? A GLN 125 CD  
4 1 Y 1 A GLN 113 ? OE1 ? A GLN 125 OE1 
5 1 Y 1 A GLN 113 ? NE2 ? A GLN 125 NE2 
# 
loop_
_pdbx_unobs_or_zero_occ_residues.id 
_pdbx_unobs_or_zero_occ_residues.PDB_model_num 
_pdbx_unobs_or_zero_occ_residues.polymer_flag 
_pdbx_unobs_or_zero_occ_residues.occupancy_flag 
_pdbx_unobs_or_zero_occ_residues.auth_asym_id 
_pdbx_unobs_or_zero_occ_residues.auth_comp_id 
_pdbx_unobs_or_zero_occ_residues.auth_seq_id 
_pdbx_unobs_or_zero_occ_residues.PDB_ins_code 
_pdbx_unobs_or_zero_occ_residues.label_asym_id 
_pdbx_unobs_or_zero_occ_residues.label_comp_id 
_pdbx_unobs_or_zero_occ_residues.label_seq_id 
1  1 Y 1 A MET -11 ? A MET 1  
2  1 Y 1 A GLY -10 ? A GLY 2  
3  1 Y 1 A SER -9  ? A SER 3  
4  1 Y 1 A ASP -8  ? A ASP 4  
5  1 Y 1 A LYS -7  ? A LYS 5  
6  1 Y 1 A ILE -6  ? A ILE 6  
7  1 Y 1 A HIS -5  ? A HIS 7  
8  1 Y 1 A HIS -4  ? A HIS 8  
9  1 Y 1 A HIS -3  ? A HIS 9  
10 1 Y 1 A HIS -2  ? A HIS 10 
11 1 Y 1 A HIS -1  ? A HIS 11 
12 1 Y 1 A HIS 0   ? A HIS 12 
13 1 Y 1 A MET 1   ? A MET 13 
14 1 Y 1 A SER 2   ? A SER 14 
15 1 Y 1 A ASP 3   ? A ASP 15 
16 1 Y 1 A SER 4   ? A SER 16 
17 1 Y 1 A LEU 5   ? A LEU 17 
# 
loop_
_chem_comp_atom.comp_id 
_chem_comp_atom.atom_id 
_chem_comp_atom.type_symbol 
_chem_comp_atom.pdbx_aromatic_flag 
_chem_comp_atom.pdbx_stereo_config 
_chem_comp_atom.pdbx_ordinal 
ALA N    N N N 1   
ALA CA   C N S 2   
ALA C    C N N 3   
ALA O    O N N 4   
ALA CB   C N N 5   
ALA OXT  O N N 6   
ALA H    H N N 7   
ALA H2   H N N 8   
ALA HA   H N N 9   
ALA HB1  H N N 10  
ALA HB2  H N N 11  
ALA HB3  H N N 12  
ALA HXT  H N N 13  
ARG N    N N N 14  
ARG CA   C N S 15  
ARG C    C N N 16  
ARG O    O N N 17  
ARG CB   C N N 18  
ARG CG   C N N 19  
ARG CD   C N N 20  
ARG NE   N N N 21  
ARG CZ   C N N 22  
ARG NH1  N N N 23  
ARG NH2  N N N 24  
ARG OXT  O N N 25  
ARG H    H N N 26  
ARG H2   H N N 27  
ARG HA   H N N 28  
ARG HB2  H N N 29  
ARG HB3  H N N 30  
ARG HG2  H N N 31  
ARG HG3  H N N 32  
ARG HD2  H N N 33  
ARG HD3  H N N 34  
ARG HE   H N N 35  
ARG HH11 H N N 36  
ARG HH12 H N N 37  
ARG HH21 H N N 38  
ARG HH22 H N N 39  
ARG HXT  H N N 40  
ASN N    N N N 41  
ASN CA   C N S 42  
ASN C    C N N 43  
ASN O    O N N 44  
ASN CB   C N N 45  
ASN CG   C N N 46  
ASN OD1  O N N 47  
ASN ND2  N N N 48  
ASN OXT  O N N 49  
ASN H    H N N 50  
ASN H2   H N N 51  
ASN HA   H N N 52  
ASN HB2  H N N 53  
ASN HB3  H N N 54  
ASN HD21 H N N 55  
ASN HD22 H N N 56  
ASN HXT  H N N 57  
ASP N    N N N 58  
ASP CA   C N S 59  
ASP C    C N N 60  
ASP O    O N N 61  
ASP CB   C N N 62  
ASP CG   C N N 63  
ASP OD1  O N N 64  
ASP OD2  O N N 65  
ASP OXT  O N N 66  
ASP H    H N N 67  
ASP H2   H N N 68  
ASP HA   H N N 69  
ASP HB2  H N N 70  
ASP HB3  H N N 71  
ASP HD2  H N N 72  
ASP HXT  H N N 73  
CYS N    N N N 74  
CYS CA   C N R 75  
CYS C    C N N 76  
CYS O    O N N 77  
CYS CB   C N N 78  
CYS SG   S N N 79  
CYS OXT  O N N 80  
CYS H    H N N 81  
CYS H2   H N N 82  
CYS HA   H N N 83  
CYS HB2  H N N 84  
CYS HB3  H N N 85  
CYS HG   H N N 86  
CYS HXT  H N N 87  
GLN N    N N N 88  
GLN CA   C N S 89  
GLN C    C N N 90  
GLN O    O N N 91  
GLN CB   C N N 92  
GLN CG   C N N 93  
GLN CD   C N N 94  
GLN OE1  O N N 95  
GLN NE2  N N N 96  
GLN OXT  O N N 97  
GLN H    H N N 98  
GLN H2   H N N 99  
GLN HA   H N N 100 
GLN HB2  H N N 101 
GLN HB3  H N N 102 
GLN HG2  H N N 103 
GLN HG3  H N N 104 
GLN HE21 H N N 105 
GLN HE22 H N N 106 
GLN HXT  H N N 107 
GLU N    N N N 108 
GLU CA   C N S 109 
GLU C    C N N 110 
GLU O    O N N 111 
GLU CB   C N N 112 
GLU CG   C N N 113 
GLU CD   C N N 114 
GLU OE1  O N N 115 
GLU OE2  O N N 116 
GLU OXT  O N N 117 
GLU H    H N N 118 
GLU H2   H N N 119 
GLU HA   H N N 120 
GLU HB2  H N N 121 
GLU HB3  H N N 122 
GLU HG2  H N N 123 
GLU HG3  H N N 124 
GLU HE2  H N N 125 
GLU HXT  H N N 126 
GLY N    N N N 127 
GLY CA   C N N 128 
GLY C    C N N 129 
GLY O    O N N 130 
GLY OXT  O N N 131 
GLY H    H N N 132 
GLY H2   H N N 133 
GLY HA2  H N N 134 
GLY HA3  H N N 135 
GLY HXT  H N N 136 
HIS N    N N N 137 
HIS CA   C N S 138 
HIS C    C N N 139 
HIS O    O N N 140 
HIS CB   C N N 141 
HIS CG   C Y N 142 
HIS ND1  N Y N 143 
HIS CD2  C Y N 144 
HIS CE1  C Y N 145 
HIS NE2  N Y N 146 
HIS OXT  O N N 147 
HIS H    H N N 148 
HIS H2   H N N 149 
HIS HA   H N N 150 
HIS HB2  H N N 151 
HIS HB3  H N N 152 
HIS HD1  H N N 153 
HIS HD2  H N N 154 
HIS HE1  H N N 155 
HIS HE2  H N N 156 
HIS HXT  H N N 157 
HOH O    O N N 158 
HOH H1   H N N 159 
HOH H2   H N N 160 
ILE N    N N N 161 
ILE CA   C N S 162 
ILE C    C N N 163 
ILE O    O N N 164 
ILE CB   C N S 165 
ILE CG1  C N N 166 
ILE CG2  C N N 167 
ILE CD1  C N N 168 
ILE OXT  O N N 169 
ILE H    H N N 170 
ILE H2   H N N 171 
ILE HA   H N N 172 
ILE HB   H N N 173 
ILE HG12 H N N 174 
ILE HG13 H N N 175 
ILE HG21 H N N 176 
ILE HG22 H N N 177 
ILE HG23 H N N 178 
ILE HD11 H N N 179 
ILE HD12 H N N 180 
ILE HD13 H N N 181 
ILE HXT  H N N 182 
LEU N    N N N 183 
LEU CA   C N S 184 
LEU C    C N N 185 
LEU O    O N N 186 
LEU CB   C N N 187 
LEU CG   C N N 188 
LEU CD1  C N N 189 
LEU CD2  C N N 190 
LEU OXT  O N N 191 
LEU H    H N N 192 
LEU H2   H N N 193 
LEU HA   H N N 194 
LEU HB2  H N N 195 
LEU HB3  H N N 196 
LEU HG   H N N 197 
LEU HD11 H N N 198 
LEU HD12 H N N 199 
LEU HD13 H N N 200 
LEU HD21 H N N 201 
LEU HD22 H N N 202 
LEU HD23 H N N 203 
LEU HXT  H N N 204 
LYS N    N N N 205 
LYS CA   C N S 206 
LYS C    C N N 207 
LYS O    O N N 208 
LYS CB   C N N 209 
LYS CG   C N N 210 
LYS CD   C N N 211 
LYS CE   C N N 212 
LYS NZ   N N N 213 
LYS OXT  O N N 214 
LYS H    H N N 215 
LYS H2   H N N 216 
LYS HA   H N N 217 
LYS HB2  H N N 218 
LYS HB3  H N N 219 
LYS HG2  H N N 220 
LYS HG3  H N N 221 
LYS HD2  H N N 222 
LYS HD3  H N N 223 
LYS HE2  H N N 224 
LYS HE3  H N N 225 
LYS HZ1  H N N 226 
LYS HZ2  H N N 227 
LYS HZ3  H N N 228 
LYS HXT  H N N 229 
MET N    N N N 230 
MET CA   C N S 231 
MET C    C N N 232 
MET O    O N N 233 
MET CB   C N N 234 
MET CG   C N N 235 
MET SD   S N N 236 
MET CE   C N N 237 
MET OXT  O N N 238 
MET H    H N N 239 
MET H2   H N N 240 
MET HA   H N N 241 
MET HB2  H N N 242 
MET HB3  H N N 243 
MET HG2  H N N 244 
MET HG3  H N N 245 
MET HE1  H N N 246 
MET HE2  H N N 247 
MET HE3  H N N 248 
MET HXT  H N N 249 
PHE N    N N N 250 
PHE CA   C N S 251 
PHE C    C N N 252 
PHE O    O N N 253 
PHE CB   C N N 254 
PHE CG   C Y N 255 
PHE CD1  C Y N 256 
PHE CD2  C Y N 257 
PHE CE1  C Y N 258 
PHE CE2  C Y N 259 
PHE CZ   C Y N 260 
PHE OXT  O N N 261 
PHE H    H N N 262 
PHE H2   H N N 263 
PHE HA   H N N 264 
PHE HB2  H N N 265 
PHE HB3  H N N 266 
PHE HD1  H N N 267 
PHE HD2  H N N 268 
PHE HE1  H N N 269 
PHE HE2  H N N 270 
PHE HZ   H N N 271 
PHE HXT  H N N 272 
PO4 P    P N N 273 
PO4 O1   O N N 274 
PO4 O2   O N N 275 
PO4 O3   O N N 276 
PO4 O4   O N N 277 
PRO N    N N N 278 
PRO CA   C N S 279 
PRO C    C N N 280 
PRO O    O N N 281 
PRO CB   C N N 282 
PRO CG   C N N 283 
PRO CD   C N N 284 
PRO OXT  O N N 285 
PRO H    H N N 286 
PRO HA   H N N 287 
PRO HB2  H N N 288 
PRO HB3  H N N 289 
PRO HG2  H N N 290 
PRO HG3  H N N 291 
PRO HD2  H N N 292 
PRO HD3  H N N 293 
PRO HXT  H N N 294 
SER N    N N N 295 
SER CA   C N S 296 
SER C    C N N 297 
SER O    O N N 298 
SER CB   C N N 299 
SER OG   O N N 300 
SER OXT  O N N 301 
SER H    H N N 302 
SER H2   H N N 303 
SER HA   H N N 304 
SER HB2  H N N 305 
SER HB3  H N N 306 
SER HG   H N N 307 
SER HXT  H N N 308 
THR N    N N N 309 
THR CA   C N S 310 
THR C    C N N 311 
THR O    O N N 312 
THR CB   C N R 313 
THR OG1  O N N 314 
THR CG2  C N N 315 
THR OXT  O N N 316 
THR H    H N N 317 
THR H2   H N N 318 
THR HA   H N N 319 
THR HB   H N N 320 
THR HG1  H N N 321 
THR HG21 H N N 322 
THR HG22 H N N 323 
THR HG23 H N N 324 
THR HXT  H N N 325 
TRP N    N N N 326 
TRP CA   C N S 327 
TRP C    C N N 328 
TRP O    O N N 329 
TRP CB   C N N 330 
TRP CG   C Y N 331 
TRP CD1  C Y N 332 
TRP CD2  C Y N 333 
TRP NE1  N Y N 334 
TRP CE2  C Y N 335 
TRP CE3  C Y N 336 
TRP CZ2  C Y N 337 
TRP CZ3  C Y N 338 
TRP CH2  C Y N 339 
TRP OXT  O N N 340 
TRP H    H N N 341 
TRP H2   H N N 342 
TRP HA   H N N 343 
TRP HB2  H N N 344 
TRP HB3  H N N 345 
TRP HD1  H N N 346 
TRP HE1  H N N 347 
TRP HE3  H N N 348 
TRP HZ2  H N N 349 
TRP HZ3  H N N 350 
TRP HH2  H N N 351 
TRP HXT  H N N 352 
TYR N    N N N 353 
TYR CA   C N S 354 
TYR C    C N N 355 
TYR O    O N N 356 
TYR CB   C N N 357 
TYR CG   C Y N 358 
TYR CD1  C Y N 359 
TYR CD2  C Y N 360 
TYR CE1  C Y N 361 
TYR CE2  C Y N 362 
TYR CZ   C Y N 363 
TYR OH   O N N 364 
TYR OXT  O N N 365 
TYR H    H N N 366 
TYR H2   H N N 367 
TYR HA   H N N 368 
TYR HB2  H N N 369 
TYR HB3  H N N 370 
TYR HD1  H N N 371 
TYR HD2  H N N 372 
TYR HE1  H N N 373 
TYR HE2  H N N 374 
TYR HH   H N N 375 
TYR HXT  H N N 376 
VAL N    N N N 377 
VAL CA   C N S 378 
VAL C    C N N 379 
VAL O    O N N 380 
VAL CB   C N N 381 
VAL CG1  C N N 382 
VAL CG2  C N N 383 
VAL OXT  O N N 384 
VAL H    H N N 385 
VAL H2   H N N 386 
VAL HA   H N N 387 
VAL HB   H N N 388 
VAL HG11 H N N 389 
VAL HG12 H N N 390 
VAL HG13 H N N 391 
VAL HG21 H N N 392 
VAL HG22 H N N 393 
VAL HG23 H N N 394 
VAL HXT  H N N 395 
# 
loop_
_chem_comp_bond.comp_id 
_chem_comp_bond.atom_id_1 
_chem_comp_bond.atom_id_2 
_chem_comp_bond.value_order 
_chem_comp_bond.pdbx_aromatic_flag 
_chem_comp_bond.pdbx_stereo_config 
_chem_comp_bond.pdbx_ordinal 
ALA N   CA   sing N N 1   
ALA N   H    sing N N 2   
ALA N   H2   sing N N 3   
ALA CA  C    sing N N 4   
ALA CA  CB   sing N N 5   
ALA CA  HA   sing N N 6   
ALA C   O    doub N N 7   
ALA C   OXT  sing N N 8   
ALA CB  HB1  sing N N 9   
ALA CB  HB2  sing N N 10  
ALA CB  HB3  sing N N 11  
ALA OXT HXT  sing N N 12  
ARG N   CA   sing N N 13  
ARG N   H    sing N N 14  
ARG N   H2   sing N N 15  
ARG CA  C    sing N N 16  
ARG CA  CB   sing N N 17  
ARG CA  HA   sing N N 18  
ARG C   O    doub N N 19  
ARG C   OXT  sing N N 20  
ARG CB  CG   sing N N 21  
ARG CB  HB2  sing N N 22  
ARG CB  HB3  sing N N 23  
ARG CG  CD   sing N N 24  
ARG CG  HG2  sing N N 25  
ARG CG  HG3  sing N N 26  
ARG CD  NE   sing N N 27  
ARG CD  HD2  sing N N 28  
ARG CD  HD3  sing N N 29  
ARG NE  CZ   sing N N 30  
ARG NE  HE   sing N N 31  
ARG CZ  NH1  sing N N 32  
ARG CZ  NH2  doub N N 33  
ARG NH1 HH11 sing N N 34  
ARG NH1 HH12 sing N N 35  
ARG NH2 HH21 sing N N 36  
ARG NH2 HH22 sing N N 37  
ARG OXT HXT  sing N N 38  
ASN N   CA   sing N N 39  
ASN N   H    sing N N 40  
ASN N   H2   sing N N 41  
ASN CA  C    sing N N 42  
ASN CA  CB   sing N N 43  
ASN CA  HA   sing N N 44  
ASN C   O    doub N N 45  
ASN C   OXT  sing N N 46  
ASN CB  CG   sing N N 47  
ASN CB  HB2  sing N N 48  
ASN CB  HB3  sing N N 49  
ASN CG  OD1  doub N N 50  
ASN CG  ND2  sing N N 51  
ASN ND2 HD21 sing N N 52  
ASN ND2 HD22 sing N N 53  
ASN OXT HXT  sing N N 54  
ASP N   CA   sing N N 55  
ASP N   H    sing N N 56  
ASP N   H2   sing N N 57  
ASP CA  C    sing N N 58  
ASP CA  CB   sing N N 59  
ASP CA  HA   sing N N 60  
ASP C   O    doub N N 61  
ASP C   OXT  sing N N 62  
ASP CB  CG   sing N N 63  
ASP CB  HB2  sing N N 64  
ASP CB  HB3  sing N N 65  
ASP CG  OD1  doub N N 66  
ASP CG  OD2  sing N N 67  
ASP OD2 HD2  sing N N 68  
ASP OXT HXT  sing N N 69  
CYS N   CA   sing N N 70  
CYS N   H    sing N N 71  
CYS N   H2   sing N N 72  
CYS CA  C    sing N N 73  
CYS CA  CB   sing N N 74  
CYS CA  HA   sing N N 75  
CYS C   O    doub N N 76  
CYS C   OXT  sing N N 77  
CYS CB  SG   sing N N 78  
CYS CB  HB2  sing N N 79  
CYS CB  HB3  sing N N 80  
CYS SG  HG   sing N N 81  
CYS OXT HXT  sing N N 82  
GLN N   CA   sing N N 83  
GLN N   H    sing N N 84  
GLN N   H2   sing N N 85  
GLN CA  C    sing N N 86  
GLN CA  CB   sing N N 87  
GLN CA  HA   sing N N 88  
GLN C   O    doub N N 89  
GLN C   OXT  sing N N 90  
GLN CB  CG   sing N N 91  
GLN CB  HB2  sing N N 92  
GLN CB  HB3  sing N N 93  
GLN CG  CD   sing N N 94  
GLN CG  HG2  sing N N 95  
GLN CG  HG3  sing N N 96  
GLN CD  OE1  doub N N 97  
GLN CD  NE2  sing N N 98  
GLN NE2 HE21 sing N N 99  
GLN NE2 HE22 sing N N 100 
GLN OXT HXT  sing N N 101 
GLU N   CA   sing N N 102 
GLU N   H    sing N N 103 
GLU N   H2   sing N N 104 
GLU CA  C    sing N N 105 
GLU CA  CB   sing N N 106 
GLU CA  HA   sing N N 107 
GLU C   O    doub N N 108 
GLU C   OXT  sing N N 109 
GLU CB  CG   sing N N 110 
GLU CB  HB2  sing N N 111 
GLU CB  HB3  sing N N 112 
GLU CG  CD   sing N N 113 
GLU CG  HG2  sing N N 114 
GLU CG  HG3  sing N N 115 
GLU CD  OE1  doub N N 116 
GLU CD  OE2  sing N N 117 
GLU OE2 HE2  sing N N 118 
GLU OXT HXT  sing N N 119 
GLY N   CA   sing N N 120 
GLY N   H    sing N N 121 
GLY N   H2   sing N N 122 
GLY CA  C    sing N N 123 
GLY CA  HA2  sing N N 124 
GLY CA  HA3  sing N N 125 
GLY C   O    doub N N 126 
GLY C   OXT  sing N N 127 
GLY OXT HXT  sing N N 128 
HIS N   CA   sing N N 129 
HIS N   H    sing N N 130 
HIS N   H2   sing N N 131 
HIS CA  C    sing N N 132 
HIS CA  CB   sing N N 133 
HIS CA  HA   sing N N 134 
HIS C   O    doub N N 135 
HIS C   OXT  sing N N 136 
HIS CB  CG   sing N N 137 
HIS CB  HB2  sing N N 138 
HIS CB  HB3  sing N N 139 
HIS CG  ND1  sing Y N 140 
HIS CG  CD2  doub Y N 141 
HIS ND1 CE1  doub Y N 142 
HIS ND1 HD1  sing N N 143 
HIS CD2 NE2  sing Y N 144 
HIS CD2 HD2  sing N N 145 
HIS CE1 NE2  sing Y N 146 
HIS CE1 HE1  sing N N 147 
HIS NE2 HE2  sing N N 148 
HIS OXT HXT  sing N N 149 
HOH O   H1   sing N N 150 
HOH O   H2   sing N N 151 
ILE N   CA   sing N N 152 
ILE N   H    sing N N 153 
ILE N   H2   sing N N 154 
ILE CA  C    sing N N 155 
ILE CA  CB   sing N N 156 
ILE CA  HA   sing N N 157 
ILE C   O    doub N N 158 
ILE C   OXT  sing N N 159 
ILE CB  CG1  sing N N 160 
ILE CB  CG2  sing N N 161 
ILE CB  HB   sing N N 162 
ILE CG1 CD1  sing N N 163 
ILE CG1 HG12 sing N N 164 
ILE CG1 HG13 sing N N 165 
ILE CG2 HG21 sing N N 166 
ILE CG2 HG22 sing N N 167 
ILE CG2 HG23 sing N N 168 
ILE CD1 HD11 sing N N 169 
ILE CD1 HD12 sing N N 170 
ILE CD1 HD13 sing N N 171 
ILE OXT HXT  sing N N 172 
LEU N   CA   sing N N 173 
LEU N   H    sing N N 174 
LEU N   H2   sing N N 175 
LEU CA  C    sing N N 176 
LEU CA  CB   sing N N 177 
LEU CA  HA   sing N N 178 
LEU C   O    doub N N 179 
LEU C   OXT  sing N N 180 
LEU CB  CG   sing N N 181 
LEU CB  HB2  sing N N 182 
LEU CB  HB3  sing N N 183 
LEU CG  CD1  sing N N 184 
LEU CG  CD2  sing N N 185 
LEU CG  HG   sing N N 186 
LEU CD1 HD11 sing N N 187 
LEU CD1 HD12 sing N N 188 
LEU CD1 HD13 sing N N 189 
LEU CD2 HD21 sing N N 190 
LEU CD2 HD22 sing N N 191 
LEU CD2 HD23 sing N N 192 
LEU OXT HXT  sing N N 193 
LYS N   CA   sing N N 194 
LYS N   H    sing N N 195 
LYS N   H2   sing N N 196 
LYS CA  C    sing N N 197 
LYS CA  CB   sing N N 198 
LYS CA  HA   sing N N 199 
LYS C   O    doub N N 200 
LYS C   OXT  sing N N 201 
LYS CB  CG   sing N N 202 
LYS CB  HB2  sing N N 203 
LYS CB  HB3  sing N N 204 
LYS CG  CD   sing N N 205 
LYS CG  HG2  sing N N 206 
LYS CG  HG3  sing N N 207 
LYS CD  CE   sing N N 208 
LYS CD  HD2  sing N N 209 
LYS CD  HD3  sing N N 210 
LYS CE  NZ   sing N N 211 
LYS CE  HE2  sing N N 212 
LYS CE  HE3  sing N N 213 
LYS NZ  HZ1  sing N N 214 
LYS NZ  HZ2  sing N N 215 
LYS NZ  HZ3  sing N N 216 
LYS OXT HXT  sing N N 217 
MET N   CA   sing N N 218 
MET N   H    sing N N 219 
MET N   H2   sing N N 220 
MET CA  C    sing N N 221 
MET CA  CB   sing N N 222 
MET CA  HA   sing N N 223 
MET C   O    doub N N 224 
MET C   OXT  sing N N 225 
MET CB  CG   sing N N 226 
MET CB  HB2  sing N N 227 
MET CB  HB3  sing N N 228 
MET CG  SD   sing N N 229 
MET CG  HG2  sing N N 230 
MET CG  HG3  sing N N 231 
MET SD  CE   sing N N 232 
MET CE  HE1  sing N N 233 
MET CE  HE2  sing N N 234 
MET CE  HE3  sing N N 235 
MET OXT HXT  sing N N 236 
PHE N   CA   sing N N 237 
PHE N   H    sing N N 238 
PHE N   H2   sing N N 239 
PHE CA  C    sing N N 240 
PHE CA  CB   sing N N 241 
PHE CA  HA   sing N N 242 
PHE C   O    doub N N 243 
PHE C   OXT  sing N N 244 
PHE CB  CG   sing N N 245 
PHE CB  HB2  sing N N 246 
PHE CB  HB3  sing N N 247 
PHE CG  CD1  doub Y N 248 
PHE CG  CD2  sing Y N 249 
PHE CD1 CE1  sing Y N 250 
PHE CD1 HD1  sing N N 251 
PHE CD2 CE2  doub Y N 252 
PHE CD2 HD2  sing N N 253 
PHE CE1 CZ   doub Y N 254 
PHE CE1 HE1  sing N N 255 
PHE CE2 CZ   sing Y N 256 
PHE CE2 HE2  sing N N 257 
PHE CZ  HZ   sing N N 258 
PHE OXT HXT  sing N N 259 
PO4 P   O1   doub N N 260 
PO4 P   O2   sing N N 261 
PO4 P   O3   sing N N 262 
PO4 P   O4   sing N N 263 
PRO N   CA   sing N N 264 
PRO N   CD   sing N N 265 
PRO N   H    sing N N 266 
PRO CA  C    sing N N 267 
PRO CA  CB   sing N N 268 
PRO CA  HA   sing N N 269 
PRO C   O    doub N N 270 
PRO C   OXT  sing N N 271 
PRO CB  CG   sing N N 272 
PRO CB  HB2  sing N N 273 
PRO CB  HB3  sing N N 274 
PRO CG  CD   sing N N 275 
PRO CG  HG2  sing N N 276 
PRO CG  HG3  sing N N 277 
PRO CD  HD2  sing N N 278 
PRO CD  HD3  sing N N 279 
PRO OXT HXT  sing N N 280 
SER N   CA   sing N N 281 
SER N   H    sing N N 282 
SER N   H2   sing N N 283 
SER CA  C    sing N N 284 
SER CA  CB   sing N N 285 
SER CA  HA   sing N N 286 
SER C   O    doub N N 287 
SER C   OXT  sing N N 288 
SER CB  OG   sing N N 289 
SER CB  HB2  sing N N 290 
SER CB  HB3  sing N N 291 
SER OG  HG   sing N N 292 
SER OXT HXT  sing N N 293 
THR N   CA   sing N N 294 
THR N   H    sing N N 295 
THR N   H2   sing N N 296 
THR CA  C    sing N N 297 
THR CA  CB   sing N N 298 
THR CA  HA   sing N N 299 
THR C   O    doub N N 300 
THR C   OXT  sing N N 301 
THR CB  OG1  sing N N 302 
THR CB  CG2  sing N N 303 
THR CB  HB   sing N N 304 
THR OG1 HG1  sing N N 305 
THR CG2 HG21 sing N N 306 
THR CG2 HG22 sing N N 307 
THR CG2 HG23 sing N N 308 
THR OXT HXT  sing N N 309 
TRP N   CA   sing N N 310 
TRP N   H    sing N N 311 
TRP N   H2   sing N N 312 
TRP CA  C    sing N N 313 
TRP CA  CB   sing N N 314 
TRP CA  HA   sing N N 315 
TRP C   O    doub N N 316 
TRP C   OXT  sing N N 317 
TRP CB  CG   sing N N 318 
TRP CB  HB2  sing N N 319 
TRP CB  HB3  sing N N 320 
TRP CG  CD1  doub Y N 321 
TRP CG  CD2  sing Y N 322 
TRP CD1 NE1  sing Y N 323 
TRP CD1 HD1  sing N N 324 
TRP CD2 CE2  doub Y N 325 
TRP CD2 CE3  sing Y N 326 
TRP NE1 CE2  sing Y N 327 
TRP NE1 HE1  sing N N 328 
TRP CE2 CZ2  sing Y N 329 
TRP CE3 CZ3  doub Y N 330 
TRP CE3 HE3  sing N N 331 
TRP CZ2 CH2  doub Y N 332 
TRP CZ2 HZ2  sing N N 333 
TRP CZ3 CH2  sing Y N 334 
TRP CZ3 HZ3  sing N N 335 
TRP CH2 HH2  sing N N 336 
TRP OXT HXT  sing N N 337 
TYR N   CA   sing N N 338 
TYR N   H    sing N N 339 
TYR N   H2   sing N N 340 
TYR CA  C    sing N N 341 
TYR CA  CB   sing N N 342 
TYR CA  HA   sing N N 343 
TYR C   O    doub N N 344 
TYR C   OXT  sing N N 345 
TYR CB  CG   sing N N 346 
TYR CB  HB2  sing N N 347 
TYR CB  HB3  sing N N 348 
TYR CG  CD1  doub Y N 349 
TYR CG  CD2  sing Y N 350 
TYR CD1 CE1  sing Y N 351 
TYR CD1 HD1  sing N N 352 
TYR CD2 CE2  doub Y N 353 
TYR CD2 HD2  sing N N 354 
TYR CE1 CZ   doub Y N 355 
TYR CE1 HE1  sing N N 356 
TYR CE2 CZ   sing Y N 357 
TYR CE2 HE2  sing N N 358 
TYR CZ  OH   sing N N 359 
TYR OH  HH   sing N N 360 
TYR OXT HXT  sing N N 361 
VAL N   CA   sing N N 362 
VAL N   H    sing N N 363 
VAL N   H2   sing N N 364 
VAL CA  C    sing N N 365 
VAL CA  CB   sing N N 366 
VAL CA  HA   sing N N 367 
VAL C   O    doub N N 368 
VAL C   OXT  sing N N 369 
VAL CB  CG1  sing N N 370 
VAL CB  CG2  sing N N 371 
VAL CB  HB   sing N N 372 
VAL CG1 HG11 sing N N 373 
VAL CG1 HG12 sing N N 374 
VAL CG1 HG13 sing N N 375 
VAL CG2 HG21 sing N N 376 
VAL CG2 HG22 sing N N 377 
VAL CG2 HG23 sing N N 378 
VAL OXT HXT  sing N N 379 
# 
loop_
_pdbx_entity_nonpoly.entity_id 
_pdbx_entity_nonpoly.name 
_pdbx_entity_nonpoly.comp_id 
2 'PHOSPHATE ION' PO4 
3 water           HOH 
# 
_pdbx_initial_refinement_model.id               1 
_pdbx_initial_refinement_model.entity_id_list   ? 
_pdbx_initial_refinement_model.type             'experimental model' 
_pdbx_initial_refinement_model.source_name      PDB 
_pdbx_initial_refinement_model.accession_code   1F7S 
_pdbx_initial_refinement_model.details          ? 
# 
